data_7LB8
#
_entry.id   7LB8
#
_cell.length_a   1.00
_cell.length_b   1.00
_cell.length_c   1.00
_cell.angle_alpha   90.00
_cell.angle_beta   90.00
_cell.angle_gamma   90.00
#
_symmetry.space_group_name_H-M   'P 1'
#
loop_
_entity.id
_entity.type
_entity.pdbx_description
1 polymer 'Iron(3+)-hydroxamate import system permease protein FhuB'
2 polymer 'Iron(3+)-hydroxamate-binding protein FhuD'
3 polymer 'Iron(3+)-hydroxamate import ATP-binding protein FhuC'
#
loop_
_entity_poly.entity_id
_entity_poly.type
_entity_poly.pdbx_seq_one_letter_code
_entity_poly.pdbx_strand_id
1 'polypeptide(L)'
;MSKRIALFPALLLALLVIVATALTWMNFSQALPRSQWAQAAWSPNINVIEQMIFHYSLLPRLAISLLVGAGLGLVGVLFQ
QVLRNPLAEPTTLGVATGAQLGITVTTLWAIPGAMASQFAALAGACVVGLIVFGVAWGKRLSPVTLILAGLVVSLYCGAI
NQLLVIFHHDQLQSMFLWSTGTLTQTDWGGVERLWPQLLGGVMLTLLLLRPLTLMGLDDGVARNLGLALSLARLAALSLA
IVISALLVNAVGIIGFIGLFAPLLAKMLGARRLLPRLMLASLIGALILWLSDQIILWLTRVWMEVSTGSVTALIGAPLLL
WLLPRLRSISAPDMKVNDRVATERQHVLAFALAGGVLLLMAVVVALSFGRDAHGWTWASGALLDDLMPWRWPRIMAALFA
GVMLAVAGCIIQRLTGNPMASPEVLGISSGAAFGVVLMLFLVPGNAFGWLLPAGSLGAAVTLLIIMIAAGRGGFSPHRML
LAGMALSTAFTMLLMMLQASGDPRMAQVLTWISGSTYNATDAQVWRTGIVMVILLAITPLCRRWLTILPLGGDTARAVGM
ALTPTRIALLLLAACLTATATMTIGPLSFVGLMAPHIARMMGFRRTMPHIVISALVGGLLLVFADWCGRMVLFPFQIPAG
LLSTFIGAPYFIYLLRKQSRHHHHHHHH
;
B
2 'polypeptide(L)'
;MSGLPLISRRRLLTAMALSPLLWQMNTAHAAAIDPNRIVALEWLPVELLLALGIVPYGVADTINYRLWVSEPPLPDSVID
VGLRTEPNLELLTTMRPSFMVWSAGYGPSPEMLARIAPGRGFNFSDGKQPLAMARKSLTEMADLLNLQSAAETHLAQYED
FIRSMKPRFVKRGARPLLLTTLIDPRHMLVFGPNSLFQEILDEYGIPNAWQGETNFWGSTAVSIDRLAAYKDVDVLCFDH
DNSKDMDALMATPLWQAMPFVRAGRFQRVPAVWFYGATLSAMHFVRVLDNAIGGKA
;
D
3 'polypeptide(L)'
;MQEYTNHSDTTFALRNISFRVPGRTLLHPLSLTFPAGKVTGLIGHNGSGKSTLLKMLGRHQPPSEGEILLDAQPLESWSS
KAFARKVAYLPQQLPPAEGMTVRELVAIGRYPWHGALGRFGAADREKVEEAISLVGLKPLAHRLVDSLSGGERQRAWIAM
LVAQDSRCLLLDEPTSALDIAHQVDVLSLVHRLSQERGLTVIAVLHDINMAARYCDYLVALRGGEMIAQGTPAEIMRGET
LEMIYGIPMGILPHPAGAAPVSFVY
;
U,C
#
# COMPACT_ATOMS: atom_id res chain seq x y z
N ALA A 6 4.33 30.24 0.79
CA ALA A 6 5.33 29.53 1.56
C ALA A 6 5.43 30.08 2.98
N LEU A 7 4.54 31.03 3.31
CA LEU A 7 4.55 31.60 4.64
C LEU A 7 4.02 30.63 5.68
N PHE A 8 2.99 29.86 5.33
CA PHE A 8 2.41 28.91 6.28
C PHE A 8 3.38 27.80 6.68
N PRO A 9 4.08 27.12 5.76
CA PRO A 9 5.03 26.08 6.21
C PRO A 9 6.16 26.62 7.05
N ALA A 10 6.73 27.78 6.68
CA ALA A 10 7.80 28.36 7.47
C ALA A 10 7.31 28.79 8.85
N LEU A 11 6.10 29.35 8.92
CA LEU A 11 5.55 29.75 10.21
C LEU A 11 5.29 28.53 11.09
N LEU A 12 4.77 27.45 10.50
CA LEU A 12 4.54 26.22 11.26
C LEU A 12 5.85 25.64 11.75
N LEU A 13 6.89 25.67 10.92
CA LEU A 13 8.19 25.15 11.34
C LEU A 13 8.77 25.98 12.48
N ALA A 14 8.68 27.31 12.38
CA ALA A 14 9.18 28.17 13.45
C ALA A 14 8.40 27.93 14.75
N LEU A 15 7.09 27.76 14.64
CA LEU A 15 6.28 27.45 15.82
C LEU A 15 6.71 26.13 16.44
N LEU A 16 6.96 25.11 15.61
CA LEU A 16 7.39 23.83 16.14
C LEU A 16 8.75 23.95 16.83
N VAL A 17 9.66 24.72 16.25
CA VAL A 17 10.98 24.89 16.87
C VAL A 17 10.86 25.60 18.22
N ILE A 18 10.07 26.67 18.28
CA ILE A 18 9.98 27.41 19.53
C ILE A 18 9.26 26.60 20.60
N VAL A 19 8.26 25.80 20.20
CA VAL A 19 7.57 24.94 21.15
C VAL A 19 8.51 23.85 21.67
N ALA A 20 9.30 23.26 20.78
CA ALA A 20 10.26 22.26 21.20
C ALA A 20 11.29 22.85 22.17
N THR A 21 11.78 24.06 21.86
CA THR A 21 12.76 24.69 22.74
C THR A 21 12.16 25.01 24.10
N ALA A 22 10.92 25.51 24.13
CA ALA A 22 10.27 25.82 25.40
C ALA A 22 10.04 24.56 26.22
N LEU A 23 9.57 23.49 25.57
CA LEU A 23 9.32 22.24 26.30
C LEU A 23 10.62 21.64 26.82
N THR A 24 11.69 21.70 26.02
CA THR A 24 12.97 21.19 26.47
C THR A 24 13.51 22.00 27.64
N TRP A 25 13.40 23.32 27.56
CA TRP A 25 13.82 24.18 28.67
C TRP A 25 13.04 23.84 29.94
N MET A 26 11.72 23.69 29.82
CA MET A 26 10.89 23.40 30.98
C MET A 26 11.25 22.04 31.59
N ASN A 27 11.39 21.01 30.75
CA ASN A 27 11.71 19.68 31.26
C ASN A 27 13.10 19.66 31.90
N PHE A 28 14.09 20.29 31.26
CA PHE A 28 15.44 20.26 31.80
C PHE A 28 15.56 21.09 33.08
N SER A 29 14.75 22.15 33.21
CA SER A 29 14.76 22.93 34.45
C SER A 29 14.04 22.19 35.57
N GLN A 30 12.96 21.47 35.24
CA GLN A 30 12.28 20.66 36.25
C GLN A 30 13.14 19.49 36.70
N ALA A 31 13.97 18.96 35.80
CA ALA A 31 14.83 17.84 36.17
C ALA A 31 16.07 18.30 36.94
N LEU A 32 16.64 19.44 36.55
CA LEU A 32 17.87 19.92 37.16
C LEU A 32 17.89 21.44 37.11
N PRO A 33 18.32 22.11 38.17
CA PRO A 33 18.46 23.57 38.10
C PRO A 33 19.42 23.99 36.99
N ARG A 34 19.15 25.14 36.40
CA ARG A 34 19.92 25.60 35.25
C ARG A 34 21.38 25.87 35.63
N SER A 35 21.60 26.38 36.85
CA SER A 35 22.95 26.69 37.30
C SER A 35 23.88 25.48 37.32
N GLN A 36 23.35 24.27 37.20
CA GLN A 36 24.15 23.05 37.18
C GLN A 36 24.06 22.34 35.84
N TRP A 37 23.68 23.04 34.77
CA TRP A 37 23.56 22.41 33.46
C TRP A 37 24.92 22.16 32.83
N ALA A 38 25.74 23.21 32.73
CA ALA A 38 27.05 23.07 32.09
C ALA A 38 27.93 22.06 32.81
N GLN A 39 27.79 21.95 34.14
CA GLN A 39 28.57 20.98 34.90
C GLN A 39 28.07 19.56 34.68
N ALA A 40 26.84 19.39 34.20
CA ALA A 40 26.27 18.06 34.00
C ALA A 40 26.45 17.55 32.57
N ALA A 41 26.32 18.44 31.58
CA ALA A 41 26.36 17.99 30.19
C ALA A 41 27.78 17.76 29.70
N TRP A 42 28.67 18.74 29.89
CA TRP A 42 30.00 18.67 29.31
C TRP A 42 30.94 17.76 30.09
N SER A 43 30.75 17.65 31.40
CA SER A 43 31.64 16.83 32.21
C SER A 43 31.40 15.35 31.90
N PRO A 44 32.39 14.64 31.36
CA PRO A 44 32.19 13.19 31.13
C PRO A 44 32.03 12.40 32.41
N ASN A 45 32.66 12.83 33.50
CA ASN A 45 32.49 12.22 34.82
C ASN A 45 31.59 13.15 35.63
N ILE A 46 30.27 12.98 35.47
CA ILE A 46 29.32 13.85 36.14
C ILE A 46 29.36 13.59 37.64
N ASN A 47 28.86 14.57 38.41
CA ASN A 47 28.85 14.47 39.85
C ASN A 47 27.97 13.30 40.30
N VAL A 48 28.21 12.85 41.53
CA VAL A 48 27.53 11.68 42.08
C VAL A 48 26.13 12.05 42.53
N ILE A 49 25.78 13.34 42.42
CA ILE A 49 24.45 13.79 42.81
C ILE A 49 23.41 13.13 41.91
N GLU A 50 22.36 12.58 42.54
CA GLU A 50 21.33 11.88 41.79
C GLU A 50 20.59 12.82 40.84
N GLN A 51 20.28 14.03 41.31
CA GLN A 51 19.60 15.00 40.44
C GLN A 51 20.44 15.36 39.24
N MET A 52 21.76 15.17 39.32
CA MET A 52 22.66 15.52 38.25
C MET A 52 23.13 14.32 37.42
N ILE A 53 22.88 13.10 37.90
CA ILE A 53 23.42 11.92 37.24
C ILE A 53 22.44 11.29 36.24
N PHE A 54 21.13 11.56 36.36
CA PHE A 54 20.23 11.06 35.32
C PHE A 54 20.29 11.89 34.05
N HIS A 55 21.06 12.99 34.05
CA HIS A 55 21.37 13.66 32.79
C HIS A 55 22.18 12.75 31.88
N TYR A 56 22.83 11.72 32.45
CA TYR A 56 23.50 10.69 31.68
C TYR A 56 22.49 9.88 30.89
N SER A 57 21.21 10.01 31.23
CA SER A 57 20.13 9.34 30.52
C SER A 57 19.13 10.30 29.87
N LEU A 58 19.02 11.53 30.35
CA LEU A 58 18.10 12.48 29.73
C LEU A 58 18.67 13.10 28.46
N LEU A 59 19.99 13.29 28.41
CA LEU A 59 20.65 13.85 27.23
C LEU A 59 20.70 12.85 26.07
N PRO A 60 21.04 11.57 26.30
CA PRO A 60 20.99 10.63 25.17
C PRO A 60 19.62 10.50 24.55
N ARG A 61 18.55 10.68 25.33
CA ARG A 61 17.21 10.60 24.78
C ARG A 61 17.00 11.67 23.71
N LEU A 62 17.50 12.89 23.95
CA LEU A 62 17.40 13.95 22.96
C LEU A 62 18.22 13.61 21.72
N ALA A 63 19.46 13.17 21.92
CA ALA A 63 20.32 12.84 20.79
C ALA A 63 19.76 11.67 20.00
N ILE A 64 19.28 10.63 20.68
CA ILE A 64 18.72 9.48 19.97
C ILE A 64 17.45 9.88 19.24
N SER A 65 16.67 10.80 19.83
CA SER A 65 15.47 11.27 19.14
C SER A 65 15.82 12.01 17.86
N LEU A 66 16.80 12.92 17.92
CA LEU A 66 17.18 13.66 16.72
C LEU A 66 17.76 12.74 15.66
N LEU A 67 18.62 11.80 16.06
CA LEU A 67 19.23 10.89 15.09
C LEU A 67 18.18 9.99 14.45
N VAL A 68 17.25 9.47 15.24
CA VAL A 68 16.23 8.59 14.69
C VAL A 68 15.27 9.36 13.79
N GLY A 69 14.99 10.63 14.12
CA GLY A 69 14.17 11.44 13.23
C GLY A 69 14.84 11.69 11.90
N ALA A 70 16.14 12.01 11.92
CA ALA A 70 16.88 12.19 10.68
C ALA A 70 16.88 10.90 9.86
N GLY A 71 17.10 9.76 10.52
CA GLY A 71 17.08 8.49 9.81
C GLY A 71 15.72 8.16 9.23
N LEU A 72 14.65 8.51 9.96
CA LEU A 72 13.30 8.29 9.46
C LEU A 72 13.04 9.12 8.21
N GLY A 73 13.43 10.39 8.24
CA GLY A 73 13.32 11.21 7.04
C GLY A 73 14.09 10.63 5.88
N LEU A 74 15.31 10.15 6.14
CA LEU A 74 16.13 9.56 5.08
C LEU A 74 15.46 8.33 4.47
N VAL A 75 15.02 7.40 5.31
CA VAL A 75 14.41 6.19 4.77
C VAL A 75 13.08 6.49 4.11
N GLY A 76 12.36 7.51 4.57
CA GLY A 76 11.13 7.90 3.88
C GLY A 76 11.42 8.41 2.48
N VAL A 77 12.42 9.28 2.35
CA VAL A 77 12.79 9.79 1.02
C VAL A 77 13.26 8.64 0.13
N LEU A 78 14.06 7.72 0.68
CA LEU A 78 14.57 6.62 -0.12
C LEU A 78 13.45 5.69 -0.60
N PHE A 79 12.52 5.36 0.30
CA PHE A 79 11.39 4.51 -0.10
C PHE A 79 10.44 5.23 -1.05
N GLN A 80 10.40 6.57 -0.99
CA GLN A 80 9.60 7.31 -1.96
C GLN A 80 10.25 7.29 -3.34
N GLN A 81 11.57 7.42 -3.40
CA GLN A 81 12.25 7.48 -4.69
C GLN A 81 12.35 6.10 -5.33
N VAL A 82 12.71 5.08 -4.55
CA VAL A 82 12.98 3.76 -5.12
C VAL A 82 11.71 3.15 -5.69
N LEU A 83 10.67 3.05 -4.87
CA LEU A 83 9.40 2.49 -5.34
C LEU A 83 8.64 3.45 -6.25
N ARG A 84 9.08 4.70 -6.37
CA ARG A 84 8.44 5.73 -7.19
C ARG A 84 7.04 6.07 -6.70
N ASN A 85 6.71 5.73 -5.45
CA ASN A 85 5.43 6.09 -4.86
C ASN A 85 5.57 7.33 -3.98
N PRO A 86 4.60 8.25 -4.04
CA PRO A 86 4.70 9.45 -3.19
C PRO A 86 4.64 9.14 -1.71
N LEU A 87 4.03 8.03 -1.32
CA LEU A 87 3.91 7.64 0.08
C LEU A 87 5.01 6.65 0.44
N ALA A 88 5.68 6.90 1.57
CA ALA A 88 6.67 5.97 2.09
C ALA A 88 5.98 4.92 2.95
N GLU A 89 6.56 3.71 2.96
CA GLU A 89 5.98 2.57 3.68
C GLU A 89 7.08 1.60 4.08
N PRO A 90 7.85 1.93 5.11
CA PRO A 90 8.86 0.97 5.59
C PRO A 90 8.26 -0.26 6.25
N THR A 91 7.19 -0.08 7.03
CA THR A 91 6.60 -1.20 7.76
C THR A 91 6.02 -2.24 6.80
N THR A 92 5.34 -1.79 5.74
CA THR A 92 4.75 -2.73 4.79
C THR A 92 5.82 -3.54 4.08
N LEU A 93 7.04 -2.99 3.96
CA LEU A 93 8.13 -3.74 3.36
C LEU A 93 8.57 -4.93 4.20
N GLY A 94 8.13 -5.03 5.46
CA GLY A 94 8.45 -6.15 6.30
C GLY A 94 9.70 -5.99 7.15
N VAL A 95 10.31 -4.81 7.16
CA VAL A 95 11.51 -4.60 7.96
C VAL A 95 11.16 -4.50 9.44
N ALA A 96 10.00 -3.93 9.75
CA ALA A 96 9.56 -3.86 11.13
C ALA A 96 9.10 -5.22 11.63
N THR A 97 8.33 -5.93 10.80
CA THR A 97 7.81 -7.23 11.21
C THR A 97 8.94 -8.26 11.34
N GLY A 98 9.91 -8.24 10.42
CA GLY A 98 11.05 -9.12 10.55
C GLY A 98 11.86 -8.84 11.80
N ALA A 99 12.03 -7.55 12.12
CA ALA A 99 12.74 -7.20 13.35
C ALA A 99 11.99 -7.69 14.58
N GLN A 100 10.66 -7.55 14.59
CA GLN A 100 9.86 -8.07 15.70
C GLN A 100 9.99 -9.59 15.81
N LEU A 101 10.00 -10.27 14.67
CA LEU A 101 10.19 -11.72 14.67
C LEU A 101 11.56 -12.09 15.26
N GLY A 102 12.59 -11.33 14.90
CA GLY A 102 13.90 -11.57 15.49
C GLY A 102 13.89 -11.37 16.99
N ILE A 103 13.25 -10.30 17.46
CA ILE A 103 13.19 -10.04 18.89
C ILE A 103 12.47 -11.18 19.61
N THR A 104 11.38 -11.68 19.05
CA THR A 104 10.64 -12.73 19.75
C THR A 104 11.29 -14.10 19.64
N VAL A 105 12.12 -14.34 18.62
CA VAL A 105 12.83 -15.62 18.56
C VAL A 105 14.15 -15.60 19.33
N THR A 106 14.72 -14.43 19.60
CA THR A 106 15.89 -14.36 20.48
C THR A 106 15.55 -14.03 21.92
N THR A 107 14.31 -13.62 22.21
CA THR A 107 13.89 -13.52 23.60
C THR A 107 13.70 -14.89 24.22
N LEU A 108 13.27 -15.87 23.43
CA LEU A 108 13.16 -17.25 23.87
C LEU A 108 14.34 -18.07 23.32
N TRP A 109 14.55 -19.23 23.93
CA TRP A 109 15.63 -20.15 23.54
C TRP A 109 17.01 -19.50 23.65
N ALA A 110 17.13 -18.49 24.52
CA ALA A 110 18.38 -17.76 24.78
C ALA A 110 18.85 -17.16 23.45
N ILE A 111 20.16 -17.18 23.18
CA ILE A 111 20.76 -16.63 21.96
C ILE A 111 20.40 -15.16 21.84
N PRO A 112 21.13 -14.25 22.50
CA PRO A 112 20.79 -12.82 22.43
C PRO A 112 21.67 -12.06 21.46
N GLY A 113 21.51 -10.73 21.42
CA GLY A 113 22.28 -9.86 20.56
C GLY A 113 21.38 -8.87 19.85
N ALA A 114 21.94 -8.21 18.84
CA ALA A 114 21.19 -7.25 18.02
C ALA A 114 20.29 -8.03 17.07
N MET A 115 19.14 -8.46 17.60
CA MET A 115 18.26 -9.34 16.85
C MET A 115 17.46 -8.59 15.79
N ALA A 116 17.01 -7.38 16.11
CA ALA A 116 16.15 -6.64 15.19
C ALA A 116 16.85 -6.38 13.86
N SER A 117 18.04 -5.79 13.91
CA SER A 117 18.76 -5.47 12.68
C SER A 117 19.09 -6.73 11.87
N GLN A 118 19.59 -7.76 12.55
CA GLN A 118 19.99 -8.98 11.86
C GLN A 118 18.79 -9.64 11.18
N PHE A 119 17.67 -9.77 11.89
CA PHE A 119 16.53 -10.44 11.29
C PHE A 119 15.86 -9.60 10.22
N ALA A 120 15.85 -8.27 10.37
CA ALA A 120 15.28 -7.43 9.32
C ALA A 120 16.14 -7.49 8.07
N ALA A 121 17.47 -7.50 8.22
CA ALA A 121 18.35 -7.66 7.07
C ALA A 121 18.17 -9.03 6.43
N LEU A 122 17.95 -10.07 7.25
CA LEU A 122 17.70 -11.40 6.70
C LEU A 122 16.41 -11.43 5.89
N ALA A 123 15.35 -10.80 6.41
CA ALA A 123 14.09 -10.75 5.67
C ALA A 123 14.24 -9.96 4.38
N GLY A 124 14.98 -8.85 4.42
CA GLY A 124 15.22 -8.08 3.21
C GLY A 124 16.00 -8.88 2.17
N ALA A 125 17.02 -9.61 2.61
CA ALA A 125 17.81 -10.42 1.69
C ALA A 125 16.98 -11.56 1.11
N CYS A 126 16.10 -12.16 1.93
CA CYS A 126 15.25 -13.23 1.42
C CYS A 126 14.27 -12.70 0.39
N VAL A 127 13.68 -11.52 0.63
CA VAL A 127 12.79 -10.91 -0.34
C VAL A 127 13.55 -10.60 -1.63
N VAL A 128 14.76 -10.05 -1.50
CA VAL A 128 15.57 -9.74 -2.67
C VAL A 128 15.85 -10.99 -3.48
N GLY A 129 16.20 -12.08 -2.79
CA GLY A 129 16.48 -13.33 -3.49
C GLY A 129 15.26 -13.91 -4.18
N LEU A 130 14.11 -13.91 -3.50
CA LEU A 130 12.89 -14.43 -4.11
C LEU A 130 12.46 -13.59 -5.30
N ILE A 131 12.73 -12.29 -5.29
CA ILE A 131 12.35 -11.46 -6.44
C ILE A 131 13.34 -11.62 -7.58
N VAL A 132 14.64 -11.71 -7.27
CA VAL A 132 15.64 -11.86 -8.32
C VAL A 132 15.53 -13.22 -8.99
N PHE A 133 15.14 -14.26 -8.23
CA PHE A 133 14.99 -15.60 -8.79
C PHE A 133 13.83 -15.63 -9.79
N GLY A 134 12.61 -15.69 -9.28
CA GLY A 134 11.46 -15.71 -10.16
C GLY A 134 11.41 -16.98 -10.99
N VAL A 135 11.18 -16.82 -12.29
CA VAL A 135 11.13 -17.93 -13.23
C VAL A 135 12.15 -17.80 -14.36
N ALA A 136 12.96 -16.74 -14.35
CA ALA A 136 13.97 -16.52 -15.38
C ALA A 136 15.29 -16.14 -14.73
N TRP A 137 16.37 -16.30 -15.50
CA TRP A 137 17.69 -15.94 -14.99
C TRP A 137 17.78 -14.46 -14.66
N GLY A 138 17.21 -13.61 -15.51
CA GLY A 138 17.18 -12.19 -15.21
C GLY A 138 16.27 -11.89 -14.04
N LYS A 139 16.64 -10.86 -13.26
CA LYS A 139 15.85 -10.49 -12.10
C LYS A 139 14.45 -10.01 -12.51
N ARG A 140 14.39 -9.08 -13.46
CA ARG A 140 13.12 -8.53 -13.95
C ARG A 140 12.27 -7.99 -12.82
N LEU A 141 12.92 -7.35 -11.84
CA LEU A 141 12.22 -6.81 -10.69
C LEU A 141 11.39 -5.59 -11.09
N SER A 142 10.20 -5.47 -10.51
CA SER A 142 9.29 -4.38 -10.75
C SER A 142 8.74 -3.88 -9.43
N PRO A 143 8.38 -2.59 -9.35
CA PRO A 143 7.89 -2.05 -8.07
C PRO A 143 6.62 -2.70 -7.57
N VAL A 144 5.70 -3.06 -8.47
CA VAL A 144 4.42 -3.62 -8.05
C VAL A 144 4.62 -4.99 -7.38
N THR A 145 5.37 -5.88 -8.05
CA THR A 145 5.62 -7.19 -7.45
C THR A 145 6.54 -7.08 -6.24
N LEU A 146 7.42 -6.09 -6.23
CA LEU A 146 8.25 -5.82 -5.05
C LEU A 146 7.38 -5.51 -3.83
N ILE A 147 6.44 -4.57 -3.99
CA ILE A 147 5.56 -4.20 -2.89
C ILE A 147 4.65 -5.36 -2.51
N LEU A 148 4.20 -6.13 -3.50
CA LEU A 148 3.34 -7.28 -3.21
C LEU A 148 4.07 -8.31 -2.36
N ALA A 149 5.28 -8.69 -2.78
CA ALA A 149 6.06 -9.65 -2.00
C ALA A 149 6.43 -9.08 -0.63
N GLY A 150 6.71 -7.79 -0.54
CA GLY A 150 6.98 -7.19 0.75
C GLY A 150 5.80 -7.31 1.70
N LEU A 151 4.60 -7.01 1.19
CA LEU A 151 3.40 -7.17 2.00
C LEU A 151 3.19 -8.62 2.41
N VAL A 152 3.46 -9.56 1.49
CA VAL A 152 3.27 -10.97 1.79
C VAL A 152 4.19 -11.43 2.90
N VAL A 153 5.48 -11.09 2.80
CA VAL A 153 6.42 -11.51 3.84
C VAL A 153 6.15 -10.76 5.15
N SER A 154 5.68 -9.52 5.07
CA SER A 154 5.33 -8.80 6.29
C SER A 154 4.19 -9.50 7.02
N LEU A 155 3.15 -9.89 6.27
CA LEU A 155 2.04 -10.62 6.88
C LEU A 155 2.49 -11.97 7.40
N TYR A 156 3.42 -12.63 6.71
CA TYR A 156 3.91 -13.93 7.15
C TYR A 156 4.64 -13.81 8.48
N CYS A 157 5.60 -12.88 8.58
CA CYS A 157 6.28 -12.68 9.85
C CYS A 157 5.33 -12.21 10.94
N GLY A 158 4.31 -11.41 10.57
CA GLY A 158 3.32 -11.03 11.56
C GLY A 158 2.55 -12.22 12.09
N ALA A 159 2.25 -13.18 11.22
CA ALA A 159 1.54 -14.37 11.66
C ALA A 159 2.43 -15.26 12.52
N ILE A 160 3.71 -15.38 12.17
CA ILE A 160 4.62 -16.15 13.02
C ILE A 160 4.78 -15.50 14.39
N ASN A 161 4.90 -14.17 14.42
CA ASN A 161 4.93 -13.46 15.69
C ASN A 161 3.64 -13.65 16.47
N GLN A 162 2.50 -13.67 15.78
CA GLN A 162 1.22 -13.85 16.45
C GLN A 162 1.13 -15.24 17.06
N LEU A 163 1.60 -16.25 16.33
CA LEU A 163 1.64 -17.61 16.88
C LEU A 163 2.55 -17.68 18.10
N LEU A 164 3.73 -17.05 18.02
CA LEU A 164 4.67 -17.10 19.12
C LEU A 164 4.15 -16.38 20.35
N VAL A 165 3.38 -15.30 20.17
CA VAL A 165 2.85 -14.62 21.36
C VAL A 165 1.61 -15.34 21.88
N ILE A 166 0.82 -15.97 20.99
CA ILE A 166 -0.32 -16.76 21.44
C ILE A 166 0.15 -17.93 22.29
N PHE A 167 1.26 -18.55 21.90
CA PHE A 167 1.79 -19.65 22.70
C PHE A 167 2.65 -19.16 23.87
N HIS A 168 3.25 -17.97 23.74
CA HIS A 168 4.07 -17.41 24.82
C HIS A 168 3.85 -15.89 24.82
N HIS A 169 2.95 -15.42 25.68
CA HIS A 169 2.69 -13.99 25.81
C HIS A 169 3.18 -13.39 27.12
N ASP A 170 3.32 -14.19 28.17
CA ASP A 170 3.81 -13.68 29.45
C ASP A 170 5.30 -13.44 29.45
N GLN A 171 6.03 -14.03 28.51
CA GLN A 171 7.49 -13.95 28.47
C GLN A 171 8.00 -13.01 27.38
N LEU A 172 7.13 -12.24 26.75
CA LEU A 172 7.53 -11.33 25.69
C LEU A 172 7.17 -9.87 25.99
N GLN A 173 6.88 -9.54 27.25
CA GLN A 173 6.47 -8.19 27.58
C GLN A 173 7.50 -7.16 27.14
N SER A 174 8.79 -7.47 27.33
CA SER A 174 9.85 -6.60 26.85
C SER A 174 9.69 -6.31 25.37
N MET A 175 9.50 -7.36 24.56
CA MET A 175 9.27 -7.19 23.13
C MET A 175 8.12 -6.22 22.89
N PHE A 176 7.05 -6.34 23.68
CA PHE A 176 5.92 -5.43 23.53
C PHE A 176 6.38 -3.98 23.66
N LEU A 177 7.15 -3.67 24.70
CA LEU A 177 7.69 -2.33 24.83
C LEU A 177 8.54 -1.95 23.63
N TRP A 178 9.35 -2.91 23.15
CA TRP A 178 10.16 -2.64 21.97
C TRP A 178 9.31 -2.33 20.76
N SER A 179 8.10 -2.89 20.70
CA SER A 179 7.21 -2.63 19.58
C SER A 179 6.39 -1.36 19.75
N THR A 180 6.66 -0.57 20.80
CA THR A 180 5.97 0.70 20.98
C THR A 180 6.88 1.91 20.80
N GLY A 181 8.19 1.70 20.71
CA GLY A 181 9.12 2.79 20.48
C GLY A 181 9.18 3.80 21.61
N THR A 182 9.55 3.33 22.80
CA THR A 182 9.64 4.22 23.94
C THR A 182 10.90 5.09 23.88
N LEU A 183 11.93 4.62 23.19
CA LEU A 183 13.23 5.31 23.05
C LEU A 183 13.76 5.84 24.37
N THR A 184 13.37 5.23 25.49
CA THR A 184 13.93 5.60 26.79
C THR A 184 15.35 5.06 26.89
N GLN A 185 16.30 5.95 27.14
CA GLN A 185 17.70 5.58 27.21
C GLN A 185 18.19 5.63 28.65
N THR A 186 19.13 4.72 28.96
CA THR A 186 19.75 4.67 30.27
C THR A 186 21.26 4.91 30.23
N ASP A 187 21.85 5.00 29.05
CA ASP A 187 23.28 5.25 28.90
C ASP A 187 23.53 5.78 27.50
N TRP A 188 24.80 6.01 27.19
CA TRP A 188 25.21 6.53 25.89
C TRP A 188 25.53 5.43 24.89
N GLY A 189 25.25 4.17 25.22
CA GLY A 189 25.57 3.08 24.31
C GLY A 189 24.79 3.15 23.01
N GLY A 190 23.49 3.45 23.10
CA GLY A 190 22.68 3.53 21.89
C GLY A 190 23.16 4.62 20.95
N VAL A 191 23.46 5.81 21.48
CA VAL A 191 23.95 6.89 20.63
C VAL A 191 25.33 6.57 20.08
N GLU A 192 26.22 6.02 20.92
CA GLU A 192 27.56 5.69 20.47
C GLU A 192 27.56 4.55 19.45
N ARG A 193 26.48 3.76 19.38
CA ARG A 193 26.38 2.73 18.36
C ARG A 193 25.65 3.20 17.11
N LEU A 194 24.73 4.16 17.25
CA LEU A 194 23.94 4.62 16.11
C LEU A 194 24.64 5.73 15.32
N TRP A 195 25.37 6.62 16.00
CA TRP A 195 25.99 7.73 15.28
C TRP A 195 27.05 7.30 14.27
N PRO A 196 27.88 6.29 14.51
CA PRO A 196 28.79 5.87 13.43
C PRO A 196 28.06 5.19 12.28
N GLN A 197 27.07 4.36 12.59
CA GLN A 197 26.29 3.72 11.54
C GLN A 197 25.45 4.74 10.78
N LEU A 198 24.90 5.73 11.48
CA LEU A 198 24.16 6.79 10.80
C LEU A 198 25.09 7.66 9.96
N LEU A 199 26.32 7.87 10.41
CA LEU A 199 27.28 8.61 9.59
C LEU A 199 27.63 7.83 8.33
N GLY A 200 27.85 6.52 8.45
CA GLY A 200 28.04 5.71 7.27
C GLY A 200 26.84 5.74 6.34
N GLY A 201 25.64 5.78 6.92
CA GLY A 201 24.43 5.85 6.10
C GLY A 201 24.33 7.15 5.32
N VAL A 202 24.59 8.27 5.99
CA VAL A 202 24.51 9.55 5.27
C VAL A 202 25.66 9.66 4.27
N MET A 203 26.81 9.03 4.56
CA MET A 203 27.90 9.03 3.59
C MET A 203 27.53 8.25 2.34
N LEU A 204 26.94 7.07 2.52
CA LEU A 204 26.46 6.30 1.37
C LEU A 204 25.30 6.99 0.65
N THR A 205 24.54 7.83 1.36
CA THR A 205 23.47 8.58 0.71
C THR A 205 24.02 9.71 -0.14
N LEU A 206 25.05 10.42 0.36
CA LEU A 206 25.68 11.46 -0.44
C LEU A 206 26.25 10.90 -1.73
N LEU A 207 26.78 9.69 -1.69
CA LEU A 207 27.20 9.02 -2.91
C LEU A 207 26.00 8.38 -3.59
N LEU A 208 26.16 8.11 -4.89
CA LEU A 208 25.11 7.50 -5.70
C LEU A 208 23.82 8.33 -5.66
N LEU A 209 23.96 9.65 -5.74
CA LEU A 209 22.79 10.52 -5.75
C LEU A 209 22.11 10.50 -7.11
N ARG A 210 22.90 10.51 -8.19
CA ARG A 210 22.31 10.46 -9.53
C ARG A 210 21.55 9.16 -9.79
N PRO A 211 22.01 7.98 -9.34
CA PRO A 211 21.12 6.81 -9.41
C PRO A 211 19.79 7.02 -8.70
N LEU A 212 19.78 7.72 -7.58
CA LEU A 212 18.53 8.01 -6.88
C LEU A 212 17.64 8.94 -7.71
N THR A 213 18.25 9.95 -8.35
CA THR A 213 17.48 10.83 -9.22
C THR A 213 16.86 10.06 -10.38
N LEU A 214 17.62 9.13 -10.97
CA LEU A 214 17.07 8.33 -12.06
C LEU A 214 15.99 7.38 -11.57
N MET A 215 16.15 6.83 -10.36
CA MET A 215 15.12 5.98 -9.78
C MET A 215 13.84 6.76 -9.51
N GLY A 216 13.97 8.04 -9.15
CA GLY A 216 12.79 8.87 -8.99
C GLY A 216 12.05 9.12 -10.28
N LEU A 217 12.75 9.09 -11.41
CA LEU A 217 12.13 9.27 -12.71
C LEU A 217 11.56 7.94 -13.20
N ASP A 218 11.14 7.90 -14.46
CA ASP A 218 10.61 6.66 -15.03
C ASP A 218 11.73 5.65 -15.25
N ASP A 219 11.35 4.36 -15.25
CA ASP A 219 12.33 3.31 -15.45
C ASP A 219 12.84 3.27 -16.88
N GLY A 220 12.02 3.71 -17.84
CA GLY A 220 12.45 3.69 -19.23
C GLY A 220 13.65 4.60 -19.48
N VAL A 221 13.53 5.87 -19.07
CA VAL A 221 14.66 6.79 -19.23
C VAL A 221 15.81 6.41 -18.31
N ALA A 222 15.52 5.73 -17.20
CA ALA A 222 16.58 5.28 -16.30
C ALA A 222 17.44 4.22 -16.97
N ARG A 223 16.81 3.28 -17.68
CA ARG A 223 17.58 2.31 -18.45
C ARG A 223 18.19 2.92 -19.71
N ASN A 224 17.55 3.96 -20.25
CA ASN A 224 18.10 4.65 -21.41
C ASN A 224 19.41 5.35 -21.07
N LEU A 225 19.48 5.98 -19.90
CA LEU A 225 20.72 6.65 -19.48
C LEU A 225 21.84 5.70 -19.13
N GLY A 226 21.61 4.39 -19.17
CA GLY A 226 22.65 3.41 -18.92
C GLY A 226 22.79 2.96 -17.48
N LEU A 227 21.89 3.37 -16.59
CA LEU A 227 21.97 2.94 -15.21
C LEU A 227 21.50 1.50 -15.08
N ALA A 228 22.31 0.67 -14.41
CA ALA A 228 21.90 -0.69 -14.11
C ALA A 228 20.72 -0.67 -13.15
N LEU A 229 19.51 -0.59 -13.69
CA LEU A 229 18.33 -0.40 -12.85
C LEU A 229 18.16 -1.52 -11.83
N SER A 230 18.41 -2.76 -12.25
CA SER A 230 18.30 -3.89 -11.33
C SER A 230 19.28 -3.74 -10.17
N LEU A 231 20.57 -3.60 -10.49
CA LEU A 231 21.59 -3.53 -9.45
C LEU A 231 21.44 -2.27 -8.60
N ALA A 232 21.15 -1.13 -9.24
CA ALA A 232 21.01 0.12 -8.50
C ALA A 232 19.81 0.06 -7.55
N ARG A 233 18.67 -0.42 -8.04
CA ARG A 233 17.50 -0.53 -7.19
C ARG A 233 17.71 -1.53 -6.06
N LEU A 234 18.41 -2.63 -6.35
CA LEU A 234 18.71 -3.61 -5.30
C LEU A 234 19.60 -3.01 -4.23
N ALA A 235 20.64 -2.27 -4.63
CA ALA A 235 21.54 -1.67 -3.66
C ALA A 235 20.84 -0.59 -2.84
N ALA A 236 20.01 0.22 -3.48
CA ALA A 236 19.27 1.25 -2.75
C ALA A 236 18.29 0.63 -1.76
N LEU A 237 17.59 -0.42 -2.18
CA LEU A 237 16.69 -1.12 -1.27
C LEU A 237 17.45 -1.74 -0.11
N SER A 238 18.61 -2.34 -0.39
CA SER A 238 19.39 -2.94 0.69
C SER A 238 19.85 -1.89 1.69
N LEU A 239 20.29 -0.73 1.19
CA LEU A 239 20.69 0.35 2.09
C LEU A 239 19.51 0.83 2.94
N ALA A 240 18.34 0.99 2.31
CA ALA A 240 17.16 1.43 3.05
C ALA A 240 16.76 0.41 4.11
N ILE A 241 16.78 -0.88 3.78
CA ILE A 241 16.43 -1.92 4.74
C ILE A 241 17.43 -1.93 5.89
N VAL A 242 18.72 -1.72 5.58
CA VAL A 242 19.73 -1.73 6.63
C VAL A 242 19.52 -0.56 7.58
N ILE A 243 19.28 0.64 7.03
CA ILE A 243 19.08 1.81 7.90
C ILE A 243 17.81 1.64 8.74
N SER A 244 16.74 1.14 8.13
CA SER A 244 15.51 0.93 8.89
C SER A 244 15.70 -0.12 9.98
N ALA A 245 16.48 -1.16 9.69
CA ALA A 245 16.76 -2.17 10.69
C ALA A 245 17.56 -1.59 11.85
N LEU A 246 18.55 -0.77 11.56
CA LEU A 246 19.30 -0.10 12.62
C LEU A 246 18.41 0.80 13.45
N LEU A 247 17.49 1.52 12.81
CA LEU A 247 16.62 2.43 13.54
C LEU A 247 15.67 1.66 14.46
N VAL A 248 15.05 0.60 13.94
CA VAL A 248 14.13 -0.19 14.75
C VAL A 248 14.86 -1.02 15.80
N ASN A 249 16.16 -1.28 15.61
CA ASN A 249 16.94 -1.86 16.69
C ASN A 249 17.28 -0.83 17.75
N ALA A 250 17.41 0.44 17.36
CA ALA A 250 17.71 1.49 18.32
C ALA A 250 16.50 1.81 19.18
N VAL A 251 15.36 2.10 18.55
CA VAL A 251 14.17 2.53 19.28
C VAL A 251 13.01 1.55 19.13
N GLY A 252 12.82 0.96 17.95
CA GLY A 252 11.72 0.06 17.75
C GLY A 252 10.68 0.56 16.78
N ILE A 253 9.43 0.12 16.94
CA ILE A 253 8.36 0.53 16.04
C ILE A 253 8.01 1.99 16.30
N ILE A 254 7.78 2.75 15.23
CA ILE A 254 7.66 4.19 15.31
C ILE A 254 6.33 4.64 14.69
N GLY A 255 5.97 5.89 14.96
CA GLY A 255 4.74 6.47 14.43
C GLY A 255 4.90 7.18 13.11
N PHE A 256 5.61 6.53 12.18
CA PHE A 256 5.83 6.99 10.80
C PHE A 256 6.10 8.49 10.72
N ILE A 257 7.16 8.92 11.41
CA ILE A 257 7.64 10.28 11.25
C ILE A 257 8.26 10.46 9.87
N GLY A 258 8.92 9.42 9.35
CA GLY A 258 9.41 9.42 7.99
C GLY A 258 8.33 9.45 6.93
N LEU A 259 7.06 9.41 7.32
CA LEU A 259 5.95 9.61 6.39
C LEU A 259 5.46 11.04 6.38
N PHE A 260 5.81 11.85 7.38
CA PHE A 260 5.52 13.27 7.37
C PHE A 260 6.73 14.13 7.01
N ALA A 261 7.95 13.62 7.19
CA ALA A 261 9.12 14.44 6.94
C ALA A 261 9.28 14.82 5.47
N PRO A 262 9.27 13.89 4.51
CA PRO A 262 9.47 14.32 3.11
C PRO A 262 8.33 15.16 2.57
N LEU A 263 7.10 14.86 2.95
CA LEU A 263 5.97 15.67 2.49
C LEU A 263 6.06 17.11 2.98
N LEU A 264 6.42 17.30 4.25
CA LEU A 264 6.59 18.66 4.76
C LEU A 264 7.80 19.34 4.11
N ALA A 265 8.88 18.60 3.90
CA ALA A 265 10.05 19.17 3.24
C ALA A 265 9.75 19.61 1.81
N LYS A 266 8.88 18.87 1.12
CA LYS A 266 8.50 19.25 -0.23
C LYS A 266 7.48 20.38 -0.25
N MET A 267 6.57 20.40 0.72
CA MET A 267 5.60 21.50 0.82
C MET A 267 6.29 22.81 1.16
N LEU A 268 7.36 22.77 1.95
CA LEU A 268 8.10 23.99 2.26
C LEU A 268 8.88 24.48 1.04
N GLY A 269 9.43 23.54 0.26
CA GLY A 269 10.20 23.90 -0.91
C GLY A 269 11.22 22.85 -1.31
N ALA A 270 12.46 23.28 -1.52
CA ALA A 270 13.57 22.39 -1.87
C ALA A 270 13.29 21.62 -3.15
N ARG A 271 13.59 22.23 -4.30
CA ARG A 271 13.39 21.56 -5.57
C ARG A 271 14.45 20.49 -5.81
N ARG A 272 15.69 20.76 -5.41
CA ARG A 272 16.78 19.81 -5.61
C ARG A 272 16.64 18.61 -4.67
N LEU A 273 17.58 17.68 -4.77
CA LEU A 273 17.50 16.43 -4.02
C LEU A 273 18.15 16.54 -2.64
N LEU A 274 19.41 16.98 -2.58
CA LEU A 274 20.09 17.07 -1.29
C LEU A 274 19.46 18.09 -0.36
N PRO A 275 19.03 19.28 -0.80
CA PRO A 275 18.27 20.14 0.10
C PRO A 275 17.00 19.50 0.63
N ARG A 276 16.27 18.76 -0.21
CA ARG A 276 15.06 18.08 0.26
C ARG A 276 15.41 17.02 1.28
N LEU A 277 16.49 16.27 1.07
CA LEU A 277 16.93 15.28 2.04
C LEU A 277 17.26 15.92 3.38
N MET A 278 18.04 17.00 3.35
CA MET A 278 18.43 17.67 4.58
C MET A 278 17.23 18.24 5.32
N LEU A 279 16.30 18.87 4.59
CA LEU A 279 15.11 19.44 5.21
C LEU A 279 14.23 18.34 5.78
N ALA A 280 14.11 17.22 5.08
CA ALA A 280 13.30 16.11 5.60
C ALA A 280 13.91 15.55 6.87
N SER A 281 15.24 15.40 6.92
CA SER A 281 15.88 14.91 8.13
C SER A 281 15.68 15.88 9.28
N LEU A 282 15.83 17.18 9.03
CA LEU A 282 15.61 18.17 10.09
C LEU A 282 14.18 18.16 10.59
N ILE A 283 13.20 18.07 9.67
CA ILE A 283 11.80 18.08 10.08
C ILE A 283 11.46 16.81 10.86
N GLY A 284 12.01 15.66 10.45
CA GLY A 284 11.80 14.44 11.21
C GLY A 284 12.38 14.53 12.61
N ALA A 285 13.59 15.09 12.73
CA ALA A 285 14.17 15.32 14.05
C ALA A 285 13.30 16.24 14.88
N LEU A 286 12.72 17.26 14.26
CA LEU A 286 11.87 18.20 14.99
C LEU A 286 10.60 17.52 15.49
N ILE A 287 9.98 16.70 14.64
CA ILE A 287 8.77 15.99 15.05
C ILE A 287 9.08 15.02 16.19
N LEU A 288 10.19 14.30 16.10
CA LEU A 288 10.54 13.37 17.17
C LEU A 288 10.88 14.12 18.45
N TRP A 289 11.50 15.30 18.33
CA TRP A 289 11.78 16.14 19.49
C TRP A 289 10.48 16.56 20.17
N LEU A 290 9.52 17.06 19.38
CA LEU A 290 8.22 17.43 19.92
C LEU A 290 7.55 16.25 20.63
N SER A 291 7.52 15.09 19.98
CA SER A 291 6.85 13.93 20.56
C SER A 291 7.53 13.49 21.84
N ASP A 292 8.88 13.48 21.85
CA ASP A 292 9.62 13.08 23.04
C ASP A 292 9.37 14.03 24.19
N GLN A 293 9.34 15.34 23.92
CA GLN A 293 9.11 16.30 25.00
C GLN A 293 7.68 16.19 25.53
N ILE A 294 6.70 15.97 24.64
CA ILE A 294 5.33 15.79 25.10
C ILE A 294 5.21 14.53 25.95
N ILE A 295 5.91 13.45 25.56
CA ILE A 295 5.86 12.22 26.33
C ILE A 295 6.52 12.43 27.69
N LEU A 296 7.62 13.17 27.73
CA LEU A 296 8.28 13.46 29.01
C LEU A 296 7.35 14.26 29.92
N TRP A 297 6.68 15.27 29.38
CA TRP A 297 5.73 16.05 30.17
C TRP A 297 4.60 15.16 30.67
N LEU A 298 4.12 14.24 29.83
CA LEU A 298 3.05 13.34 30.25
C LEU A 298 3.49 12.46 31.41
N THR A 299 4.62 11.77 31.26
CA THR A 299 5.13 10.95 32.37
C THR A 299 5.44 11.78 33.61
N ARG A 300 5.71 13.08 33.45
CA ARG A 300 5.88 13.93 34.62
C ARG A 300 4.56 14.27 35.29
N VAL A 301 3.48 14.40 34.52
CA VAL A 301 2.20 14.81 35.06
C VAL A 301 1.21 13.65 35.19
N TRP A 302 1.23 12.70 34.25
CA TRP A 302 0.25 11.62 34.26
C TRP A 302 0.61 10.48 33.32
N MET A 303 0.86 9.29 33.89
CA MET A 303 1.00 8.04 33.14
C MET A 303 2.26 7.99 32.29
N GLU A 304 2.85 6.81 32.17
CA GLU A 304 4.03 6.59 31.32
C GLU A 304 3.55 5.90 30.04
N VAL A 305 3.33 6.70 29.01
CA VAL A 305 2.88 6.21 27.72
C VAL A 305 4.06 6.22 26.75
N SER A 306 3.96 5.41 25.71
CA SER A 306 5.03 5.28 24.74
C SER A 306 5.10 6.50 23.83
N THR A 307 6.09 6.52 22.94
CA THR A 307 6.34 7.66 22.07
C THR A 307 5.82 7.45 20.65
N GLY A 308 6.12 6.30 20.04
CA GLY A 308 5.66 6.05 18.68
C GLY A 308 4.15 5.96 18.57
N SER A 309 3.50 5.36 19.57
CA SER A 309 2.04 5.25 19.55
C SER A 309 1.40 6.64 19.61
N VAL A 310 1.88 7.50 20.51
CA VAL A 310 1.36 8.86 20.59
C VAL A 310 1.67 9.62 19.31
N THR A 311 2.84 9.38 18.71
CA THR A 311 3.19 10.01 17.45
C THR A 311 2.18 9.66 16.36
N ALA A 312 1.84 8.36 16.26
CA ALA A 312 0.85 7.95 15.27
C ALA A 312 -0.52 8.52 15.60
N LEU A 313 -0.89 8.55 16.87
CA LEU A 313 -2.21 9.04 17.27
C LEU A 313 -2.38 10.52 16.99
N ILE A 314 -1.29 11.28 17.06
CA ILE A 314 -1.37 12.70 16.72
C ILE A 314 -1.09 12.97 15.24
N GLY A 315 -0.48 12.03 14.52
CA GLY A 315 -0.27 12.22 13.10
C GLY A 315 -1.47 11.82 12.26
N ALA A 316 -2.30 10.91 12.77
CA ALA A 316 -3.51 10.53 12.02
C ALA A 316 -4.43 11.71 11.77
N PRO A 317 -4.81 12.54 12.76
CA PRO A 317 -5.65 13.70 12.44
C PRO A 317 -4.94 14.72 11.56
N LEU A 318 -3.62 14.89 11.72
CA LEU A 318 -2.89 15.78 10.83
C LEU A 318 -2.93 15.28 9.40
N LEU A 319 -2.82 13.96 9.20
CA LEU A 319 -2.90 13.40 7.86
C LEU A 319 -4.30 13.55 7.29
N LEU A 320 -5.33 13.38 8.12
CA LEU A 320 -6.69 13.58 7.65
C LEU A 320 -6.96 15.04 7.27
N TRP A 321 -6.35 15.98 7.99
CA TRP A 321 -6.56 17.39 7.71
C TRP A 321 -5.78 17.84 6.47
N LEU A 322 -4.54 17.41 6.33
CA LEU A 322 -3.73 17.77 5.17
C LEU A 322 -4.08 16.96 3.93
N LEU A 323 -5.04 16.05 4.00
CA LEU A 323 -5.41 15.23 2.86
C LEU A 323 -6.38 15.97 1.95
N LEU A 348 -14.43 -22.48 -19.91
CA LEU A 348 -13.55 -23.05 -18.88
C LEU A 348 -13.86 -22.48 -17.51
N ALA A 349 -14.46 -21.27 -17.49
CA ALA A 349 -14.77 -20.62 -16.23
C ALA A 349 -15.81 -21.41 -15.45
N PHE A 350 -16.91 -21.81 -16.11
CA PHE A 350 -17.95 -22.57 -15.42
C PHE A 350 -17.43 -23.94 -14.97
N ALA A 351 -16.60 -24.58 -15.79
CA ALA A 351 -16.04 -25.87 -15.42
C ALA A 351 -15.13 -25.74 -14.20
N LEU A 352 -14.27 -24.73 -14.18
CA LEU A 352 -13.39 -24.53 -13.03
C LEU A 352 -14.20 -24.17 -11.78
N ALA A 353 -15.27 -23.39 -11.95
CA ALA A 353 -16.11 -23.04 -10.81
C ALA A 353 -16.79 -24.29 -10.23
N GLY A 354 -17.34 -25.13 -11.10
CA GLY A 354 -17.92 -26.38 -10.62
C GLY A 354 -16.89 -27.27 -9.96
N GLY A 355 -15.67 -27.28 -10.48
CA GLY A 355 -14.61 -28.08 -9.88
C GLY A 355 -14.25 -27.61 -8.49
N VAL A 356 -14.06 -26.30 -8.31
CA VAL A 356 -13.70 -25.81 -6.98
C VAL A 356 -14.88 -25.93 -6.02
N LEU A 357 -16.11 -25.85 -6.54
CA LEU A 357 -17.27 -26.04 -5.68
C LEU A 357 -17.35 -27.49 -5.18
N LEU A 358 -17.13 -28.45 -6.08
CA LEU A 358 -17.08 -29.85 -5.66
C LEU A 358 -15.95 -30.10 -4.68
N LEU A 359 -14.80 -29.46 -4.91
CA LEU A 359 -13.68 -29.60 -3.99
C LEU A 359 -14.02 -29.07 -2.61
N MET A 360 -14.67 -27.91 -2.55
CA MET A 360 -15.10 -27.38 -1.26
C MET A 360 -16.11 -28.30 -0.59
N ALA A 361 -17.05 -28.84 -1.36
CA ALA A 361 -18.03 -29.75 -0.78
C ALA A 361 -17.35 -30.97 -0.15
N VAL A 362 -16.44 -31.61 -0.89
CA VAL A 362 -15.82 -32.83 -0.37
C VAL A 362 -14.90 -32.50 0.79
N VAL A 363 -14.25 -31.33 0.76
CA VAL A 363 -13.34 -30.98 1.86
C VAL A 363 -14.11 -30.64 3.12
N VAL A 364 -15.31 -30.05 2.96
CA VAL A 364 -16.19 -29.86 4.12
C VAL A 364 -16.63 -31.21 4.66
N ALA A 365 -16.91 -32.17 3.76
CA ALA A 365 -17.26 -33.51 4.21
C ALA A 365 -16.13 -34.14 5.03
N LEU A 366 -14.89 -33.99 4.55
CA LEU A 366 -13.76 -34.55 5.31
C LEU A 366 -13.58 -33.85 6.65
N SER A 367 -13.63 -32.52 6.65
CA SER A 367 -13.44 -31.79 7.91
C SER A 367 -14.53 -32.15 8.92
N PHE A 368 -15.74 -32.45 8.44
CA PHE A 368 -16.78 -32.95 9.34
C PHE A 368 -16.44 -34.35 9.83
N GLY A 369 -16.00 -35.24 8.92
CA GLY A 369 -15.75 -36.61 9.31
C GLY A 369 -14.44 -36.81 10.06
N ARG A 370 -13.38 -36.15 9.61
CA ARG A 370 -12.05 -36.39 10.14
C ARG A 370 -11.82 -35.64 11.43
N ASP A 371 -11.05 -36.25 12.34
CA ASP A 371 -10.75 -35.66 13.63
C ASP A 371 -9.25 -35.64 13.88
N ALA A 372 -8.83 -35.31 15.10
CA ALA A 372 -7.43 -35.28 15.46
C ALA A 372 -7.08 -36.15 16.66
N HIS A 373 -8.05 -36.56 17.46
CA HIS A 373 -7.79 -37.43 18.61
C HIS A 373 -7.56 -38.85 18.09
N GLY A 374 -6.31 -39.10 17.69
CA GLY A 374 -5.97 -40.35 17.04
C GLY A 374 -6.33 -40.42 15.58
N TRP A 375 -6.70 -39.29 14.98
CA TRP A 375 -7.09 -39.22 13.57
C TRP A 375 -8.24 -40.19 13.26
N THR A 376 -9.25 -40.16 14.13
CA THR A 376 -10.43 -41.00 13.93
C THR A 376 -11.37 -40.34 12.92
N TRP A 377 -12.36 -41.11 12.47
CA TRP A 377 -13.33 -40.67 11.50
C TRP A 377 -14.73 -40.81 12.09
N ALA A 378 -15.54 -39.77 11.97
CA ALA A 378 -16.92 -39.80 12.45
C ALA A 378 -17.73 -40.76 11.60
N SER A 379 -17.98 -41.95 12.12
CA SER A 379 -18.69 -43.00 11.40
C SER A 379 -20.19 -42.96 11.60
N GLY A 380 -20.71 -41.91 12.25
CA GLY A 380 -22.13 -41.80 12.47
C GLY A 380 -22.51 -41.31 13.85
N ALA A 381 -22.49 -42.22 14.84
CA ALA A 381 -22.91 -41.88 16.19
C ALA A 381 -22.07 -40.75 16.77
N LEU A 382 -20.78 -40.72 16.44
CA LEU A 382 -19.90 -39.67 16.92
C LEU A 382 -20.03 -38.38 16.13
N LEU A 383 -20.80 -38.38 15.05
CA LEU A 383 -20.91 -37.17 14.23
C LEU A 383 -21.87 -36.16 14.85
N ASP A 384 -23.03 -36.61 15.31
CA ASP A 384 -23.98 -35.69 15.94
C ASP A 384 -23.50 -35.21 17.30
N ASP A 385 -22.60 -35.94 17.95
CA ASP A 385 -22.10 -35.50 19.25
C ASP A 385 -21.06 -34.38 19.08
N LEU A 386 -20.30 -34.41 18.00
CA LEU A 386 -19.28 -33.40 17.74
C LEU A 386 -19.74 -32.34 16.74
N MET A 387 -20.96 -32.45 16.22
CA MET A 387 -21.48 -31.51 15.24
C MET A 387 -21.72 -30.11 15.81
N PRO A 388 -22.28 -29.96 17.02
CA PRO A 388 -22.47 -28.60 17.55
C PRO A 388 -21.19 -27.81 17.73
N TRP A 389 -20.02 -28.47 17.74
CA TRP A 389 -18.75 -27.79 17.87
C TRP A 389 -17.95 -27.76 16.58
N ARG A 390 -18.47 -28.36 15.50
CA ARG A 390 -17.81 -28.33 14.21
C ARG A 390 -18.62 -27.58 13.16
N TRP A 391 -19.88 -27.95 12.96
CA TRP A 391 -20.72 -27.31 11.95
C TRP A 391 -20.78 -25.79 12.09
N PRO A 392 -21.04 -25.20 13.26
CA PRO A 392 -21.03 -23.74 13.34
C PRO A 392 -19.68 -23.14 13.00
N ARG A 393 -18.59 -23.72 13.47
CA ARG A 393 -17.27 -23.16 13.23
C ARG A 393 -16.91 -23.20 11.74
N ILE A 394 -17.07 -24.36 11.11
CA ILE A 394 -16.74 -24.49 9.69
C ILE A 394 -17.65 -23.60 8.84
N MET A 395 -18.94 -23.55 9.19
CA MET A 395 -19.87 -22.74 8.40
C MET A 395 -19.57 -21.26 8.54
N ALA A 396 -19.23 -20.81 9.75
CA ALA A 396 -18.87 -19.41 9.95
C ALA A 396 -17.58 -19.07 9.22
N ALA A 397 -16.59 -19.96 9.26
CA ALA A 397 -15.34 -19.73 8.54
C ALA A 397 -15.59 -19.66 7.03
N LEU A 398 -16.43 -20.54 6.52
CA LEU A 398 -16.73 -20.54 5.08
C LEU A 398 -17.43 -19.24 4.68
N PHE A 399 -18.45 -18.84 5.45
CA PHE A 399 -19.17 -17.61 5.14
C PHE A 399 -18.24 -16.40 5.19
N ALA A 400 -17.42 -16.32 6.24
CA ALA A 400 -16.51 -15.20 6.39
C ALA A 400 -15.50 -15.15 5.25
N GLY A 401 -14.97 -16.31 4.85
CA GLY A 401 -14.02 -16.33 3.75
C GLY A 401 -14.64 -15.89 2.45
N VAL A 402 -15.82 -16.41 2.13
CA VAL A 402 -16.50 -16.01 0.90
C VAL A 402 -16.80 -14.52 0.89
N MET A 403 -17.31 -14.01 2.00
CA MET A 403 -17.69 -12.60 2.05
C MET A 403 -16.47 -11.68 1.99
N LEU A 404 -15.38 -12.06 2.67
CA LEU A 404 -14.16 -11.28 2.60
C LEU A 404 -13.56 -11.30 1.20
N ALA A 405 -13.62 -12.45 0.53
CA ALA A 405 -13.11 -12.52 -0.83
C ALA A 405 -13.92 -11.64 -1.77
N VAL A 406 -15.26 -11.68 -1.65
CA VAL A 406 -16.09 -10.82 -2.50
C VAL A 406 -15.83 -9.35 -2.20
N ALA A 407 -15.67 -8.99 -0.92
CA ALA A 407 -15.41 -7.61 -0.57
C ALA A 407 -14.07 -7.14 -1.13
N GLY A 408 -13.03 -7.96 -1.00
CA GLY A 408 -11.74 -7.61 -1.54
C GLY A 408 -11.74 -7.48 -3.04
N CYS A 409 -12.44 -8.39 -3.74
CA CYS A 409 -12.53 -8.29 -5.19
C CYS A 409 -13.28 -7.04 -5.62
N ILE A 410 -14.37 -6.70 -4.93
CA ILE A 410 -15.11 -5.50 -5.25
C ILE A 410 -14.26 -4.26 -5.02
N ILE A 411 -13.49 -4.25 -3.93
CA ILE A 411 -12.64 -3.11 -3.63
C ILE A 411 -11.54 -2.95 -4.68
N GLN A 412 -10.89 -4.05 -5.06
CA GLN A 412 -9.84 -3.98 -6.06
C GLN A 412 -10.39 -3.66 -7.45
N ARG A 413 -11.67 -3.97 -7.69
CA ARG A 413 -12.27 -3.63 -8.97
C ARG A 413 -12.66 -2.16 -9.03
N LEU A 414 -13.22 -1.62 -7.95
CA LEU A 414 -13.64 -0.23 -7.95
C LEU A 414 -12.46 0.72 -7.80
N THR A 415 -11.38 0.28 -7.15
CA THR A 415 -10.20 1.12 -6.97
C THR A 415 -9.19 0.93 -8.09
N GLY A 416 -8.85 -0.32 -8.39
CA GLY A 416 -7.88 -0.63 -9.42
C GLY A 416 -6.46 -0.85 -8.91
N ASN A 417 -6.22 -0.72 -7.61
CA ASN A 417 -4.89 -0.91 -7.05
C ASN A 417 -4.75 -2.34 -6.55
N PRO A 418 -3.66 -3.04 -6.89
CA PRO A 418 -3.50 -4.42 -6.41
C PRO A 418 -3.24 -4.52 -4.92
N MET A 419 -2.82 -3.44 -4.27
CA MET A 419 -2.57 -3.44 -2.83
C MET A 419 -3.83 -3.23 -2.01
N ALA A 420 -4.99 -3.17 -2.65
CA ALA A 420 -6.24 -2.92 -1.94
C ALA A 420 -6.65 -4.14 -1.12
N SER A 421 -7.05 -3.89 0.13
CA SER A 421 -7.46 -4.94 1.05
C SER A 421 -8.71 -4.50 1.81
N PRO A 422 -9.44 -5.42 2.45
CA PRO A 422 -10.60 -4.99 3.24
C PRO A 422 -10.26 -4.00 4.34
N GLU A 423 -9.00 -3.95 4.78
CA GLU A 423 -8.59 -2.95 5.78
C GLU A 423 -8.63 -1.54 5.22
N VAL A 424 -8.72 -1.38 3.90
CA VAL A 424 -8.72 -0.05 3.31
C VAL A 424 -9.93 0.76 3.76
N LEU A 425 -11.06 0.07 3.99
CA LEU A 425 -12.26 0.76 4.44
C LEU A 425 -12.09 1.29 5.86
N GLY A 426 -11.28 0.62 6.67
CA GLY A 426 -11.22 0.91 8.08
C GLY A 426 -12.19 0.11 8.91
N ILE A 427 -12.83 -0.92 8.33
CA ILE A 427 -13.85 -1.67 9.04
C ILE A 427 -13.23 -2.49 10.16
N SER A 428 -12.29 -3.37 9.81
CA SER A 428 -11.66 -4.22 10.82
C SER A 428 -10.83 -3.40 11.79
N SER A 429 -10.04 -2.46 11.27
CA SER A 429 -9.24 -1.59 12.13
C SER A 429 -10.14 -0.74 13.03
N GLY A 430 -11.25 -0.26 12.50
CA GLY A 430 -12.17 0.53 13.32
C GLY A 430 -12.82 -0.27 14.42
N ALA A 431 -13.25 -1.49 14.10
CA ALA A 431 -13.85 -2.35 15.12
C ALA A 431 -12.84 -2.70 16.22
N ALA A 432 -11.61 -3.04 15.82
CA ALA A 432 -10.59 -3.33 16.81
C ALA A 432 -10.23 -2.10 17.63
N PHE A 433 -10.23 -0.91 16.99
CA PHE A 433 -10.05 0.33 17.71
C PHE A 433 -11.13 0.49 18.78
N GLY A 434 -12.38 0.19 18.43
CA GLY A 434 -13.45 0.29 19.42
C GLY A 434 -13.28 -0.69 20.56
N VAL A 435 -12.88 -1.92 20.25
CA VAL A 435 -12.69 -2.91 21.32
C VAL A 435 -11.56 -2.50 22.26
N VAL A 436 -10.44 -2.02 21.70
CA VAL A 436 -9.33 -1.64 22.57
C VAL A 436 -9.66 -0.34 23.33
N LEU A 437 -10.47 0.54 22.76
CA LEU A 437 -10.90 1.72 23.50
C LEU A 437 -11.81 1.33 24.66
N MET A 438 -12.69 0.34 24.43
CA MET A 438 -13.54 -0.15 25.51
C MET A 438 -12.69 -0.80 26.61
N LEU A 439 -11.66 -1.56 26.21
CA LEU A 439 -10.78 -2.18 27.20
C LEU A 439 -9.98 -1.14 27.96
N PHE A 440 -9.64 -0.02 27.33
CA PHE A 440 -8.88 1.02 28.00
C PHE A 440 -9.75 1.83 28.96
N LEU A 441 -10.94 2.24 28.52
CA LEU A 441 -11.73 3.18 29.30
C LEU A 441 -12.23 2.56 30.60
N VAL A 442 -12.76 1.35 30.55
CA VAL A 442 -13.38 0.70 31.70
C VAL A 442 -12.53 -0.50 32.09
N PRO A 443 -12.36 -0.77 33.38
CA PRO A 443 -11.65 -1.99 33.81
C PRO A 443 -12.61 -3.16 34.00
N GLY A 444 -12.03 -4.35 34.03
CA GLY A 444 -12.79 -5.56 34.27
C GLY A 444 -13.13 -6.31 33.00
N ASN A 445 -14.10 -7.21 33.13
CA ASN A 445 -14.54 -8.05 32.02
C ASN A 445 -15.40 -7.21 31.07
N ALA A 446 -14.71 -6.37 30.29
CA ALA A 446 -15.39 -5.47 29.37
C ALA A 446 -15.98 -6.18 28.14
N PHE A 447 -15.87 -7.51 28.06
CA PHE A 447 -16.41 -8.21 26.91
C PHE A 447 -17.90 -8.48 27.06
N GLY A 448 -18.32 -8.97 28.22
CA GLY A 448 -19.70 -9.35 28.42
C GLY A 448 -20.40 -8.64 29.55
N TRP A 449 -19.79 -7.60 30.11
CA TRP A 449 -20.39 -6.87 31.20
C TRP A 449 -21.57 -6.04 30.70
N LEU A 450 -22.57 -5.88 31.57
CA LEU A 450 -23.75 -5.09 31.22
C LEU A 450 -23.40 -3.61 31.09
N LEU A 451 -22.55 -3.10 31.98
CA LEU A 451 -22.12 -1.70 31.93
C LEU A 451 -21.23 -1.48 30.73
N PRO A 452 -20.38 -2.45 30.38
CA PRO A 452 -19.52 -2.28 29.20
C PRO A 452 -20.30 -2.43 27.92
N ALA A 453 -19.92 -1.63 26.92
CA ALA A 453 -20.62 -1.68 25.63
C ALA A 453 -20.30 -2.97 24.88
N GLY A 454 -19.01 -3.27 24.71
CA GLY A 454 -18.60 -4.48 24.02
C GLY A 454 -18.92 -4.46 22.53
N SER A 455 -19.89 -5.28 22.12
CA SER A 455 -20.27 -5.35 20.72
C SER A 455 -20.87 -4.03 20.25
N LEU A 456 -21.70 -3.40 21.09
CA LEU A 456 -22.29 -2.12 20.71
C LEU A 456 -21.24 -1.05 20.56
N GLY A 457 -20.26 -1.01 21.48
CA GLY A 457 -19.18 -0.04 21.35
C GLY A 457 -18.33 -0.28 20.12
N ALA A 458 -18.00 -1.54 19.84
CA ALA A 458 -17.26 -1.87 18.63
C ALA A 458 -18.04 -1.42 17.40
N ALA A 459 -19.36 -1.61 17.39
CA ALA A 459 -20.17 -1.25 16.23
C ALA A 459 -20.25 0.26 16.04
N VAL A 460 -20.43 1.02 17.13
CA VAL A 460 -20.54 2.46 16.98
C VAL A 460 -19.21 3.06 16.58
N THR A 461 -18.10 2.54 17.13
CA THR A 461 -16.79 3.02 16.70
C THR A 461 -16.52 2.62 15.26
N LEU A 462 -17.00 1.45 14.85
CA LEU A 462 -16.92 1.04 13.45
C LEU A 462 -17.61 2.03 12.54
N LEU A 463 -18.84 2.42 12.89
CA LEU A 463 -19.59 3.37 12.08
C LEU A 463 -18.89 4.72 12.05
N ILE A 464 -18.36 5.16 13.19
CA ILE A 464 -17.65 6.45 13.25
C ILE A 464 -16.41 6.42 12.35
N ILE A 465 -15.66 5.32 12.40
CA ILE A 465 -14.44 5.22 11.61
C ILE A 465 -14.77 5.17 10.11
N MET A 466 -15.83 4.45 9.75
CA MET A 466 -16.25 4.41 8.35
C MET A 466 -16.67 5.80 7.87
N ILE A 467 -17.42 6.53 8.70
CA ILE A 467 -17.86 7.87 8.32
C ILE A 467 -16.66 8.80 8.17
N ALA A 468 -15.69 8.70 9.08
CA ALA A 468 -14.51 9.55 9.00
C ALA A 468 -13.69 9.24 7.75
N ALA A 469 -13.51 7.95 7.43
CA ALA A 469 -12.76 7.58 6.24
C ALA A 469 -13.50 8.00 4.96
N GLY A 470 -14.83 7.99 4.99
CA GLY A 470 -15.58 8.41 3.82
C GLY A 470 -15.56 9.91 3.63
N ARG A 471 -15.60 10.68 4.72
CA ARG A 471 -15.59 12.13 4.63
C ARG A 471 -14.21 12.71 4.43
N GLY A 472 -13.15 11.98 4.82
CA GLY A 472 -11.81 12.49 4.69
C GLY A 472 -11.25 12.39 3.29
N GLY A 473 -11.51 11.27 2.61
CA GLY A 473 -10.99 11.06 1.28
C GLY A 473 -12.08 11.01 0.21
N PHE A 474 -12.11 12.01 -0.67
CA PHE A 474 -13.07 12.01 -1.76
C PHE A 474 -12.68 10.99 -2.83
N SER A 475 -11.38 10.90 -3.15
CA SER A 475 -10.78 9.99 -4.10
C SER A 475 -10.42 8.67 -3.42
N PRO A 476 -10.47 7.55 -4.15
CA PRO A 476 -10.12 6.26 -3.55
C PRO A 476 -8.68 6.19 -3.05
N HIS A 477 -7.77 6.97 -3.63
CA HIS A 477 -6.37 6.90 -3.20
C HIS A 477 -6.17 7.58 -1.84
N ARG A 478 -6.76 8.76 -1.65
CA ARG A 478 -6.69 9.40 -0.35
C ARG A 478 -7.47 8.61 0.70
N MET A 479 -8.55 7.95 0.30
CA MET A 479 -9.25 7.04 1.21
C MET A 479 -8.35 5.86 1.59
N LEU A 480 -7.55 5.38 0.64
CA LEU A 480 -6.59 4.33 0.93
C LEU A 480 -5.53 4.80 1.93
N LEU A 481 -5.03 6.02 1.74
CA LEU A 481 -4.07 6.58 2.68
C LEU A 481 -4.67 6.71 4.07
N ALA A 482 -5.90 7.21 4.16
CA ALA A 482 -6.55 7.35 5.46
C ALA A 482 -6.80 5.99 6.12
N GLY A 483 -7.17 4.99 5.32
CA GLY A 483 -7.37 3.65 5.86
C GLY A 483 -6.08 3.05 6.39
N MET A 484 -4.97 3.22 5.66
CA MET A 484 -3.70 2.72 6.13
C MET A 484 -3.26 3.45 7.40
N ALA A 485 -3.50 4.76 7.48
CA ALA A 485 -3.17 5.51 8.68
C ALA A 485 -3.98 5.00 9.87
N LEU A 486 -5.28 4.76 9.66
CA LEU A 486 -6.11 4.28 10.76
C LEU A 486 -5.72 2.85 11.16
N SER A 487 -5.30 2.03 10.20
CA SER A 487 -4.81 0.70 10.53
C SER A 487 -3.54 0.77 11.36
N THR A 488 -2.63 1.68 11.01
CA THR A 488 -1.42 1.84 11.81
C THR A 488 -1.76 2.36 13.21
N ALA A 489 -2.74 3.24 13.32
CA ALA A 489 -3.17 3.73 14.63
C ALA A 489 -3.77 2.61 15.46
N PHE A 490 -4.58 1.74 14.83
CA PHE A 490 -5.13 0.59 15.55
C PHE A 490 -4.01 -0.35 16.02
N THR A 491 -3.01 -0.57 15.17
CA THR A 491 -1.87 -1.39 15.56
C THR A 491 -1.14 -0.77 16.75
N MET A 492 -0.98 0.56 16.74
CA MET A 492 -0.31 1.23 17.84
C MET A 492 -1.11 1.11 19.13
N LEU A 493 -2.43 1.23 19.04
CA LEU A 493 -3.25 1.10 20.24
C LEU A 493 -3.24 -0.34 20.77
N LEU A 494 -3.20 -1.32 19.86
CA LEU A 494 -3.08 -2.71 20.28
C LEU A 494 -1.75 -2.97 20.96
N MET A 495 -0.67 -2.40 20.43
CA MET A 495 0.63 -2.55 21.07
C MET A 495 0.69 -1.83 22.40
N MET A 496 -0.03 -0.72 22.55
CA MET A 496 -0.15 -0.06 23.84
C MET A 496 -0.88 -0.95 24.83
N LEU A 497 -1.96 -1.59 24.39
CA LEU A 497 -2.71 -2.48 25.27
C LEU A 497 -1.87 -3.68 25.68
N GLN A 498 -1.06 -4.21 24.76
CA GLN A 498 -0.26 -5.39 25.06
C GLN A 498 0.99 -5.06 25.89
N ALA A 499 1.52 -3.85 25.75
CA ALA A 499 2.70 -3.46 26.51
C ALA A 499 2.42 -3.47 28.01
N SER A 500 1.29 -2.91 28.42
CA SER A 500 0.88 -2.99 29.81
C SER A 500 0.43 -4.41 30.15
N GLY A 501 0.62 -4.79 31.41
CA GLY A 501 0.29 -6.12 31.84
C GLY A 501 -1.19 -6.38 32.02
N ASP A 502 -1.98 -6.07 31.00
CA ASP A 502 -3.42 -6.29 31.05
C ASP A 502 -3.72 -7.77 30.92
N PRO A 503 -4.42 -8.39 31.89
CA PRO A 503 -4.73 -9.82 31.76
C PRO A 503 -5.62 -10.15 30.58
N ARG A 504 -6.29 -9.16 29.98
CA ARG A 504 -7.19 -9.40 28.87
C ARG A 504 -6.51 -9.32 27.51
N MET A 505 -5.27 -8.83 27.45
CA MET A 505 -4.60 -8.63 26.17
C MET A 505 -4.53 -9.92 25.36
N ALA A 506 -4.57 -11.07 26.02
CA ALA A 506 -4.57 -12.35 25.30
C ALA A 506 -5.93 -12.61 24.66
N GLN A 507 -7.00 -12.45 25.44
CA GLN A 507 -8.34 -12.79 24.97
C GLN A 507 -8.66 -12.05 23.67
N VAL A 508 -8.70 -10.71 23.74
CA VAL A 508 -8.96 -9.90 22.55
C VAL A 508 -7.98 -10.24 21.43
N LEU A 509 -6.75 -10.65 21.80
CA LEU A 509 -5.76 -11.03 20.80
C LEU A 509 -6.31 -12.10 19.87
N THR A 510 -6.92 -13.14 20.45
CA THR A 510 -7.53 -14.19 19.62
C THR A 510 -8.59 -13.59 18.71
N TRP A 511 -9.42 -12.70 19.23
CA TRP A 511 -10.41 -12.03 18.40
C TRP A 511 -9.74 -11.19 17.31
N ILE A 512 -8.57 -10.64 17.60
CA ILE A 512 -7.83 -9.93 16.56
C ILE A 512 -7.29 -10.90 15.52
N SER A 513 -6.96 -12.13 15.94
CA SER A 513 -6.41 -13.12 15.04
C SER A 513 -7.47 -13.81 14.19
N GLY A 514 -8.74 -13.45 14.37
CA GLY A 514 -9.80 -14.04 13.56
C GLY A 514 -10.06 -15.49 13.88
N SER A 515 -10.55 -15.77 15.09
CA SER A 515 -10.78 -17.12 15.55
C SER A 515 -12.26 -17.48 15.41
N THR A 516 -12.53 -18.68 14.90
CA THR A 516 -13.88 -19.20 14.79
C THR A 516 -14.25 -20.04 16.02
N TYR A 517 -14.10 -19.45 17.20
CA TYR A 517 -14.35 -20.16 18.45
C TYR A 517 -15.65 -19.77 19.13
N ASN A 518 -16.17 -18.57 18.87
CA ASN A 518 -17.42 -18.11 19.46
C ASN A 518 -18.59 -18.27 18.51
N ALA A 519 -18.43 -19.04 17.43
CA ALA A 519 -19.52 -19.23 16.48
C ALA A 519 -20.68 -19.98 17.12
N THR A 520 -21.90 -19.56 16.77
CA THR A 520 -23.12 -20.14 17.31
C THR A 520 -24.06 -20.48 16.16
N ASP A 521 -24.91 -21.48 16.38
CA ASP A 521 -25.85 -21.91 15.35
C ASP A 521 -26.73 -20.76 14.88
N ALA A 522 -27.28 -19.99 15.82
CA ALA A 522 -28.12 -18.87 15.46
C ALA A 522 -27.35 -17.80 14.70
N GLN A 523 -26.14 -17.47 15.18
CA GLN A 523 -25.31 -16.51 14.47
C GLN A 523 -24.96 -17.02 13.08
N VAL A 524 -24.74 -18.33 12.95
CA VAL A 524 -24.46 -18.91 11.64
C VAL A 524 -25.64 -18.74 10.71
N TRP A 525 -26.86 -18.99 11.20
CA TRP A 525 -28.05 -18.80 10.38
C TRP A 525 -28.20 -17.35 9.95
N ARG A 526 -28.00 -16.42 10.88
CA ARG A 526 -28.17 -15.00 10.54
C ARG A 526 -27.13 -14.53 9.53
N THR A 527 -25.87 -14.92 9.71
CA THR A 527 -24.86 -14.49 8.75
C THR A 527 -25.04 -15.18 7.41
N GLY A 528 -25.60 -16.40 7.40
CA GLY A 528 -25.91 -17.03 6.13
C GLY A 528 -27.02 -16.30 5.39
N ILE A 529 -28.05 -15.87 6.12
CA ILE A 529 -29.11 -15.08 5.49
C ILE A 529 -28.55 -13.77 4.94
N VAL A 530 -27.70 -13.10 5.72
CA VAL A 530 -27.09 -11.85 5.26
C VAL A 530 -26.22 -12.11 4.04
N MET A 531 -25.50 -13.23 4.02
CA MET A 531 -24.62 -13.54 2.91
C MET A 531 -25.40 -13.82 1.63
N VAL A 532 -26.50 -14.58 1.74
CA VAL A 532 -27.28 -14.83 0.53
C VAL A 532 -27.97 -13.55 0.06
N ILE A 533 -28.36 -12.67 0.97
CA ILE A 533 -28.94 -11.39 0.56
C ILE A 533 -27.90 -10.57 -0.20
N LEU A 534 -26.68 -10.49 0.34
CA LEU A 534 -25.64 -9.70 -0.31
C LEU A 534 -25.23 -10.30 -1.64
N LEU A 535 -25.17 -11.63 -1.73
CA LEU A 535 -24.81 -12.27 -2.99
C LEU A 535 -25.95 -12.28 -4.00
N ALA A 536 -27.18 -12.01 -3.56
CA ALA A 536 -28.25 -11.75 -4.51
C ALA A 536 -28.25 -10.31 -4.97
N ILE A 537 -27.80 -9.39 -4.12
CA ILE A 537 -27.66 -7.99 -4.54
C ILE A 537 -26.47 -7.82 -5.48
N THR A 538 -25.43 -8.64 -5.31
CA THR A 538 -24.21 -8.48 -6.09
C THR A 538 -24.43 -8.52 -7.60
N PRO A 539 -25.19 -9.46 -8.18
CA PRO A 539 -25.35 -9.45 -9.64
C PRO A 539 -25.99 -8.20 -10.19
N LEU A 540 -26.71 -7.43 -9.36
CA LEU A 540 -27.24 -6.15 -9.82
C LEU A 540 -26.13 -5.15 -10.07
N CYS A 541 -25.01 -5.27 -9.35
CA CYS A 541 -23.85 -4.41 -9.54
C CYS A 541 -22.87 -4.94 -10.57
N ARG A 542 -23.30 -5.87 -11.42
CA ARG A 542 -22.40 -6.44 -12.42
C ARG A 542 -22.00 -5.39 -13.46
N ARG A 543 -22.97 -4.62 -13.95
CA ARG A 543 -22.66 -3.56 -14.91
C ARG A 543 -21.73 -2.53 -14.32
N TRP A 544 -21.95 -2.16 -13.05
CA TRP A 544 -21.07 -1.20 -12.39
C TRP A 544 -19.66 -1.76 -12.23
N LEU A 545 -19.56 -3.00 -11.75
CA LEU A 545 -18.26 -3.65 -11.59
C LEU A 545 -17.58 -3.94 -12.91
N THR A 546 -18.30 -3.85 -14.02
CA THR A 546 -17.68 -4.04 -15.33
C THR A 546 -17.23 -2.71 -15.96
N ILE A 547 -18.02 -1.66 -15.77
CA ILE A 547 -17.69 -0.38 -16.40
C ILE A 547 -16.68 0.40 -15.56
N LEU A 548 -16.74 0.29 -14.23
CA LEU A 548 -15.80 1.03 -13.39
C LEU A 548 -14.40 0.58 -13.79
N PRO A 549 -14.14 -0.67 -14.15
CA PRO A 549 -12.80 -0.98 -14.70
C PRO A 549 -12.60 -0.43 -16.09
N LEU A 550 -11.40 0.09 -16.36
CA LEU A 550 -11.17 0.87 -17.60
C LEU A 550 -12.02 2.16 -17.85
N GLY A 551 -12.36 2.78 -16.71
CA GLY A 551 -13.31 3.87 -16.70
C GLY A 551 -12.84 5.30 -16.56
N GLY A 552 -13.15 5.92 -15.42
CA GLY A 552 -12.83 7.32 -15.21
C GLY A 552 -13.81 8.24 -15.89
N ASP A 553 -13.37 8.91 -16.95
CA ASP A 553 -14.27 9.75 -17.73
C ASP A 553 -15.13 8.92 -18.68
N THR A 554 -14.61 7.79 -19.16
CA THR A 554 -15.41 6.93 -20.03
C THR A 554 -16.58 6.31 -19.27
N ALA A 555 -16.39 6.01 -17.99
CA ALA A 555 -17.50 5.49 -17.18
C ALA A 555 -18.62 6.52 -17.07
N ARG A 556 -18.25 7.78 -16.81
CA ARG A 556 -19.26 8.84 -16.77
C ARG A 556 -19.90 9.06 -18.13
N ALA A 557 -19.13 8.90 -19.20
CA ALA A 557 -19.68 9.06 -20.55
C ALA A 557 -20.60 7.91 -20.93
N VAL A 558 -20.44 6.74 -20.32
CA VAL A 558 -21.30 5.61 -20.63
C VAL A 558 -22.73 5.88 -20.21
N GLY A 559 -22.94 6.39 -18.99
CA GLY A 559 -24.26 6.72 -18.52
C GLY A 559 -24.47 6.48 -17.05
N MET A 560 -23.40 6.15 -16.33
CA MET A 560 -23.48 5.87 -14.90
C MET A 560 -22.88 7.04 -14.12
N ALA A 561 -23.47 7.32 -12.96
CA ALA A 561 -22.97 8.36 -12.08
C ALA A 561 -21.80 7.82 -11.27
N LEU A 562 -20.69 8.56 -11.27
CA LEU A 562 -19.45 8.05 -10.67
C LEU A 562 -19.59 7.92 -9.14
N THR A 563 -19.83 9.03 -8.46
CA THR A 563 -19.85 9.04 -7.00
C THR A 563 -21.08 8.34 -6.42
N PRO A 564 -22.30 8.57 -6.94
CA PRO A 564 -23.47 7.86 -6.38
C PRO A 564 -23.35 6.34 -6.45
N THR A 565 -22.58 5.79 -7.37
CA THR A 565 -22.35 4.35 -7.41
C THR A 565 -21.07 3.93 -6.68
N ARG A 566 -20.07 4.82 -6.61
CA ARG A 566 -18.85 4.50 -5.89
C ARG A 566 -19.12 4.41 -4.39
N ILE A 567 -19.89 5.36 -3.84
CA ILE A 567 -20.27 5.28 -2.44
C ILE A 567 -21.14 4.06 -2.19
N ALA A 568 -21.97 3.68 -3.16
CA ALA A 568 -22.81 2.49 -2.99
C ALA A 568 -21.96 1.23 -2.92
N LEU A 569 -20.98 1.10 -3.82
CA LEU A 569 -20.08 -0.06 -3.77
C LEU A 569 -19.25 -0.06 -2.50
N LEU A 570 -18.82 1.13 -2.05
CA LEU A 570 -18.06 1.20 -0.80
C LEU A 570 -18.92 0.77 0.39
N LEU A 571 -20.20 1.16 0.39
CA LEU A 571 -21.10 0.74 1.47
C LEU A 571 -21.36 -0.76 1.42
N LEU A 572 -21.48 -1.33 0.22
CA LEU A 572 -21.65 -2.77 0.09
C LEU A 572 -20.44 -3.52 0.63
N ALA A 573 -19.24 -3.10 0.23
CA ALA A 573 -18.03 -3.72 0.76
C ALA A 573 -17.90 -3.50 2.25
N ALA A 574 -18.35 -2.36 2.76
CA ALA A 574 -18.28 -2.08 4.19
C ALA A 574 -19.21 -3.01 4.96
N CYS A 575 -20.42 -3.24 4.44
CA CYS A 575 -21.34 -4.18 5.09
C CYS A 575 -20.79 -5.60 5.05
N LEU A 576 -20.20 -6.00 3.92
CA LEU A 576 -19.57 -7.31 3.83
C LEU A 576 -18.48 -7.47 4.88
N THR A 577 -17.57 -6.50 4.97
CA THR A 577 -16.51 -6.57 5.96
C THR A 577 -17.07 -6.50 7.39
N ALA A 578 -18.16 -5.77 7.59
CA ALA A 578 -18.75 -5.67 8.92
C ALA A 578 -19.28 -7.01 9.39
N THR A 579 -20.05 -7.70 8.54
CA THR A 579 -20.52 -9.03 8.95
C THR A 579 -19.37 -10.02 9.01
N ALA A 580 -18.31 -9.81 8.22
CA ALA A 580 -17.15 -10.70 8.30
C ALA A 580 -16.47 -10.59 9.66
N THR A 581 -16.22 -9.36 10.13
CA THR A 581 -15.64 -9.19 11.45
C THR A 581 -16.62 -9.54 12.56
N MET A 582 -17.93 -9.43 12.32
CA MET A 582 -18.90 -9.91 13.30
C MET A 582 -18.91 -11.43 13.39
N THR A 583 -18.49 -12.12 12.34
CA THR A 583 -18.45 -13.59 12.36
C THR A 583 -17.09 -14.11 12.85
N ILE A 584 -16.03 -13.82 12.09
CA ILE A 584 -14.71 -14.40 12.36
C ILE A 584 -13.83 -13.40 13.12
N GLY A 585 -13.99 -12.12 12.84
CA GLY A 585 -13.17 -11.11 13.47
C GLY A 585 -12.36 -10.31 12.46
N PRO A 586 -11.63 -9.31 12.95
CA PRO A 586 -10.87 -8.44 12.05
C PRO A 586 -9.68 -9.12 11.39
N LEU A 587 -9.91 -9.76 10.25
CA LEU A 587 -8.83 -10.30 9.42
C LEU A 587 -9.12 -9.98 7.97
N SER A 588 -8.06 -9.73 7.20
CA SER A 588 -8.22 -9.38 5.80
C SER A 588 -7.18 -10.03 4.90
N PHE A 589 -6.45 -11.05 5.37
CA PHE A 589 -5.48 -11.71 4.52
C PHE A 589 -6.16 -12.47 3.39
N VAL A 590 -7.25 -13.19 3.70
CA VAL A 590 -7.97 -13.90 2.66
C VAL A 590 -8.63 -12.93 1.69
N GLY A 591 -9.19 -11.83 2.21
CA GLY A 591 -9.80 -10.84 1.36
C GLY A 591 -8.82 -10.13 0.44
N LEU A 592 -7.53 -10.16 0.77
CA LEU A 592 -6.50 -9.62 -0.10
C LEU A 592 -5.93 -10.66 -1.05
N MET A 593 -5.87 -11.93 -0.61
CA MET A 593 -5.20 -12.96 -1.38
C MET A 593 -6.12 -13.62 -2.40
N ALA A 594 -7.37 -13.88 -2.04
CA ALA A 594 -8.29 -14.55 -2.97
C ALA A 594 -8.46 -13.80 -4.28
N PRO A 595 -8.63 -12.48 -4.31
CA PRO A 595 -8.70 -11.80 -5.62
C PRO A 595 -7.41 -11.92 -6.41
N HIS A 596 -6.25 -11.81 -5.76
CA HIS A 596 -4.97 -11.93 -6.45
C HIS A 596 -4.80 -13.32 -7.05
N ILE A 597 -5.10 -14.35 -6.25
CA ILE A 597 -4.95 -15.72 -6.74
C ILE A 597 -5.95 -16.01 -7.85
N ALA A 598 -7.17 -15.49 -7.73
CA ALA A 598 -8.17 -15.70 -8.77
C ALA A 598 -7.78 -14.99 -10.06
N ARG A 599 -7.15 -13.82 -9.96
CA ARG A 599 -6.68 -13.13 -11.15
C ARG A 599 -5.50 -13.86 -11.78
N MET A 600 -4.59 -14.38 -10.96
CA MET A 600 -3.44 -15.10 -11.48
C MET A 600 -3.81 -16.49 -12.01
N MET A 601 -4.98 -17.01 -11.65
CA MET A 601 -5.42 -18.27 -12.26
C MET A 601 -5.78 -18.09 -13.72
N GLY A 602 -6.22 -16.89 -14.12
CA GLY A 602 -6.58 -16.65 -15.50
C GLY A 602 -8.02 -16.23 -15.67
N PHE A 603 -8.61 -15.66 -14.63
CA PHE A 603 -10.00 -15.21 -14.63
C PHE A 603 -10.02 -13.69 -14.50
N ARG A 604 -10.52 -13.01 -15.53
CA ARG A 604 -10.53 -11.55 -15.55
C ARG A 604 -11.87 -11.03 -16.05
N ARG A 605 -12.96 -11.70 -15.68
CA ARG A 605 -14.30 -11.24 -15.97
C ARG A 605 -15.08 -11.13 -14.67
N THR A 606 -15.91 -10.08 -14.58
CA THR A 606 -16.56 -9.66 -13.34
C THR A 606 -17.14 -10.81 -12.52
N MET A 607 -18.21 -11.45 -13.00
CA MET A 607 -18.87 -12.51 -12.25
C MET A 607 -18.01 -13.76 -12.13
N PRO A 608 -17.33 -14.21 -13.20
CA PRO A 608 -16.41 -15.37 -13.01
C PRO A 608 -15.32 -15.11 -12.00
N HIS A 609 -14.65 -13.95 -12.08
CA HIS A 609 -13.63 -13.62 -11.09
C HIS A 609 -14.22 -13.56 -9.69
N ILE A 610 -15.43 -12.99 -9.56
CA ILE A 610 -16.06 -12.87 -8.26
C ILE A 610 -16.31 -14.25 -7.66
N VAL A 611 -16.92 -15.16 -8.43
CA VAL A 611 -17.28 -16.45 -7.88
C VAL A 611 -16.03 -17.29 -7.62
N ILE A 612 -15.02 -17.17 -8.50
CA ILE A 612 -13.80 -17.95 -8.31
C ILE A 612 -13.06 -17.48 -7.06
N SER A 613 -12.92 -16.17 -6.89
CA SER A 613 -12.26 -15.64 -5.69
C SER A 613 -13.04 -16.00 -4.44
N ALA A 614 -14.37 -15.95 -4.50
CA ALA A 614 -15.19 -16.31 -3.35
C ALA A 614 -14.98 -17.77 -2.97
N LEU A 615 -15.03 -18.67 -3.95
CA LEU A 615 -14.87 -20.08 -3.65
C LEU A 615 -13.46 -20.40 -3.16
N VAL A 616 -12.46 -19.75 -3.76
CA VAL A 616 -11.07 -19.96 -3.33
C VAL A 616 -10.89 -19.50 -1.88
N GLY A 617 -11.42 -18.32 -1.56
CA GLY A 617 -11.31 -17.85 -0.18
C GLY A 617 -12.05 -18.73 0.79
N GLY A 618 -13.23 -19.23 0.40
CA GLY A 618 -13.97 -20.13 1.26
C GLY A 618 -13.22 -21.42 1.55
N LEU A 619 -12.68 -22.05 0.50
CA LEU A 619 -11.94 -23.29 0.70
C LEU A 619 -10.65 -23.03 1.48
N LEU A 620 -10.00 -21.90 1.24
CA LEU A 620 -8.78 -21.57 1.96
C LEU A 620 -9.05 -21.38 3.45
N LEU A 621 -10.13 -20.67 3.78
CA LEU A 621 -10.44 -20.45 5.19
C LEU A 621 -10.95 -21.72 5.86
N VAL A 622 -11.64 -22.58 5.12
CA VAL A 622 -12.02 -23.88 5.68
C VAL A 622 -10.79 -24.72 5.99
N PHE A 623 -9.83 -24.74 5.06
CA PHE A 623 -8.59 -25.46 5.30
C PHE A 623 -7.83 -24.88 6.49
N ALA A 624 -7.80 -23.55 6.59
CA ALA A 624 -7.10 -22.90 7.70
C ALA A 624 -7.77 -23.23 9.03
N ASP A 625 -9.10 -23.23 9.07
CA ASP A 625 -9.81 -23.59 10.29
C ASP A 625 -9.54 -25.04 10.68
N TRP A 626 -9.60 -25.96 9.70
CA TRP A 626 -9.33 -27.36 9.99
C TRP A 626 -7.91 -27.55 10.50
N CYS A 627 -6.95 -26.80 9.95
CA CYS A 627 -5.57 -26.90 10.44
C CYS A 627 -5.47 -26.37 11.87
N GLY A 628 -5.94 -25.14 12.09
CA GLY A 628 -5.86 -24.55 13.42
C GLY A 628 -6.63 -25.32 14.48
N ARG A 629 -7.58 -26.15 14.08
CA ARG A 629 -8.33 -26.97 15.03
C ARG A 629 -7.78 -28.37 15.19
N MET A 630 -7.12 -28.91 14.16
CA MET A 630 -6.76 -30.33 14.15
C MET A 630 -5.27 -30.62 14.07
N VAL A 631 -4.47 -29.74 13.46
CA VAL A 631 -3.04 -30.04 13.30
C VAL A 631 -2.38 -30.17 14.68
N LEU A 632 -2.80 -29.34 15.63
CA LEU A 632 -2.49 -29.52 17.04
C LEU A 632 -3.81 -29.75 17.76
N PHE A 633 -3.99 -30.97 18.31
CA PHE A 633 -5.28 -31.32 18.89
C PHE A 633 -5.59 -30.49 20.14
N PRO A 634 -4.70 -30.40 21.15
CA PRO A 634 -5.07 -29.62 22.34
C PRO A 634 -5.12 -28.12 22.06
N PHE A 635 -4.06 -27.56 21.50
CA PHE A 635 -3.98 -26.12 21.28
C PHE A 635 -4.69 -25.73 20.00
N GLN A 636 -5.62 -24.79 20.11
CA GLN A 636 -6.40 -24.30 18.97
C GLN A 636 -5.85 -22.95 18.55
N ILE A 637 -5.30 -22.90 17.34
CA ILE A 637 -4.77 -21.66 16.78
C ILE A 637 -5.89 -20.99 15.98
N PRO A 638 -6.06 -19.67 16.07
CA PRO A 638 -7.09 -19.01 15.27
C PRO A 638 -6.88 -19.23 13.78
N ALA A 639 -8.00 -19.24 13.04
CA ALA A 639 -7.95 -19.53 11.61
C ALA A 639 -7.25 -18.43 10.82
N GLY A 640 -7.20 -17.20 11.36
CA GLY A 640 -6.55 -16.12 10.62
C GLY A 640 -5.06 -16.31 10.47
N LEU A 641 -4.42 -17.01 11.40
CA LEU A 641 -3.00 -17.29 11.29
C LEU A 641 -2.73 -18.42 10.31
N LEU A 642 -3.52 -19.49 10.36
CA LEU A 642 -3.34 -20.58 9.42
C LEU A 642 -3.69 -20.16 7.99
N SER A 643 -4.60 -19.20 7.84
CA SER A 643 -4.88 -18.66 6.51
C SER A 643 -3.63 -18.10 5.88
N THR A 644 -2.88 -17.30 6.65
CA THR A 644 -1.60 -16.78 6.16
C THR A 644 -0.60 -17.91 5.95
N PHE A 645 -0.50 -18.82 6.92
CA PHE A 645 0.48 -19.90 6.83
C PHE A 645 0.27 -20.76 5.58
N ILE A 646 -0.96 -20.88 5.12
CA ILE A 646 -1.23 -21.66 3.91
C ILE A 646 -1.16 -20.79 2.65
N GLY A 647 -1.52 -19.51 2.73
CA GLY A 647 -1.55 -18.68 1.55
C GLY A 647 -0.22 -18.11 1.13
N ALA A 648 0.66 -17.80 2.09
CA ALA A 648 1.92 -17.15 1.77
C ALA A 648 2.83 -18.01 0.89
N PRO A 649 3.10 -19.29 1.21
CA PRO A 649 3.96 -20.07 0.31
C PRO A 649 3.38 -20.24 -1.08
N TYR A 650 2.09 -20.54 -1.19
CA TYR A 650 1.46 -20.69 -2.50
C TYR A 650 1.47 -19.36 -3.25
N PHE A 651 1.29 -18.25 -2.54
CA PHE A 651 1.28 -16.95 -3.23
C PHE A 651 2.67 -16.59 -3.73
N ILE A 652 3.71 -16.83 -2.93
CA ILE A 652 5.05 -16.54 -3.43
C ILE A 652 5.44 -17.49 -4.56
N TYR A 653 4.91 -18.72 -4.55
CA TYR A 653 5.10 -19.61 -5.67
C TYR A 653 4.46 -19.06 -6.94
N LEU A 654 3.22 -18.57 -6.83
CA LEU A 654 2.54 -17.97 -7.96
C LEU A 654 3.27 -16.71 -8.45
N LEU A 655 3.82 -15.94 -7.52
CA LEU A 655 4.54 -14.73 -7.90
C LEU A 655 5.83 -15.07 -8.66
N ARG A 656 6.59 -16.05 -8.16
CA ARG A 656 7.80 -16.46 -8.87
C ARG A 656 7.48 -17.10 -10.20
N LYS A 657 6.33 -17.77 -10.31
CA LYS A 657 5.95 -18.39 -11.58
C LYS A 657 5.53 -17.36 -12.63
N GLN A 658 5.22 -16.14 -12.22
CA GLN A 658 4.78 -15.09 -13.14
C GLN A 658 5.54 -13.79 -12.93
N SER A 659 6.77 -13.89 -12.44
CA SER A 659 7.59 -12.70 -12.21
C SER A 659 8.28 -12.25 -13.49
N ALA B 32 -20.42 -31.21 41.61
CA ALA B 32 -19.66 -32.39 41.23
C ALA B 32 -19.50 -33.34 42.41
N ILE B 33 -19.89 -34.61 42.21
CA ILE B 33 -19.79 -35.58 43.29
C ILE B 33 -18.40 -36.21 43.33
N ASP B 34 -17.74 -36.36 42.17
CA ASP B 34 -16.42 -36.97 42.12
C ASP B 34 -15.35 -35.90 41.93
N PRO B 35 -14.49 -35.65 42.92
CA PRO B 35 -13.47 -34.61 42.78
C PRO B 35 -12.30 -34.99 41.87
N ASN B 36 -12.31 -36.19 41.29
CA ASN B 36 -11.18 -36.63 40.48
C ASN B 36 -11.27 -36.19 39.02
N ARG B 37 -12.45 -35.76 38.55
CA ARG B 37 -12.64 -35.37 37.16
C ARG B 37 -12.91 -33.87 37.02
N ILE B 38 -12.41 -33.07 37.96
CA ILE B 38 -12.60 -31.62 37.89
C ILE B 38 -11.63 -31.03 36.89
N VAL B 39 -12.14 -30.17 36.01
CA VAL B 39 -11.35 -29.54 34.96
C VAL B 39 -11.32 -28.03 35.22
N ALA B 40 -10.15 -27.43 35.03
CA ALA B 40 -9.98 -25.99 35.21
C ALA B 40 -9.53 -25.35 33.90
N LEU B 41 -9.98 -24.12 33.68
CA LEU B 41 -9.68 -23.40 32.45
C LEU B 41 -8.76 -22.21 32.65
N GLU B 42 -8.44 -21.85 33.89
CA GLU B 42 -7.50 -20.77 34.17
C GLU B 42 -6.60 -21.18 35.32
N TRP B 43 -5.46 -20.53 35.45
CA TRP B 43 -4.46 -20.94 36.43
C TRP B 43 -4.92 -20.68 37.86
N LEU B 44 -5.77 -19.67 38.07
CA LEU B 44 -6.22 -19.34 39.42
C LEU B 44 -7.19 -20.39 39.95
N PRO B 45 -8.13 -20.90 39.13
CA PRO B 45 -8.89 -22.08 39.58
C PRO B 45 -8.00 -23.28 39.88
N VAL B 46 -6.91 -23.48 39.13
CA VAL B 46 -6.00 -24.58 39.44
C VAL B 46 -5.35 -24.35 40.80
N GLU B 47 -4.95 -23.11 41.09
CA GLU B 47 -4.36 -22.81 42.38
C GLU B 47 -5.35 -23.03 43.51
N LEU B 48 -6.61 -22.64 43.29
CA LEU B 48 -7.64 -22.88 44.30
C LEU B 48 -7.88 -24.37 44.52
N LEU B 49 -7.91 -25.14 43.43
CA LEU B 49 -8.09 -26.59 43.55
C LEU B 49 -6.94 -27.24 44.29
N LEU B 50 -5.70 -26.81 44.01
CA LEU B 50 -4.54 -27.37 44.70
C LEU B 50 -4.52 -26.95 46.16
N ALA B 51 -5.04 -25.75 46.47
CA ALA B 51 -5.17 -25.34 47.86
C ALA B 51 -6.20 -26.20 48.59
N LEU B 52 -7.32 -26.49 47.93
CA LEU B 52 -8.32 -27.38 48.52
C LEU B 52 -7.81 -28.80 48.64
N GLY B 53 -6.82 -29.17 47.83
CA GLY B 53 -6.33 -30.53 47.78
C GLY B 53 -6.94 -31.38 46.69
N ILE B 54 -7.90 -30.86 45.94
CA ILE B 54 -8.53 -31.61 44.86
C ILE B 54 -7.52 -31.79 43.73
N VAL B 55 -7.46 -32.99 43.18
CA VAL B 55 -6.53 -33.34 42.11
C VAL B 55 -7.14 -32.86 40.79
N PRO B 56 -6.50 -31.95 40.07
CA PRO B 56 -7.06 -31.50 38.79
C PRO B 56 -6.98 -32.61 37.75
N TYR B 57 -8.01 -32.67 36.90
CA TYR B 57 -8.06 -33.65 35.82
C TYR B 57 -7.64 -33.07 34.48
N GLY B 58 -7.79 -31.77 34.27
CA GLY B 58 -7.38 -31.14 33.03
C GLY B 58 -7.15 -29.66 33.19
N VAL B 59 -5.99 -29.18 32.70
CA VAL B 59 -5.60 -27.78 32.83
C VAL B 59 -5.31 -27.23 31.45
N ALA B 60 -5.84 -26.03 31.18
CA ALA B 60 -5.52 -25.34 29.94
C ALA B 60 -4.11 -24.74 30.03
N ASP B 61 -3.28 -25.08 29.05
CA ASP B 61 -1.89 -24.60 28.99
C ASP B 61 -1.13 -24.96 30.26
N THR B 62 -0.66 -26.20 30.35
CA THR B 62 0.05 -26.66 31.53
C THR B 62 1.57 -26.46 31.43
N ILE B 63 2.11 -26.36 30.23
CA ILE B 63 3.54 -26.13 30.07
C ILE B 63 3.91 -24.75 30.58
N ASN B 64 3.16 -23.73 30.15
CA ASN B 64 3.40 -22.38 30.66
C ASN B 64 3.10 -22.28 32.16
N TYR B 65 2.16 -23.08 32.65
CA TYR B 65 1.89 -23.10 34.08
C TYR B 65 3.09 -23.62 34.86
N ARG B 66 3.64 -24.75 34.44
CA ARG B 66 4.83 -25.28 35.11
C ARG B 66 6.04 -24.38 34.90
N LEU B 67 6.06 -23.61 33.82
CA LEU B 67 7.17 -22.68 33.61
C LEU B 67 7.09 -21.49 34.56
N TRP B 68 5.91 -20.89 34.69
CA TRP B 68 5.74 -19.70 35.53
C TRP B 68 5.50 -20.09 36.99
N VAL B 69 4.31 -20.62 37.29
CA VAL B 69 3.98 -20.99 38.65
C VAL B 69 4.78 -22.24 39.03
N SER B 70 5.43 -22.19 40.20
CA SER B 70 6.27 -23.28 40.66
C SER B 70 6.04 -23.66 42.11
N GLU B 71 5.30 -22.87 42.89
CA GLU B 71 5.09 -23.23 44.30
C GLU B 71 4.17 -24.45 44.45
N PRO B 72 3.01 -24.51 43.80
CA PRO B 72 2.19 -25.72 43.90
C PRO B 72 2.57 -26.71 42.81
N PRO B 73 3.13 -27.87 43.18
CA PRO B 73 3.58 -28.84 42.17
C PRO B 73 2.39 -29.45 41.45
N LEU B 74 2.32 -29.24 40.14
CA LEU B 74 1.27 -29.85 39.32
C LEU B 74 1.71 -31.23 38.86
N PRO B 75 0.86 -32.26 39.02
CA PRO B 75 1.26 -33.61 38.59
C PRO B 75 1.49 -33.68 37.10
N ASP B 76 2.22 -34.72 36.69
CA ASP B 76 2.55 -34.93 35.29
C ASP B 76 1.46 -35.67 34.52
N SER B 77 0.59 -36.41 35.22
CA SER B 77 -0.47 -37.17 34.58
C SER B 77 -1.67 -36.32 34.21
N VAL B 78 -1.58 -34.99 34.36
CA VAL B 78 -2.70 -34.12 34.05
C VAL B 78 -2.79 -33.94 32.54
N ILE B 79 -3.97 -34.19 31.99
CA ILE B 79 -4.19 -34.06 30.56
C ILE B 79 -4.32 -32.60 30.20
N ASP B 80 -3.47 -32.12 29.29
CA ASP B 80 -3.51 -30.73 28.87
C ASP B 80 -4.66 -30.52 27.88
N VAL B 81 -5.51 -29.54 28.18
CA VAL B 81 -6.68 -29.27 27.34
C VAL B 81 -6.32 -28.41 26.15
N GLY B 82 -5.60 -27.33 26.37
CA GLY B 82 -5.22 -26.43 25.28
C GLY B 82 -4.87 -25.05 25.83
N LEU B 83 -5.18 -24.04 25.03
CA LEU B 83 -4.94 -22.67 25.44
C LEU B 83 -5.93 -22.25 26.52
N ARG B 84 -5.52 -21.27 27.33
CA ARG B 84 -6.41 -20.77 28.38
C ARG B 84 -7.59 -20.02 27.79
N THR B 85 -7.38 -19.31 26.69
CA THR B 85 -8.46 -18.55 26.06
C THR B 85 -9.33 -19.43 25.17
N GLU B 86 -8.75 -20.47 24.57
CA GLU B 86 -9.47 -21.36 23.65
C GLU B 86 -9.22 -22.81 24.06
N PRO B 87 -9.89 -23.28 25.11
CA PRO B 87 -9.77 -24.70 25.48
C PRO B 87 -10.47 -25.58 24.46
N ASN B 88 -9.84 -26.69 24.12
CA ASN B 88 -10.35 -27.60 23.10
C ASN B 88 -11.63 -28.25 23.59
N LEU B 89 -12.75 -27.92 22.94
CA LEU B 89 -14.05 -28.45 23.38
C LEU B 89 -14.19 -29.93 23.03
N GLU B 90 -13.62 -30.37 21.90
CA GLU B 90 -13.71 -31.78 21.55
C GLU B 90 -12.98 -32.66 22.55
N LEU B 91 -11.83 -32.19 23.04
CA LEU B 91 -11.11 -32.93 24.06
C LEU B 91 -11.92 -32.97 25.36
N LEU B 92 -12.61 -31.88 25.68
CA LEU B 92 -13.43 -31.86 26.88
C LEU B 92 -14.60 -32.84 26.78
N THR B 93 -15.29 -32.85 25.64
CA THR B 93 -16.42 -33.75 25.48
C THR B 93 -15.96 -35.20 25.30
N THR B 94 -14.71 -35.41 24.90
CA THR B 94 -14.19 -36.77 24.80
C THR B 94 -14.14 -37.43 26.17
N MET B 95 -13.65 -36.72 27.18
CA MET B 95 -13.72 -37.19 28.56
C MET B 95 -15.05 -36.76 29.16
N ARG B 96 -15.25 -37.09 30.44
CA ARG B 96 -16.49 -36.77 31.16
C ARG B 96 -16.15 -35.87 32.33
N PRO B 97 -16.01 -34.56 32.11
CA PRO B 97 -15.77 -33.65 33.23
C PRO B 97 -17.02 -33.49 34.07
N SER B 98 -16.84 -33.42 35.38
CA SER B 98 -17.93 -33.19 36.30
C SER B 98 -18.09 -31.73 36.71
N PHE B 99 -17.04 -30.93 36.54
CA PHE B 99 -17.09 -29.51 36.88
C PHE B 99 -15.97 -28.81 36.14
N MET B 100 -16.30 -27.85 35.29
CA MET B 100 -15.34 -27.16 34.46
C MET B 100 -15.20 -25.72 34.93
N VAL B 101 -14.53 -25.55 36.06
CA VAL B 101 -14.36 -24.22 36.64
C VAL B 101 -13.52 -23.35 35.72
N TRP B 102 -13.93 -22.08 35.59
CA TRP B 102 -13.24 -21.14 34.73
C TRP B 102 -13.26 -19.76 35.38
N SER B 103 -12.51 -18.84 34.80
CA SER B 103 -12.43 -17.48 35.30
C SER B 103 -13.53 -16.63 34.65
N ALA B 104 -14.36 -16.00 35.48
CA ALA B 104 -15.46 -15.20 34.98
C ALA B 104 -14.95 -14.05 34.13
N GLY B 105 -15.34 -14.02 32.86
CA GLY B 105 -14.90 -13.02 31.91
C GLY B 105 -13.75 -13.45 31.04
N TYR B 106 -13.18 -14.63 31.26
CA TYR B 106 -12.07 -15.14 30.46
C TYR B 106 -12.43 -16.53 29.95
N GLY B 107 -12.16 -16.77 28.67
CA GLY B 107 -12.42 -18.06 28.07
C GLY B 107 -13.67 -18.07 27.22
N PRO B 108 -14.26 -19.25 27.04
CA PRO B 108 -15.46 -19.36 26.20
C PRO B 108 -16.70 -18.77 26.86
N SER B 109 -17.81 -18.74 26.12
CA SER B 109 -19.06 -18.25 26.68
C SER B 109 -19.61 -19.25 27.70
N PRO B 110 -20.39 -18.77 28.67
CA PRO B 110 -20.92 -19.69 29.69
C PRO B 110 -21.84 -20.77 29.13
N GLU B 111 -22.54 -20.50 28.03
CA GLU B 111 -23.45 -21.49 27.47
C GLU B 111 -22.69 -22.66 26.85
N MET B 112 -21.60 -22.37 26.14
CA MET B 112 -20.80 -23.44 25.53
C MET B 112 -20.13 -24.30 26.58
N LEU B 113 -19.85 -23.74 27.76
CA LEU B 113 -19.26 -24.53 28.83
C LEU B 113 -20.31 -25.29 29.63
N ALA B 114 -21.50 -24.73 29.77
CA ALA B 114 -22.58 -25.44 30.46
C ALA B 114 -23.17 -26.55 29.58
N ARG B 115 -23.02 -26.44 28.26
CA ARG B 115 -23.48 -27.52 27.38
C ARG B 115 -22.67 -28.80 27.59
N ILE B 116 -21.41 -28.68 28.01
CA ILE B 116 -20.56 -29.85 28.22
C ILE B 116 -20.73 -30.41 29.62
N ALA B 117 -20.56 -29.57 30.64
CA ALA B 117 -20.64 -30.00 32.03
C ALA B 117 -21.06 -28.82 32.89
N PRO B 118 -21.81 -29.05 33.96
CA PRO B 118 -22.22 -27.94 34.83
C PRO B 118 -21.04 -27.39 35.60
N GLY B 119 -20.96 -26.06 35.66
CA GLY B 119 -19.85 -25.38 36.32
C GLY B 119 -20.30 -23.97 36.67
N ARG B 120 -19.34 -23.13 37.08
CA ARG B 120 -19.63 -21.77 37.48
C ARG B 120 -18.42 -20.89 37.20
N GLY B 121 -18.66 -19.68 36.73
CA GLY B 121 -17.60 -18.70 36.56
C GLY B 121 -17.41 -17.90 37.83
N PHE B 122 -16.17 -17.85 38.31
CA PHE B 122 -15.84 -17.18 39.56
C PHE B 122 -15.12 -15.87 39.28
N ASN B 123 -15.51 -14.83 40.00
CA ASN B 123 -14.87 -13.53 39.88
C ASN B 123 -13.54 -13.53 40.61
N PHE B 124 -12.55 -12.83 40.04
CA PHE B 124 -11.21 -12.82 40.60
C PHE B 124 -10.55 -11.45 40.65
N SER B 125 -10.82 -10.54 39.71
CA SER B 125 -10.15 -9.26 39.65
C SER B 125 -11.18 -8.14 39.58
N ASP B 126 -10.91 -7.03 40.28
CA ASP B 126 -11.75 -5.85 40.23
C ASP B 126 -10.99 -4.53 40.22
N GLY B 127 -9.78 -4.48 40.73
CA GLY B 127 -9.00 -3.26 40.76
C GLY B 127 -8.71 -2.68 42.13
N LYS B 128 -8.78 -3.48 43.19
CA LYS B 128 -8.52 -2.98 44.54
C LYS B 128 -8.12 -4.10 45.48
N GLN B 129 -9.03 -5.05 45.71
CA GLN B 129 -8.81 -6.16 46.64
C GLN B 129 -8.95 -7.48 45.87
N PRO B 130 -7.88 -7.94 45.23
CA PRO B 130 -7.95 -9.20 44.49
C PRO B 130 -7.93 -10.42 45.39
N LEU B 131 -7.16 -10.36 46.48
CA LEU B 131 -7.06 -11.50 47.38
C LEU B 131 -8.36 -11.75 48.13
N ALA B 132 -9.11 -10.69 48.43
CA ALA B 132 -10.40 -10.86 49.09
C ALA B 132 -11.35 -11.68 48.23
N MET B 133 -11.53 -11.29 46.96
CA MET B 133 -12.40 -12.05 46.09
C MET B 133 -11.80 -13.41 45.73
N ALA B 134 -10.47 -13.55 45.80
CA ALA B 134 -9.86 -14.87 45.65
C ALA B 134 -10.32 -15.80 46.77
N ARG B 135 -10.29 -15.32 48.01
CA ARG B 135 -10.78 -16.10 49.13
C ARG B 135 -12.29 -16.35 49.01
N LYS B 136 -13.02 -15.36 48.51
CA LYS B 136 -14.46 -15.52 48.32
C LYS B 136 -14.76 -16.64 47.32
N SER B 137 -14.05 -16.64 46.19
CA SER B 137 -14.22 -17.70 45.20
C SER B 137 -13.74 -19.03 45.72
N LEU B 138 -12.73 -19.04 46.59
CA LEU B 138 -12.31 -20.28 47.22
C LEU B 138 -13.43 -20.87 48.08
N THR B 139 -14.07 -20.01 48.89
CA THR B 139 -15.20 -20.47 49.69
C THR B 139 -16.37 -20.92 48.82
N GLU B 140 -16.59 -20.24 47.69
CA GLU B 140 -17.65 -20.63 46.78
C GLU B 140 -17.37 -22.01 46.19
N MET B 141 -16.13 -22.25 45.75
CA MET B 141 -15.75 -23.55 45.22
C MET B 141 -15.89 -24.63 46.29
N ALA B 142 -15.59 -24.29 47.54
CA ALA B 142 -15.77 -25.24 48.64
C ALA B 142 -17.24 -25.58 48.82
N ASP B 143 -18.11 -24.57 48.81
CA ASP B 143 -19.54 -24.82 49.01
C ASP B 143 -20.16 -25.57 47.84
N LEU B 144 -19.64 -25.38 46.63
CA LEU B 144 -20.18 -26.08 45.47
C LEU B 144 -19.75 -27.55 45.48
N LEU B 145 -18.45 -27.80 45.51
CA LEU B 145 -17.92 -29.16 45.47
C LEU B 145 -17.99 -29.86 46.82
N ASN B 146 -18.65 -29.26 47.82
CA ASN B 146 -18.80 -29.85 49.15
C ASN B 146 -17.44 -30.12 49.80
N LEU B 147 -16.59 -29.11 49.78
CA LEU B 147 -15.26 -29.16 50.38
C LEU B 147 -15.05 -28.00 51.35
N GLN B 148 -16.06 -27.73 52.18
CA GLN B 148 -15.97 -26.58 53.08
C GLN B 148 -14.93 -26.78 54.18
N SER B 149 -14.77 -28.02 54.67
CA SER B 149 -13.79 -28.27 55.72
C SER B 149 -12.37 -28.04 55.23
N ALA B 150 -12.08 -28.48 54.00
CA ALA B 150 -10.74 -28.26 53.44
C ALA B 150 -10.45 -26.78 53.28
N ALA B 151 -11.44 -26.00 52.83
CA ALA B 151 -11.24 -24.56 52.67
C ALA B 151 -11.05 -23.88 54.02
N GLU B 152 -11.82 -24.30 55.03
CA GLU B 152 -11.65 -23.73 56.36
C GLU B 152 -10.25 -24.02 56.90
N THR B 153 -9.80 -25.27 56.75
CA THR B 153 -8.46 -25.63 57.21
C THR B 153 -7.39 -24.85 56.45
N HIS B 154 -7.56 -24.70 55.14
CA HIS B 154 -6.58 -23.96 54.34
C HIS B 154 -6.52 -22.49 54.75
N LEU B 155 -7.68 -21.86 54.97
CA LEU B 155 -7.69 -20.46 55.37
C LEU B 155 -7.12 -20.28 56.77
N ALA B 156 -7.38 -21.25 57.67
CA ALA B 156 -6.79 -21.19 59.01
C ALA B 156 -5.28 -21.32 58.94
N GLN B 157 -4.77 -22.23 58.12
CA GLN B 157 -3.32 -22.36 57.95
C GLN B 157 -2.73 -21.10 57.34
N TYR B 158 -3.45 -20.49 56.40
CA TYR B 158 -2.98 -19.25 55.80
C TYR B 158 -2.87 -18.14 56.84
N GLU B 159 -3.91 -17.98 57.66
CA GLU B 159 -3.89 -16.93 58.68
C GLU B 159 -2.82 -17.21 59.72
N ASP B 160 -2.60 -18.48 60.08
CA ASP B 160 -1.54 -18.80 61.03
C ASP B 160 -0.17 -18.51 60.45
N PHE B 161 0.05 -18.83 59.16
CA PHE B 161 1.32 -18.53 58.53
C PHE B 161 1.54 -17.03 58.41
N ILE B 162 0.47 -16.26 58.20
CA ILE B 162 0.59 -14.81 58.13
C ILE B 162 0.94 -14.24 59.51
N ARG B 163 0.25 -14.71 60.56
CA ARG B 163 0.53 -14.21 61.90
C ARG B 163 1.91 -14.65 62.40
N SER B 164 2.43 -15.77 61.89
CA SER B 164 3.73 -16.24 62.35
C SER B 164 4.84 -15.31 61.92
N MET B 165 4.76 -14.77 60.70
CA MET B 165 5.79 -13.88 60.18
C MET B 165 5.52 -12.40 60.52
N LYS B 166 4.67 -12.15 61.52
CA LYS B 166 4.37 -10.76 61.87
C LYS B 166 5.53 -10.09 62.62
N PRO B 167 6.09 -10.67 63.69
CA PRO B 167 7.19 -9.98 64.39
C PRO B 167 8.47 -9.88 63.58
N ARG B 168 8.57 -10.57 62.45
CA ARG B 168 9.76 -10.53 61.62
C ARG B 168 9.85 -9.27 60.76
N PHE B 169 8.77 -8.49 60.67
CA PHE B 169 8.74 -7.29 59.85
C PHE B 169 8.43 -6.03 60.65
N VAL B 170 8.47 -6.11 61.98
CA VAL B 170 8.16 -4.96 62.82
C VAL B 170 9.40 -4.17 63.24
N LYS B 171 10.57 -4.82 63.31
CA LYS B 171 11.78 -4.14 63.72
C LYS B 171 12.36 -3.24 62.63
N ARG B 172 11.93 -3.42 61.38
CA ARG B 172 12.44 -2.60 60.29
C ARG B 172 11.86 -1.19 60.30
N GLY B 173 10.73 -0.98 60.99
CA GLY B 173 10.13 0.33 61.07
C GLY B 173 9.10 0.59 59.99
N ALA B 174 8.98 1.85 59.59
CA ALA B 174 8.03 2.26 58.56
C ALA B 174 8.72 2.61 57.24
N ARG B 175 9.87 2.02 56.98
CA ARG B 175 10.57 2.28 55.73
C ARG B 175 9.78 1.70 54.56
N PRO B 176 9.53 2.48 53.51
CA PRO B 176 8.69 1.98 52.42
C PRO B 176 9.39 0.90 51.61
N LEU B 177 8.62 -0.11 51.23
CA LEU B 177 9.12 -1.21 50.40
C LEU B 177 8.65 -1.02 48.97
N LEU B 178 9.55 -1.31 48.03
CA LEU B 178 9.28 -1.13 46.60
C LEU B 178 9.35 -2.49 45.92
N LEU B 179 8.28 -2.87 45.23
CA LEU B 179 8.19 -4.16 44.55
C LEU B 179 8.33 -3.92 43.05
N THR B 180 9.46 -4.34 42.49
CA THR B 180 9.75 -4.16 41.07
C THR B 180 10.14 -5.50 40.44
N THR B 181 10.15 -5.51 39.12
CA THR B 181 10.62 -6.65 38.34
C THR B 181 11.23 -6.12 37.05
N LEU B 182 12.32 -6.73 36.62
CA LEU B 182 13.04 -6.23 35.44
C LEU B 182 12.38 -6.71 34.17
N ILE B 183 12.05 -5.76 33.29
CA ILE B 183 11.55 -6.09 31.95
C ILE B 183 12.69 -6.08 30.95
N ASP B 184 13.48 -5.02 30.94
CA ASP B 184 14.61 -4.86 30.05
C ASP B 184 15.59 -3.91 30.71
N PRO B 185 16.82 -3.79 30.18
CA PRO B 185 17.79 -2.86 30.80
C PRO B 185 17.40 -1.40 30.66
N ARG B 186 16.13 -1.12 30.35
CA ARG B 186 15.67 0.26 30.23
C ARG B 186 14.36 0.55 30.96
N HIS B 187 13.54 -0.44 31.28
CA HIS B 187 12.28 -0.24 31.98
C HIS B 187 12.16 -1.23 33.14
N MET B 188 11.10 -1.06 33.92
CA MET B 188 10.84 -1.93 35.07
C MET B 188 9.34 -1.95 35.36
N LEU B 189 8.82 -3.13 35.66
CA LEU B 189 7.42 -3.31 36.02
C LEU B 189 7.30 -3.20 37.53
N VAL B 190 6.63 -2.16 38.02
CA VAL B 190 6.48 -1.89 39.44
C VAL B 190 5.06 -2.21 39.86
N PHE B 191 4.92 -2.80 41.05
CA PHE B 191 3.59 -3.10 41.59
C PHE B 191 3.02 -1.86 42.27
N GLY B 192 1.77 -1.56 41.98
CA GLY B 192 1.12 -0.38 42.51
C GLY B 192 0.40 -0.63 43.82
N PRO B 193 -0.35 0.36 44.29
CA PRO B 193 -1.09 0.20 45.56
C PRO B 193 -2.28 -0.73 45.46
N ASN B 194 -2.61 -1.25 44.28
CA ASN B 194 -3.72 -2.17 44.10
C ASN B 194 -3.27 -3.56 43.64
N SER B 195 -2.03 -3.93 43.95
CA SER B 195 -1.50 -5.22 43.53
C SER B 195 -1.98 -6.31 44.48
N LEU B 196 -1.62 -7.56 44.16
CA LEU B 196 -2.01 -8.68 45.02
C LEU B 196 -1.19 -8.71 46.30
N PHE B 197 0.03 -8.18 46.28
CA PHE B 197 0.91 -8.17 47.43
C PHE B 197 0.71 -6.94 48.32
N GLN B 198 -0.43 -6.27 48.18
CA GLN B 198 -0.69 -5.07 48.98
C GLN B 198 -1.37 -5.38 50.30
N GLU B 199 -2.24 -6.39 50.34
CA GLU B 199 -2.84 -6.80 51.61
C GLU B 199 -1.78 -7.33 52.57
N ILE B 200 -0.78 -8.03 52.03
CA ILE B 200 0.33 -8.49 52.86
C ILE B 200 1.12 -7.31 53.39
N LEU B 201 1.38 -6.32 52.53
CA LEU B 201 2.10 -5.13 52.98
C LEU B 201 1.29 -4.33 53.98
N ASP B 202 -0.03 -4.24 53.76
CA ASP B 202 -0.87 -3.47 54.68
C ASP B 202 -0.96 -4.15 56.04
N GLU B 203 -1.07 -5.48 56.07
CA GLU B 203 -1.19 -6.17 57.34
C GLU B 203 0.11 -6.10 58.14
N TYR B 204 1.25 -6.07 57.45
CA TYR B 204 2.55 -6.03 58.11
C TYR B 204 2.99 -4.61 58.43
N GLY B 205 2.14 -3.62 58.22
CA GLY B 205 2.50 -2.23 58.50
C GLY B 205 3.64 -1.72 57.64
N ILE B 206 3.67 -2.13 56.37
CA ILE B 206 4.73 -1.72 55.45
C ILE B 206 4.13 -0.92 54.31
N PRO B 207 4.31 0.40 54.29
CA PRO B 207 3.76 1.19 53.19
C PRO B 207 4.51 0.94 51.89
N ASN B 208 3.75 0.98 50.79
CA ASN B 208 4.34 0.80 49.48
C ASN B 208 5.10 2.05 49.05
N ALA B 209 6.27 1.85 48.45
CA ALA B 209 7.08 2.98 48.03
C ALA B 209 6.50 3.67 46.80
N TRP B 210 5.89 2.91 45.90
CA TRP B 210 5.31 3.49 44.70
C TRP B 210 4.03 4.23 45.05
N GLN B 211 4.00 5.54 44.76
CA GLN B 211 2.85 6.38 45.07
C GLN B 211 2.45 7.23 43.87
N GLY B 212 2.62 6.70 42.66
CA GLY B 212 2.27 7.43 41.46
C GLY B 212 1.15 6.77 40.67
N GLU B 213 1.38 6.58 39.38
CA GLU B 213 0.38 5.96 38.53
C GLU B 213 0.25 4.48 38.86
N THR B 214 -0.92 3.92 38.53
CA THR B 214 -1.17 2.50 38.75
C THR B 214 -2.35 2.08 37.88
N ASN B 215 -2.38 0.79 37.56
CA ASN B 215 -3.45 0.18 36.78
C ASN B 215 -4.23 -0.78 37.66
N PHE B 216 -5.38 -1.24 37.14
CA PHE B 216 -6.30 -2.00 37.96
C PHE B 216 -5.82 -3.43 38.24
N TRP B 217 -4.81 -3.92 37.54
CA TRP B 217 -4.27 -5.24 37.84
C TRP B 217 -3.06 -5.21 38.77
N GLY B 218 -2.54 -4.03 39.08
CA GLY B 218 -1.47 -3.92 40.04
C GLY B 218 -0.07 -3.93 39.47
N SER B 219 0.12 -3.46 38.24
CA SER B 219 1.44 -3.43 37.63
C SER B 219 1.50 -2.27 36.64
N THR B 220 2.64 -1.59 36.61
CA THR B 220 2.86 -0.48 35.69
C THR B 220 4.30 -0.48 35.22
N ALA B 221 4.49 -0.28 33.92
CA ALA B 221 5.82 -0.25 33.32
C ALA B 221 6.36 1.17 33.34
N VAL B 222 7.41 1.40 34.13
CA VAL B 222 7.99 2.72 34.30
C VAL B 222 9.45 2.67 33.86
N SER B 223 10.06 3.85 33.77
CA SER B 223 11.45 3.97 33.38
C SER B 223 12.37 3.71 34.56
N ILE B 224 13.65 3.50 34.26
CA ILE B 224 14.64 3.27 35.31
C ILE B 224 14.96 4.57 36.04
N ASP B 225 15.07 5.68 35.29
CA ASP B 225 15.46 6.94 35.91
C ASP B 225 14.41 7.46 36.88
N ARG B 226 13.15 7.08 36.69
CA ARG B 226 12.10 7.50 37.61
C ARG B 226 12.35 6.98 39.02
N LEU B 227 12.91 5.77 39.14
CA LEU B 227 13.26 5.23 40.45
C LEU B 227 14.29 6.10 41.16
N ALA B 228 14.97 6.99 40.43
CA ALA B 228 15.88 7.93 41.06
C ALA B 228 15.17 8.90 42.00
N ALA B 229 13.87 9.10 41.82
CA ALA B 229 13.13 10.01 42.69
C ALA B 229 12.89 9.44 44.07
N TYR B 230 13.24 8.18 44.31
CA TYR B 230 13.03 7.52 45.59
C TYR B 230 14.36 7.34 46.29
N LYS B 231 14.47 7.85 47.51
CA LYS B 231 15.72 7.78 48.27
C LYS B 231 15.73 6.59 49.21
N ASP B 232 15.00 6.68 50.33
CA ASP B 232 15.00 5.63 51.34
C ASP B 232 13.89 4.64 50.99
N VAL B 233 14.18 3.77 50.04
CA VAL B 233 13.27 2.71 49.63
C VAL B 233 14.05 1.41 49.53
N ASP B 234 13.36 0.30 49.83
CA ASP B 234 13.96 -1.03 49.80
C ASP B 234 13.48 -1.73 48.53
N VAL B 235 14.20 -1.51 47.44
CA VAL B 235 13.80 -2.04 46.14
C VAL B 235 14.09 -3.53 46.11
N LEU B 236 13.05 -4.33 45.86
CA LEU B 236 13.17 -5.78 45.74
C LEU B 236 12.76 -6.16 44.32
N CYS B 237 13.70 -6.68 43.55
CA CYS B 237 13.46 -7.03 42.15
C CYS B 237 13.50 -8.54 41.96
N PHE B 238 12.59 -9.05 41.15
CA PHE B 238 12.50 -10.47 40.86
C PHE B 238 13.20 -10.80 39.54
N ASP B 239 13.69 -12.03 39.44
CA ASP B 239 14.44 -12.48 38.27
C ASP B 239 13.74 -13.69 37.64
N HIS B 240 13.58 -13.66 36.32
CA HIS B 240 12.98 -14.78 35.59
C HIS B 240 13.55 -14.76 34.17
N ASP B 241 14.69 -15.43 34.01
CA ASP B 241 15.38 -15.53 32.72
C ASP B 241 15.69 -14.14 32.15
N ASN B 242 16.47 -13.38 32.91
CA ASN B 242 16.87 -12.03 32.51
C ASN B 242 18.18 -11.64 33.18
N SER B 243 19.10 -12.60 33.32
CA SER B 243 20.37 -12.31 33.97
C SER B 243 21.24 -11.41 33.12
N LYS B 244 21.25 -11.62 31.81
CA LYS B 244 22.05 -10.77 30.93
C LYS B 244 21.55 -9.34 30.95
N ASP B 245 20.23 -9.15 30.97
CA ASP B 245 19.66 -7.80 31.07
C ASP B 245 20.03 -7.18 32.41
N MET B 246 20.04 -7.97 33.48
CA MET B 246 20.43 -7.44 34.79
C MET B 246 21.89 -6.99 34.78
N ASP B 247 22.77 -7.77 34.17
CA ASP B 247 24.17 -7.37 34.09
C ASP B 247 24.33 -6.12 33.23
N ALA B 248 23.64 -6.04 32.10
CA ALA B 248 23.72 -4.86 31.25
C ALA B 248 23.18 -3.62 31.95
N LEU B 249 22.20 -3.79 32.84
CA LEU B 249 21.67 -2.65 33.58
C LEU B 249 22.61 -2.22 34.68
N MET B 250 23.09 -3.16 35.50
CA MET B 250 23.96 -2.81 36.62
C MET B 250 25.37 -2.45 36.18
N ALA B 251 25.74 -2.70 34.92
CA ALA B 251 27.05 -2.30 34.44
C ALA B 251 27.14 -0.81 34.14
N THR B 252 26.01 -0.14 33.94
CA THR B 252 26.00 1.27 33.62
C THR B 252 26.30 2.12 34.86
N PRO B 253 26.97 3.26 34.69
CA PRO B 253 27.24 4.11 35.86
C PRO B 253 26.00 4.79 36.41
N LEU B 254 24.97 5.01 35.57
CA LEU B 254 23.74 5.61 36.06
C LEU B 254 23.09 4.74 37.13
N TRP B 255 23.03 3.43 36.89
CA TRP B 255 22.47 2.53 37.90
C TRP B 255 23.36 2.43 39.13
N GLN B 256 24.68 2.53 38.95
CA GLN B 256 25.58 2.49 40.09
C GLN B 256 25.46 3.74 40.96
N ALA B 257 25.06 4.87 40.36
CA ALA B 257 24.90 6.11 41.08
C ALA B 257 23.48 6.31 41.62
N MET B 258 22.65 5.27 41.59
CA MET B 258 21.30 5.38 42.11
C MET B 258 21.32 5.49 43.64
N PRO B 259 20.33 6.16 44.23
CA PRO B 259 20.36 6.35 45.69
C PRO B 259 20.05 5.09 46.47
N PHE B 260 19.21 4.19 45.93
CA PHE B 260 18.84 3.00 46.68
C PHE B 260 19.91 1.92 46.66
N VAL B 261 20.84 1.96 45.70
CA VAL B 261 21.91 0.97 45.66
C VAL B 261 23.14 1.45 46.42
N ARG B 262 23.41 2.76 46.41
CA ARG B 262 24.55 3.28 47.15
C ARG B 262 24.35 3.20 48.66
N ALA B 263 23.11 3.05 49.12
CA ALA B 263 22.81 2.87 50.53
C ALA B 263 22.64 1.41 50.92
N GLY B 264 22.78 0.49 49.98
CA GLY B 264 22.63 -0.92 50.27
C GLY B 264 21.21 -1.33 50.51
N ARG B 265 20.32 -1.06 49.55
CA ARG B 265 18.90 -1.37 49.70
C ARG B 265 18.34 -2.21 48.55
N PHE B 266 19.17 -2.57 47.57
CA PHE B 266 18.72 -3.37 46.42
C PHE B 266 19.30 -4.77 46.56
N GLN B 267 18.42 -5.77 46.61
CA GLN B 267 18.83 -7.16 46.63
C GLN B 267 17.90 -7.96 45.72
N ARG B 268 18.47 -8.97 45.07
CA ARG B 268 17.72 -9.81 44.14
C ARG B 268 17.17 -11.03 44.89
N VAL B 269 15.89 -11.33 44.70
CA VAL B 269 15.23 -12.42 45.39
C VAL B 269 14.56 -13.31 44.34
N PRO B 270 14.33 -14.60 44.64
CA PRO B 270 13.66 -15.46 43.66
C PRO B 270 12.27 -14.96 43.32
N ALA B 271 11.89 -15.18 42.06
CA ALA B 271 10.62 -14.67 41.56
C ALA B 271 9.45 -15.50 42.07
N VAL B 272 8.32 -14.83 42.28
CA VAL B 272 7.08 -15.47 42.67
C VAL B 272 6.03 -15.18 41.62
N TRP B 273 4.88 -15.84 41.75
CA TRP B 273 3.78 -15.66 40.82
C TRP B 273 2.94 -14.47 41.27
N PHE B 274 2.86 -13.45 40.41
CA PHE B 274 2.23 -12.19 40.80
C PHE B 274 0.72 -12.35 40.92
N TYR B 275 0.08 -12.88 39.87
CA TYR B 275 -1.38 -13.03 39.84
C TYR B 275 -1.73 -14.43 40.33
N GLY B 276 -1.65 -14.60 41.65
CA GLY B 276 -1.95 -15.88 42.26
C GLY B 276 -3.09 -15.84 43.25
N ALA B 277 -2.97 -16.60 44.34
CA ALA B 277 -4.00 -16.63 45.37
C ALA B 277 -3.39 -16.70 46.76
N THR B 278 -3.64 -17.79 47.47
CA THR B 278 -3.10 -17.96 48.81
C THR B 278 -1.72 -18.59 48.82
N LEU B 279 -1.48 -19.57 47.93
CA LEU B 279 -0.17 -20.20 47.88
C LEU B 279 0.89 -19.23 47.34
N SER B 280 0.53 -18.42 46.33
CA SER B 280 1.44 -17.39 45.87
C SER B 280 1.71 -16.36 46.96
N ALA B 281 0.70 -16.08 47.79
CA ALA B 281 0.91 -15.17 48.91
C ALA B 281 1.86 -15.76 49.94
N MET B 282 1.73 -17.06 50.23
CA MET B 282 2.67 -17.71 51.13
C MET B 282 4.08 -17.67 50.57
N HIS B 283 4.22 -17.91 49.26
CA HIS B 283 5.55 -17.86 48.64
C HIS B 283 6.14 -16.47 48.72
N PHE B 284 5.33 -15.43 48.47
CA PHE B 284 5.82 -14.06 48.56
C PHE B 284 6.20 -13.71 49.99
N VAL B 285 5.44 -14.20 50.98
CA VAL B 285 5.75 -13.93 52.37
C VAL B 285 7.07 -14.60 52.76
N ARG B 286 7.28 -15.84 52.30
CA ARG B 286 8.54 -16.53 52.60
C ARG B 286 9.71 -15.83 51.93
N VAL B 287 9.51 -15.33 50.70
CA VAL B 287 10.57 -14.59 50.02
C VAL B 287 10.90 -13.32 50.78
N LEU B 288 9.88 -12.59 51.22
CA LEU B 288 10.10 -11.36 51.98
C LEU B 288 10.80 -11.65 53.30
N ASP B 289 10.46 -12.76 53.94
CA ASP B 289 11.11 -13.14 55.20
C ASP B 289 12.58 -13.49 54.98
N ASN B 290 12.87 -14.22 53.90
CA ASN B 290 14.26 -14.55 53.60
C ASN B 290 15.05 -13.31 53.17
N ALA B 291 14.36 -12.30 52.63
CA ALA B 291 15.03 -11.09 52.18
C ALA B 291 15.18 -10.08 53.31
N ILE B 292 14.11 -9.34 53.61
CA ILE B 292 14.18 -8.24 54.57
C ILE B 292 13.77 -8.65 55.98
N GLY B 293 13.53 -9.93 56.21
CA GLY B 293 13.10 -10.38 57.52
C GLY B 293 14.23 -10.28 58.53
N GLY B 294 14.08 -9.41 59.53
CA GLY B 294 15.07 -9.26 60.57
C GLY B 294 16.32 -8.52 60.14
N LYS B 295 16.15 -7.34 59.55
CA LYS B 295 17.27 -6.51 59.10
C LYS B 295 17.56 -5.37 60.07
N ALA B 296 16.56 -4.57 60.41
CA ALA B 296 16.75 -3.46 61.34
C ALA B 296 16.11 -3.76 62.68
N THR C 11 26.13 3.53 -39.09
CA THR C 11 27.14 2.47 -39.04
C THR C 11 26.59 1.21 -38.38
N PHE C 12 25.27 1.03 -38.45
CA PHE C 12 24.59 -0.12 -37.87
C PHE C 12 24.11 -1.04 -38.99
N ALA C 13 24.36 -2.34 -38.81
CA ALA C 13 23.91 -3.36 -39.76
C ALA C 13 23.07 -4.37 -39.00
N LEU C 14 21.78 -4.43 -39.30
CA LEU C 14 20.83 -5.27 -38.59
C LEU C 14 20.45 -6.47 -39.44
N ARG C 15 20.40 -7.64 -38.81
CA ARG C 15 19.95 -8.88 -39.42
C ARG C 15 18.93 -9.50 -38.46
N ASN C 16 17.64 -9.30 -38.75
CA ASN C 16 16.56 -9.69 -37.84
C ASN C 16 15.76 -10.81 -38.50
N ILE C 17 16.02 -12.05 -38.11
CA ILE C 17 15.29 -13.19 -38.66
C ILE C 17 13.95 -13.34 -37.95
N SER C 18 13.95 -13.25 -36.61
CA SER C 18 12.73 -13.38 -35.84
C SER C 18 12.70 -12.29 -34.76
N PHE C 19 11.57 -11.60 -34.66
CA PHE C 19 11.43 -10.58 -33.63
C PHE C 19 11.26 -11.21 -32.25
N ARG C 20 10.41 -12.22 -32.16
CA ARG C 20 10.17 -12.92 -30.90
C ARG C 20 9.53 -14.27 -31.21
N VAL C 21 9.79 -15.24 -30.34
CA VAL C 21 9.28 -16.60 -30.51
C VAL C 21 7.74 -16.60 -30.49
N PRO C 22 7.07 -15.98 -29.52
CA PRO C 22 5.61 -15.90 -29.60
C PRO C 22 5.15 -15.14 -30.84
N GLY C 23 3.98 -15.50 -31.34
CA GLY C 23 3.48 -14.93 -32.57
C GLY C 23 3.06 -13.48 -32.48
N ARG C 24 3.57 -12.67 -33.40
CA ARG C 24 3.16 -11.27 -33.55
C ARG C 24 2.24 -11.19 -34.75
N THR C 25 1.57 -10.04 -34.91
CA THR C 25 0.64 -9.78 -36.01
C THR C 25 1.32 -10.22 -37.31
N LEU C 26 2.53 -9.74 -37.62
CA LEU C 26 3.31 -10.24 -38.74
C LEU C 26 4.77 -10.28 -38.34
N LEU C 27 5.47 -11.34 -38.75
CA LEU C 27 6.88 -11.53 -38.42
C LEU C 27 7.59 -12.16 -39.61
N HIS C 28 8.67 -11.53 -40.07
CA HIS C 28 9.41 -12.01 -41.22
C HIS C 28 10.86 -11.54 -41.09
N PRO C 29 11.81 -12.27 -41.67
CA PRO C 29 13.21 -11.87 -41.58
C PRO C 29 13.52 -10.71 -42.51
N LEU C 30 14.61 -10.00 -42.18
CA LEU C 30 15.09 -8.89 -42.98
C LEU C 30 16.53 -8.59 -42.58
N SER C 31 17.17 -7.74 -43.38
CA SER C 31 18.56 -7.38 -43.15
C SER C 31 18.85 -6.08 -43.90
N LEU C 32 19.40 -5.10 -43.18
CA LEU C 32 19.71 -3.82 -43.81
C LEU C 32 20.80 -3.10 -43.03
N THR C 33 21.55 -2.27 -43.73
CA THR C 33 22.64 -1.49 -43.15
C THR C 33 22.25 -0.01 -43.11
N PHE C 34 22.35 0.59 -41.92
CA PHE C 34 22.02 2.00 -41.76
C PHE C 34 23.18 2.88 -42.22
N PRO C 35 22.89 4.07 -42.72
CA PRO C 35 23.96 4.97 -43.17
C PRO C 35 24.84 5.42 -42.01
N ALA C 36 25.97 6.03 -42.36
CA ALA C 36 26.93 6.49 -41.37
C ALA C 36 26.65 7.89 -40.85
N GLY C 37 26.32 8.82 -41.74
CA GLY C 37 26.07 10.19 -41.34
C GLY C 37 24.87 10.82 -42.00
N LYS C 38 23.88 10.01 -42.35
CA LYS C 38 22.66 10.48 -42.99
C LYS C 38 21.50 10.40 -42.00
N VAL C 39 20.31 10.72 -42.49
CA VAL C 39 19.08 10.69 -41.70
C VAL C 39 18.24 9.52 -42.15
N THR C 40 17.90 8.64 -41.22
CA THR C 40 17.12 7.44 -41.50
C THR C 40 15.69 7.63 -40.99
N GLY C 41 14.72 7.38 -41.85
CA GLY C 41 13.32 7.51 -41.49
C GLY C 41 12.56 6.20 -41.59
N LEU C 42 12.19 5.64 -40.45
CA LEU C 42 11.45 4.40 -40.38
C LEU C 42 9.95 4.70 -40.41
N ILE C 43 9.25 4.18 -41.41
CA ILE C 43 7.81 4.39 -41.53
C ILE C 43 7.11 3.03 -41.50
N GLY C 44 5.84 3.05 -41.12
CA GLY C 44 5.07 1.84 -41.02
C GLY C 44 3.71 2.12 -40.41
N HIS C 45 2.86 1.10 -40.46
CA HIS C 45 1.49 1.21 -39.96
C HIS C 45 1.47 0.85 -38.48
N ASN C 46 1.58 1.85 -37.61
CA ASN C 46 1.49 1.70 -36.16
C ASN C 46 2.59 0.74 -35.72
N GLY C 47 2.39 -0.06 -34.67
CA GLY C 47 3.44 -0.92 -34.17
C GLY C 47 3.39 -2.32 -34.72
N SER C 48 2.75 -2.49 -35.88
CA SER C 48 2.66 -3.80 -36.54
C SER C 48 3.97 -4.09 -37.28
N GLY C 49 4.99 -4.44 -36.50
CA GLY C 49 6.30 -4.77 -37.02
C GLY C 49 7.29 -3.62 -37.03
N LYS C 50 6.82 -2.37 -37.08
CA LYS C 50 7.73 -1.23 -37.09
C LYS C 50 8.32 -0.98 -35.70
N SER C 51 7.53 -1.20 -34.65
CA SER C 51 8.00 -0.97 -33.29
C SER C 51 9.14 -1.92 -32.93
N THR C 52 9.01 -3.20 -33.30
CA THR C 52 9.99 -4.20 -32.89
C THR C 52 11.39 -3.87 -33.36
N LEU C 53 11.52 -3.22 -34.53
CA LEU C 53 12.83 -2.90 -35.07
C LEU C 53 13.61 -1.98 -34.13
N LEU C 54 13.03 -0.82 -33.82
CA LEU C 54 13.72 0.11 -32.93
C LEU C 54 13.72 -0.35 -31.48
N LYS C 55 12.76 -1.19 -31.07
CA LYS C 55 12.80 -1.72 -29.71
C LYS C 55 13.96 -2.70 -29.55
N MET C 56 14.23 -3.50 -30.58
CA MET C 56 15.39 -4.39 -30.56
C MET C 56 16.69 -3.60 -30.67
N LEU C 57 16.70 -2.54 -31.50
CA LEU C 57 17.87 -1.69 -31.58
C LEU C 57 18.17 -1.04 -30.22
N GLY C 58 17.13 -0.65 -29.49
CA GLY C 58 17.29 -0.10 -28.16
C GLY C 58 17.69 -1.12 -27.10
N ARG C 59 17.84 -2.39 -27.50
CA ARG C 59 18.20 -3.47 -26.60
C ARG C 59 17.13 -3.74 -25.55
N HIS C 60 15.89 -3.38 -25.85
CA HIS C 60 14.74 -3.77 -25.04
C HIS C 60 14.08 -5.04 -25.55
N GLN C 61 14.57 -5.60 -26.65
CA GLN C 61 14.01 -6.80 -27.26
C GLN C 61 15.18 -7.70 -27.65
N PRO C 62 15.12 -8.99 -27.33
CA PRO C 62 16.23 -9.89 -27.67
C PRO C 62 16.32 -10.11 -29.17
N PRO C 63 17.54 -10.18 -29.71
CA PRO C 63 17.69 -10.38 -31.17
C PRO C 63 17.41 -11.80 -31.64
N SER C 64 16.98 -12.70 -30.73
CA SER C 64 16.66 -14.07 -31.08
C SER C 64 17.85 -14.77 -31.72
N GLU C 65 17.89 -14.81 -33.06
CA GLU C 65 18.94 -15.50 -33.79
C GLU C 65 19.71 -14.55 -34.71
N GLY C 66 19.71 -13.26 -34.42
CA GLY C 66 20.39 -12.30 -35.27
C GLY C 66 21.48 -11.54 -34.55
N GLU C 67 22.46 -11.04 -35.30
CA GLU C 67 23.58 -10.29 -34.74
C GLU C 67 23.45 -8.82 -35.12
N ILE C 68 23.89 -7.95 -34.21
CA ILE C 68 23.86 -6.51 -34.40
C ILE C 68 25.27 -5.98 -34.13
N LEU C 69 25.92 -5.46 -35.16
CA LEU C 69 27.28 -4.94 -35.04
C LEU C 69 27.23 -3.52 -34.51
N LEU C 70 27.80 -3.30 -33.32
CA LEU C 70 27.87 -1.97 -32.73
C LEU C 70 29.10 -1.27 -33.30
N ASP C 71 28.91 -0.62 -34.45
CA ASP C 71 29.99 0.03 -35.19
C ASP C 71 31.13 -0.95 -35.49
N ALA C 72 30.77 -2.21 -35.73
CA ALA C 72 31.76 -3.24 -36.01
C ALA C 72 32.65 -3.56 -34.83
N GLN C 73 32.04 -3.79 -33.66
CA GLN C 73 32.78 -4.14 -32.46
C GLN C 73 32.42 -5.51 -31.92
N PRO C 74 31.13 -5.81 -31.77
CA PRO C 74 30.69 -7.10 -31.25
C PRO C 74 29.24 -7.32 -31.69
N LEU C 75 28.64 -8.40 -31.20
CA LEU C 75 27.27 -8.76 -31.54
C LEU C 75 26.26 -8.32 -30.49
N GLU C 76 26.57 -8.50 -29.21
CA GLU C 76 25.67 -8.13 -28.12
C GLU C 76 26.49 -8.14 -26.82
N SER C 77 25.80 -7.85 -25.72
CA SER C 77 26.37 -7.92 -24.38
C SER C 77 27.59 -7.01 -24.24
N TRP C 78 27.35 -5.72 -24.51
CA TRP C 78 28.37 -4.70 -24.38
C TRP C 78 28.15 -3.88 -23.11
N SER C 79 29.19 -3.15 -22.71
CA SER C 79 29.13 -2.36 -21.49
C SER C 79 28.02 -1.31 -21.59
N SER C 80 27.17 -1.26 -20.56
CA SER C 80 26.02 -0.36 -20.59
C SER C 80 26.46 1.10 -20.53
N LYS C 81 27.59 1.40 -19.89
CA LYS C 81 28.05 2.78 -19.81
C LYS C 81 28.41 3.32 -21.19
N ALA C 82 29.31 2.63 -21.89
CA ALA C 82 29.66 3.03 -23.25
C ALA C 82 28.47 2.92 -24.19
N PHE C 83 27.56 1.98 -23.91
CA PHE C 83 26.35 1.86 -24.72
C PHE C 83 25.53 3.13 -24.64
N ALA C 84 25.23 3.59 -23.42
CA ALA C 84 24.47 4.82 -23.24
C ALA C 84 25.24 6.02 -23.77
N ARG C 85 26.57 6.02 -23.62
CA ARG C 85 27.37 7.11 -24.18
C ARG C 85 27.33 7.12 -25.70
N LYS C 86 27.03 5.98 -26.33
CA LYS C 86 27.02 5.88 -27.78
C LYS C 86 25.65 6.23 -28.38
N VAL C 87 24.59 5.61 -27.87
CA VAL C 87 23.25 5.79 -28.43
C VAL C 87 22.39 6.57 -27.44
N ALA C 88 21.50 7.40 -27.96
CA ALA C 88 20.51 8.12 -27.16
C ALA C 88 19.13 7.75 -27.69
N TYR C 89 18.37 7.02 -26.89
CA TYR C 89 17.08 6.50 -27.30
C TYR C 89 15.95 7.26 -26.61
N LEU C 90 14.86 7.45 -27.34
CA LEU C 90 13.66 8.11 -26.85
C LEU C 90 12.56 7.07 -26.69
N PRO C 91 11.88 7.02 -25.53
CA PRO C 91 10.84 5.99 -25.33
C PRO C 91 9.72 6.10 -26.35
N GLN C 92 9.09 4.96 -26.62
CA GLN C 92 8.09 4.81 -27.68
C GLN C 92 6.70 5.00 -27.08
N GLN C 93 6.16 6.21 -27.21
CA GLN C 93 4.85 6.57 -26.63
C GLN C 93 4.81 6.32 -25.13
N LEU C 94 5.97 6.39 -24.47
CA LEU C 94 6.09 6.29 -23.02
C LEU C 94 6.78 7.54 -22.50
N PRO C 95 6.09 8.67 -22.47
CA PRO C 95 6.72 9.91 -22.04
C PRO C 95 6.97 9.90 -20.54
N PRO C 96 8.16 10.34 -20.10
CA PRO C 96 8.43 10.41 -18.66
C PRO C 96 7.55 11.44 -17.98
N ALA C 97 6.82 11.01 -16.96
CA ALA C 97 5.91 11.88 -16.22
C ALA C 97 6.54 12.46 -14.97
N GLU C 98 7.86 12.32 -14.80
CA GLU C 98 8.56 12.81 -13.63
C GLU C 98 9.61 13.84 -14.06
N GLY C 99 9.82 14.84 -13.22
CA GLY C 99 10.78 15.90 -13.51
C GLY C 99 10.55 17.13 -12.65
N MET C 100 11.59 17.95 -12.48
CA MET C 100 11.48 19.11 -11.60
C MET C 100 11.98 20.38 -12.27
N THR C 101 13.15 20.34 -12.89
CA THR C 101 13.77 21.52 -13.49
C THR C 101 14.36 21.16 -14.84
N VAL C 102 14.17 22.05 -15.83
CA VAL C 102 14.70 21.80 -17.16
C VAL C 102 16.23 21.71 -17.13
N ARG C 103 16.87 22.62 -16.39
CA ARG C 103 18.32 22.57 -16.28
C ARG C 103 18.77 21.30 -15.56
N GLU C 104 18.04 20.90 -14.51
CA GLU C 104 18.35 19.65 -13.83
C GLU C 104 18.25 18.47 -14.79
N LEU C 105 17.24 18.48 -15.67
CA LEU C 105 17.06 17.38 -16.60
C LEU C 105 18.18 17.35 -17.64
N VAL C 106 18.52 18.50 -18.23
CA VAL C 106 19.54 18.48 -19.27
C VAL C 106 20.92 18.22 -18.65
N ALA C 107 21.10 18.52 -17.36
CA ALA C 107 22.37 18.21 -16.71
C ALA C 107 22.46 16.74 -16.34
N ILE C 108 21.36 16.17 -15.83
CA ILE C 108 21.35 14.74 -15.52
C ILE C 108 21.40 13.90 -16.79
N GLY C 109 21.06 14.48 -17.94
CA GLY C 109 21.27 13.79 -19.20
C GLY C 109 22.71 13.45 -19.48
N ARG C 110 23.66 14.14 -18.82
CA ARG C 110 25.08 13.84 -18.96
C ARG C 110 25.51 12.76 -17.97
N TYR C 111 24.65 11.77 -17.75
CA TYR C 111 25.00 10.70 -16.79
C TYR C 111 26.11 9.79 -17.31
N PRO C 112 25.99 9.16 -18.49
CA PRO C 112 26.96 8.12 -18.86
C PRO C 112 28.37 8.64 -19.13
N TRP C 113 28.62 9.94 -19.04
CA TRP C 113 29.96 10.46 -19.27
C TRP C 113 30.81 10.49 -18.00
N HIS C 114 30.24 10.93 -16.88
CA HIS C 114 30.96 10.95 -15.61
C HIS C 114 30.63 9.77 -14.71
N GLY C 115 29.55 9.04 -14.99
CA GLY C 115 29.20 7.88 -14.20
C GLY C 115 28.43 8.25 -12.94
N ALA C 116 28.26 7.25 -12.08
CA ALA C 116 27.55 7.44 -10.83
C ALA C 116 28.32 8.38 -9.90
N LEU C 117 29.57 8.05 -9.60
CA LEU C 117 30.46 8.92 -8.83
C LEU C 117 31.06 9.95 -9.78
N GLY C 118 30.20 10.82 -10.29
CA GLY C 118 30.59 11.76 -11.32
C GLY C 118 31.46 12.88 -10.77
N ARG C 119 32.42 13.30 -11.58
CA ARG C 119 33.30 14.43 -11.24
C ARG C 119 32.78 15.71 -11.88
N PHE C 120 31.52 16.02 -11.59
CA PHE C 120 30.86 17.18 -12.20
C PHE C 120 31.39 18.51 -11.68
N GLY C 121 32.23 18.51 -10.64
CA GLY C 121 32.76 19.76 -10.11
C GLY C 121 33.74 20.44 -11.06
N ALA C 122 34.12 19.79 -12.16
CA ALA C 122 35.06 20.37 -13.10
C ALA C 122 34.39 21.01 -14.31
N ALA C 123 34.48 20.35 -15.45
CA ALA C 123 33.93 20.89 -16.68
C ALA C 123 32.50 20.47 -16.93
N ASP C 124 32.19 20.12 -18.18
CA ASP C 124 30.89 19.68 -18.67
C ASP C 124 29.82 20.77 -18.59
N ARG C 125 30.18 21.99 -18.19
CA ARG C 125 29.21 23.08 -18.16
C ARG C 125 29.04 23.72 -19.54
N GLU C 126 30.11 23.79 -20.32
CA GLU C 126 30.02 24.40 -21.65
C GLU C 126 29.11 23.58 -22.55
N LYS C 127 29.09 22.25 -22.38
CA LYS C 127 28.25 21.42 -23.23
C LYS C 127 26.77 21.64 -22.91
N VAL C 128 26.41 21.69 -21.63
CA VAL C 128 25.02 21.94 -21.27
C VAL C 128 24.61 23.35 -21.65
N GLU C 129 25.54 24.31 -21.59
CA GLU C 129 25.24 25.67 -22.03
C GLU C 129 24.96 25.69 -23.53
N GLU C 130 25.82 25.02 -24.31
CA GLU C 130 25.61 24.97 -25.76
C GLU C 130 24.30 24.27 -26.09
N ALA C 131 23.95 23.23 -25.33
CA ALA C 131 22.69 22.52 -25.57
C ALA C 131 21.49 23.42 -25.31
N ILE C 132 21.45 24.06 -24.14
CA ILE C 132 20.32 24.93 -23.80
C ILE C 132 20.28 26.16 -24.69
N SER C 133 21.40 26.53 -25.32
CA SER C 133 21.37 27.61 -26.29
C SER C 133 20.90 27.14 -27.66
N LEU C 134 21.20 25.88 -28.01
CA LEU C 134 20.79 25.36 -29.32
C LEU C 134 19.30 25.04 -29.36
N VAL C 135 18.75 24.50 -28.27
CA VAL C 135 17.32 24.16 -28.30
C VAL C 135 16.45 25.41 -28.36
N GLY C 136 16.99 26.58 -28.05
CA GLY C 136 16.25 27.81 -28.12
C GLY C 136 15.68 28.31 -26.81
N LEU C 137 16.00 27.68 -25.69
CA LEU C 137 15.49 28.11 -24.39
C LEU C 137 16.39 29.21 -23.84
N LYS C 138 15.87 30.45 -23.83
CA LYS C 138 16.66 31.56 -23.31
C LYS C 138 16.85 31.47 -21.80
N PRO C 139 15.81 31.23 -20.99
CA PRO C 139 16.04 31.06 -19.55
C PRO C 139 16.78 29.76 -19.27
N LEU C 140 17.83 29.84 -18.44
CA LEU C 140 18.67 28.68 -18.20
C LEU C 140 17.93 27.62 -17.38
N ALA C 141 17.27 28.03 -16.30
CA ALA C 141 16.55 27.13 -15.42
C ALA C 141 15.14 27.67 -15.21
N HIS C 142 14.15 26.96 -15.74
CA HIS C 142 12.75 27.36 -15.63
C HIS C 142 12.24 26.96 -14.25
N ARG C 143 10.93 27.10 -14.05
CA ARG C 143 10.32 26.73 -12.76
C ARG C 143 10.17 25.21 -12.65
N LEU C 144 9.29 24.63 -13.46
CA LEU C 144 9.01 23.20 -13.40
C LEU C 144 8.91 22.65 -14.82
N VAL C 145 9.62 21.56 -15.08
CA VAL C 145 9.62 20.95 -16.40
C VAL C 145 8.24 20.43 -16.79
N ASP C 146 7.39 20.16 -15.81
CA ASP C 146 6.03 19.73 -16.08
C ASP C 146 5.06 20.90 -16.21
N SER C 147 5.44 22.09 -15.73
CA SER C 147 4.58 23.25 -15.84
C SER C 147 4.55 23.79 -17.27
N LEU C 148 5.63 23.58 -18.03
CA LEU C 148 5.64 23.99 -19.43
C LEU C 148 4.70 23.11 -20.25
N SER C 149 4.46 23.55 -21.49
CA SER C 149 3.60 22.81 -22.40
C SER C 149 4.28 21.52 -22.84
N GLY C 150 3.54 20.70 -23.60
CA GLY C 150 4.10 19.46 -24.09
C GLY C 150 5.27 19.66 -25.03
N GLY C 151 5.15 20.65 -25.92
CA GLY C 151 6.25 20.94 -26.83
C GLY C 151 7.52 21.35 -26.09
N GLU C 152 7.37 22.18 -25.05
CA GLU C 152 8.53 22.65 -24.32
C GLU C 152 9.19 21.52 -23.52
N ARG C 153 8.40 20.64 -22.91
CA ARG C 153 8.99 19.55 -22.15
C ARG C 153 9.64 18.51 -23.08
N GLN C 154 9.04 18.29 -24.26
CA GLN C 154 9.68 17.39 -25.22
C GLN C 154 10.96 18.01 -25.79
N ARG C 155 10.99 19.33 -25.97
CA ARG C 155 12.22 19.99 -26.38
C ARG C 155 13.28 19.91 -25.28
N ALA C 156 12.86 19.95 -24.02
CA ALA C 156 13.80 19.73 -22.92
C ALA C 156 14.34 18.31 -22.94
N TRP C 157 13.49 17.34 -23.29
CA TRP C 157 13.96 15.96 -23.44
C TRP C 157 14.98 15.85 -24.57
N ILE C 158 14.72 16.52 -25.69
CA ILE C 158 15.70 16.54 -26.78
C ILE C 158 16.99 17.21 -26.35
N ALA C 159 16.89 18.26 -25.53
CA ALA C 159 18.08 18.91 -24.99
C ALA C 159 18.88 17.96 -24.11
N MET C 160 18.18 17.16 -23.30
CA MET C 160 18.85 16.14 -22.49
C MET C 160 19.55 15.12 -23.38
N LEU C 161 18.88 14.66 -24.42
CA LEU C 161 19.51 13.72 -25.34
C LEU C 161 20.70 14.33 -26.06
N VAL C 162 20.65 15.64 -26.31
CA VAL C 162 21.78 16.33 -26.93
C VAL C 162 22.97 16.37 -25.97
N ALA C 163 22.71 16.78 -24.72
CA ALA C 163 23.76 16.82 -23.71
C ALA C 163 24.34 15.44 -23.43
N GLN C 164 23.56 14.37 -23.66
CA GLN C 164 24.07 13.02 -23.49
C GLN C 164 25.29 12.74 -24.37
N ASP C 165 25.48 13.51 -25.44
CA ASP C 165 26.62 13.36 -26.36
C ASP C 165 26.65 11.95 -26.93
N SER C 166 25.74 11.72 -27.87
CA SER C 166 25.57 10.42 -28.50
C SER C 166 26.08 10.42 -29.93
N ARG C 167 26.51 9.24 -30.38
CA ARG C 167 26.86 9.05 -31.77
C ARG C 167 25.66 8.65 -32.62
N CYS C 168 24.63 8.08 -32.00
CA CYS C 168 23.40 7.71 -32.68
C CYS C 168 22.21 8.24 -31.89
N LEU C 169 21.19 8.70 -32.60
CA LEU C 169 20.00 9.28 -31.98
C LEU C 169 18.77 8.53 -32.48
N LEU C 170 18.19 7.71 -31.61
CA LEU C 170 17.00 6.92 -31.95
C LEU C 170 15.79 7.61 -31.37
N LEU C 171 14.92 8.14 -32.24
CA LEU C 171 13.68 8.77 -31.84
C LEU C 171 12.52 7.86 -32.19
N ASP C 172 11.81 7.38 -31.17
CA ASP C 172 10.69 6.46 -31.36
C ASP C 172 9.41 7.27 -31.38
N GLU C 173 8.93 7.57 -32.57
CA GLU C 173 7.71 8.35 -32.80
C GLU C 173 7.71 9.70 -32.10
N PRO C 174 8.64 10.60 -32.45
CA PRO C 174 8.55 11.96 -31.91
C PRO C 174 7.40 12.74 -32.52
N THR C 175 7.00 12.39 -33.74
CA THR C 175 5.93 13.12 -34.43
C THR C 175 4.58 12.89 -33.76
N SER C 176 4.40 11.74 -33.12
CA SER C 176 3.10 11.38 -32.55
C SER C 176 2.72 12.32 -31.41
N ALA C 177 1.40 12.49 -31.22
CA ALA C 177 0.84 13.31 -30.15
C ALA C 177 1.35 14.74 -30.20
N LEU C 178 1.67 15.21 -31.42
CA LEU C 178 2.20 16.55 -31.62
C LEU C 178 1.44 17.20 -32.76
N ASP C 179 1.47 18.53 -32.78
CA ASP C 179 0.84 19.29 -33.85
C ASP C 179 1.69 19.20 -35.13
N ILE C 180 1.04 19.47 -36.27
CA ILE C 180 1.75 19.39 -37.54
C ILE C 180 2.87 20.43 -37.60
N ALA C 181 2.59 21.67 -37.17
CA ALA C 181 3.63 22.67 -37.11
C ALA C 181 4.74 22.28 -36.14
N HIS C 182 4.36 21.75 -34.98
CA HIS C 182 5.35 21.25 -34.04
C HIS C 182 6.16 20.10 -34.64
N GLN C 183 5.49 19.24 -35.41
CA GLN C 183 6.20 18.16 -36.10
C GLN C 183 7.24 18.71 -37.05
N VAL C 184 6.86 19.71 -37.86
CA VAL C 184 7.80 20.31 -38.81
C VAL C 184 8.97 20.94 -38.07
N ASP C 185 8.69 21.67 -36.99
CA ASP C 185 9.77 22.34 -36.25
C ASP C 185 10.72 21.32 -35.64
N VAL C 186 10.19 20.26 -35.04
CA VAL C 186 11.04 19.26 -34.40
C VAL C 186 11.86 18.52 -35.44
N LEU C 187 11.27 18.23 -36.60
CA LEU C 187 12.02 17.55 -37.65
C LEU C 187 13.14 18.44 -38.19
N SER C 188 12.86 19.73 -38.38
CA SER C 188 13.89 20.65 -38.85
C SER C 188 15.02 20.75 -37.83
N LEU C 189 14.68 20.83 -36.54
CA LEU C 189 15.70 20.88 -35.51
C LEU C 189 16.56 19.63 -35.51
N VAL C 190 15.93 18.46 -35.65
CA VAL C 190 16.67 17.20 -35.65
C VAL C 190 17.59 17.12 -36.87
N HIS C 191 17.09 17.56 -38.02
CA HIS C 191 17.92 17.53 -39.23
C HIS C 191 19.12 18.46 -39.11
N ARG C 192 18.90 19.67 -38.59
CA ARG C 192 20.02 20.61 -38.40
C ARG C 192 21.00 20.07 -37.37
N LEU C 193 20.51 19.37 -36.35
CA LEU C 193 21.39 18.76 -35.37
C LEU C 193 22.24 17.67 -36.00
N SER C 194 21.63 16.80 -36.80
CA SER C 194 22.37 15.74 -37.47
C SER C 194 23.41 16.31 -38.42
N GLN C 195 23.07 17.42 -39.09
CA GLN C 195 24.06 18.09 -39.94
C GLN C 195 25.19 18.69 -39.12
N GLU C 196 24.87 19.19 -37.91
CA GLU C 196 25.88 19.84 -37.09
C GLU C 196 26.88 18.83 -36.53
N ARG C 197 26.38 17.80 -35.84
CA ARG C 197 27.26 16.85 -35.16
C ARG C 197 27.71 15.71 -36.06
N GLY C 198 27.14 15.57 -37.25
CA GLY C 198 27.49 14.47 -38.14
C GLY C 198 27.23 13.11 -37.53
N LEU C 199 26.10 12.95 -36.85
CA LEU C 199 25.74 11.69 -36.20
C LEU C 199 24.54 11.08 -36.89
N THR C 200 24.46 9.76 -36.87
CA THR C 200 23.31 9.07 -37.45
C THR C 200 22.09 9.22 -36.56
N VAL C 201 20.97 9.60 -37.15
CA VAL C 201 19.69 9.70 -36.45
C VAL C 201 18.67 8.84 -37.18
N ILE C 202 17.94 8.04 -36.41
CA ILE C 202 16.87 7.20 -36.92
C ILE C 202 15.58 7.62 -36.23
N ALA C 203 14.62 8.10 -37.00
CA ALA C 203 13.38 8.65 -36.47
C ALA C 203 12.20 7.85 -36.98
N VAL C 204 11.23 7.63 -36.10
CA VAL C 204 9.98 6.94 -36.47
C VAL C 204 8.93 8.00 -36.75
N LEU C 205 8.34 7.97 -37.94
CA LEU C 205 7.38 8.97 -38.38
C LEU C 205 6.12 8.27 -38.89
N HIS C 206 4.96 8.70 -38.37
CA HIS C 206 3.70 8.16 -38.86
C HIS C 206 3.32 8.75 -40.20
N ASP C 207 3.62 10.03 -40.41
CA ASP C 207 3.26 10.73 -41.64
C ASP C 207 4.36 10.53 -42.67
N ILE C 208 3.98 10.14 -43.89
CA ILE C 208 4.96 9.87 -44.93
C ILE C 208 5.58 11.17 -45.43
N ASN C 209 4.78 12.23 -45.55
CA ASN C 209 5.30 13.50 -46.03
C ASN C 209 6.34 14.07 -45.08
N MET C 210 6.12 13.91 -43.77
CA MET C 210 7.08 14.40 -42.79
C MET C 210 8.43 13.70 -42.95
N ALA C 211 8.41 12.39 -43.17
CA ALA C 211 9.67 11.67 -43.42
C ALA C 211 10.28 12.07 -44.76
N ALA C 212 9.43 12.37 -45.75
CA ALA C 212 9.95 12.80 -47.04
C ALA C 212 10.64 14.16 -46.94
N ARG C 213 10.22 14.98 -45.97
CA ARG C 213 10.79 16.32 -45.85
C ARG C 213 12.20 16.29 -45.28
N TYR C 214 12.36 15.79 -44.05
CA TYR C 214 13.60 15.95 -43.30
C TYR C 214 14.27 14.61 -43.01
N CYS C 215 14.29 13.71 -43.99
CA CYS C 215 15.05 12.47 -43.89
C CYS C 215 15.66 12.14 -45.24
N ASP C 216 16.94 11.74 -45.23
CA ASP C 216 17.68 11.45 -46.45
C ASP C 216 17.66 9.98 -46.83
N TYR C 217 16.95 9.14 -46.08
CA TYR C 217 16.93 7.70 -46.37
C TYR C 217 15.71 7.10 -45.66
N LEU C 218 14.61 6.95 -46.40
CA LEU C 218 13.39 6.40 -45.85
C LEU C 218 13.33 4.89 -46.08
N VAL C 219 12.96 4.15 -45.04
CA VAL C 219 12.73 2.72 -45.12
C VAL C 219 11.33 2.44 -44.60
N ALA C 220 10.69 1.41 -45.17
CA ALA C 220 9.31 1.08 -44.89
C ALA C 220 9.15 -0.41 -44.66
N LEU C 221 8.45 -0.77 -43.59
CA LEU C 221 8.14 -2.17 -43.26
C LEU C 221 6.64 -2.32 -43.12
N ARG C 222 6.02 -3.04 -44.05
CA ARG C 222 4.59 -3.35 -43.98
C ARG C 222 4.45 -4.71 -43.29
N GLY C 223 4.49 -4.69 -41.97
CA GLY C 223 4.41 -5.89 -41.16
C GLY C 223 5.74 -6.49 -40.78
N GLY C 224 6.82 -6.17 -41.49
CA GLY C 224 8.14 -6.67 -41.14
C GLY C 224 8.81 -7.48 -42.22
N GLU C 225 8.45 -7.23 -43.49
CA GLU C 225 9.07 -7.91 -44.61
C GLU C 225 10.06 -7.04 -45.36
N MET C 226 10.29 -5.81 -44.89
CA MET C 226 11.20 -4.85 -45.51
C MET C 226 10.76 -4.53 -46.93
N ILE C 227 9.94 -3.50 -47.09
CA ILE C 227 9.38 -3.16 -48.39
C ILE C 227 10.39 -2.39 -49.23
N ALA C 228 10.58 -1.10 -48.92
CA ALA C 228 11.38 -0.22 -49.75
C ALA C 228 12.29 0.64 -48.89
N GLN C 229 13.51 0.86 -49.38
CA GLN C 229 14.46 1.79 -48.79
C GLN C 229 15.02 2.66 -49.90
N GLY C 230 15.13 3.96 -49.65
CA GLY C 230 15.72 4.83 -50.65
C GLY C 230 15.67 6.29 -50.26
N THR C 231 16.33 7.10 -51.09
CA THR C 231 16.29 8.54 -50.96
C THR C 231 14.94 9.06 -51.48
N PRO C 232 14.41 10.14 -50.89
CA PRO C 232 13.14 10.69 -51.41
C PRO C 232 13.11 10.90 -52.91
N ALA C 233 14.24 11.26 -53.52
CA ALA C 233 14.29 11.37 -54.98
C ALA C 233 14.31 10.00 -55.63
N GLU C 234 14.84 8.98 -54.94
CA GLU C 234 14.93 7.65 -55.52
C GLU C 234 13.58 6.93 -55.49
N ILE C 235 12.88 6.98 -54.36
CA ILE C 235 11.61 6.28 -54.21
C ILE C 235 10.50 7.12 -54.84
N MET C 236 9.72 6.50 -55.72
CA MET C 236 8.55 7.13 -56.31
C MET C 236 7.34 6.80 -55.45
N ARG C 237 6.84 7.79 -54.71
CA ARG C 237 5.80 7.54 -53.72
C ARG C 237 4.49 7.08 -54.34
N GLY C 238 4.20 7.51 -55.56
CA GLY C 238 2.94 7.20 -56.22
C GLY C 238 2.59 5.72 -56.27
N GLU C 239 3.46 4.92 -56.88
CA GLU C 239 3.23 3.49 -57.01
C GLU C 239 3.74 2.69 -55.82
N THR C 240 4.39 3.34 -54.85
CA THR C 240 4.97 2.65 -53.70
C THR C 240 4.08 2.69 -52.48
N LEU C 241 3.54 3.87 -52.14
CA LEU C 241 2.66 3.98 -50.97
C LEU C 241 1.38 3.18 -51.14
N GLU C 242 0.97 2.89 -52.38
CA GLU C 242 -0.22 2.07 -52.59
C GLU C 242 -0.01 0.66 -52.05
N MET C 243 1.17 0.07 -52.30
CA MET C 243 1.49 -1.22 -51.72
C MET C 243 1.98 -1.10 -50.29
N ILE C 244 2.41 0.08 -49.87
CA ILE C 244 2.89 0.27 -48.51
C ILE C 244 1.73 0.26 -47.52
N TYR C 245 0.74 1.12 -47.75
CA TYR C 245 -0.36 1.30 -46.81
C TYR C 245 -1.72 0.86 -47.35
N GLY C 246 -1.78 0.36 -48.56
CA GLY C 246 -3.04 -0.12 -49.13
C GLY C 246 -3.89 0.92 -49.84
N ILE C 247 -4.08 2.08 -49.22
CA ILE C 247 -4.89 3.15 -49.77
C ILE C 247 -4.18 3.74 -50.99
N PRO C 248 -4.77 3.66 -52.20
CA PRO C 248 -4.10 4.22 -53.37
C PRO C 248 -4.10 5.74 -53.40
N MET C 249 -3.22 6.34 -52.59
CA MET C 249 -3.10 7.79 -52.55
C MET C 249 -2.18 8.30 -53.65
N GLY C 250 -2.31 9.58 -53.96
CA GLY C 250 -1.57 10.20 -55.04
C GLY C 250 -0.46 11.10 -54.54
N ILE C 251 0.36 11.54 -55.49
CA ILE C 251 1.52 12.40 -55.21
C ILE C 251 1.54 13.51 -56.26
N LEU C 252 1.94 14.71 -55.84
CA LEU C 252 2.02 15.84 -56.76
C LEU C 252 3.11 16.78 -56.28
N PRO C 253 3.81 17.43 -57.21
CA PRO C 253 4.89 18.35 -56.81
C PRO C 253 4.34 19.62 -56.17
N HIS C 254 5.16 20.21 -55.29
CA HIS C 254 4.82 21.44 -54.61
C HIS C 254 6.05 22.34 -54.60
N PRO C 255 5.87 23.65 -54.82
CA PRO C 255 7.02 24.56 -54.83
C PRO C 255 7.69 24.73 -53.48
N ALA C 256 7.04 24.30 -52.39
CA ALA C 256 7.62 24.48 -51.05
C ALA C 256 8.85 23.60 -50.87
N GLY C 257 8.66 22.28 -50.90
CA GLY C 257 9.75 21.33 -50.72
C GLY C 257 10.09 20.64 -52.02
N ALA C 258 11.35 20.24 -52.15
CA ALA C 258 11.79 19.54 -53.35
C ALA C 258 11.08 18.20 -53.51
N ALA C 259 10.73 17.56 -52.40
CA ALA C 259 10.01 16.30 -52.45
C ALA C 259 8.53 16.56 -52.75
N PRO C 260 7.97 15.95 -53.78
CA PRO C 260 6.54 16.14 -54.06
C PRO C 260 5.68 15.61 -52.91
N VAL C 261 4.67 16.39 -52.55
CA VAL C 261 3.82 16.05 -51.40
C VAL C 261 2.79 15.00 -51.81
N SER C 262 2.41 14.17 -50.85
CA SER C 262 1.45 13.10 -51.05
C SER C 262 0.11 13.48 -50.44
N PHE C 263 -0.97 13.16 -51.15
CA PHE C 263 -2.33 13.44 -50.71
C PHE C 263 -3.17 12.18 -50.85
N VAL C 264 -4.11 12.01 -49.92
CA VAL C 264 -5.01 10.85 -49.96
C VAL C 264 -6.01 11.03 -51.08
N TYR C 265 -6.21 9.98 -51.88
CA TYR C 265 -7.13 10.04 -53.01
C TYR C 265 -8.58 9.98 -52.53
N THR D 11 -29.35 20.92 -31.38
CA THR D 11 -27.92 20.80 -31.11
C THR D 11 -27.49 21.87 -30.10
N PHE D 12 -26.69 21.45 -29.13
CA PHE D 12 -26.27 22.37 -28.07
C PHE D 12 -25.37 23.47 -28.61
N ALA D 13 -25.43 24.62 -27.94
CA ALA D 13 -24.57 25.76 -28.24
C ALA D 13 -23.94 26.26 -26.95
N LEU D 14 -22.81 26.96 -27.10
CA LEU D 14 -22.04 27.43 -25.95
C LEU D 14 -22.00 28.95 -25.94
N ARG D 15 -22.25 29.54 -24.77
CA ARG D 15 -22.12 30.97 -24.55
C ARG D 15 -21.22 31.27 -23.36
N ASN D 16 -20.37 30.33 -22.97
CA ASN D 16 -19.59 30.44 -21.75
C ASN D 16 -18.34 31.28 -21.98
N ILE D 17 -17.90 31.94 -20.92
CA ILE D 17 -16.70 32.77 -20.97
C ILE D 17 -15.52 32.10 -20.26
N SER D 18 -15.78 31.19 -19.31
CA SER D 18 -14.73 30.58 -18.51
C SER D 18 -13.76 29.80 -19.38
N PHE D 19 -12.63 29.44 -18.76
CA PHE D 19 -11.56 28.68 -19.41
C PHE D 19 -10.77 27.97 -18.32
N ARG D 20 -9.62 27.41 -18.70
CA ARG D 20 -8.73 26.75 -17.74
C ARG D 20 -7.93 27.82 -17.02
N VAL D 21 -8.58 28.45 -16.03
CA VAL D 21 -7.98 29.54 -15.26
C VAL D 21 -6.89 28.96 -14.37
N PRO D 22 -7.14 27.86 -13.66
CA PRO D 22 -6.09 27.30 -12.79
C PRO D 22 -4.99 26.60 -13.55
N GLY D 23 -5.30 25.96 -14.68
CA GLY D 23 -4.30 25.27 -15.46
C GLY D 23 -3.62 26.15 -16.49
N ARG D 24 -2.32 26.35 -16.33
CA ARG D 24 -1.48 27.12 -17.25
C ARG D 24 -1.87 28.60 -17.31
N THR D 25 -2.80 29.04 -16.45
CA THR D 25 -3.23 30.43 -16.38
C THR D 25 -3.71 30.94 -17.73
N LEU D 26 -4.91 30.53 -18.14
CA LEU D 26 -5.50 30.96 -19.39
C LEU D 26 -6.97 31.28 -19.19
N LEU D 27 -7.41 32.39 -19.76
CA LEU D 27 -8.80 32.82 -19.66
C LEU D 27 -9.17 33.61 -20.90
N HIS D 28 -10.28 33.23 -21.55
CA HIS D 28 -10.72 33.87 -22.77
C HIS D 28 -12.17 33.55 -23.01
N PRO D 29 -12.97 34.50 -23.48
CA PRO D 29 -14.39 34.22 -23.73
C PRO D 29 -14.60 33.37 -24.96
N LEU D 30 -15.65 32.56 -24.94
CA LEU D 30 -16.00 31.66 -26.03
C LEU D 30 -17.41 31.95 -26.50
N SER D 31 -17.63 31.81 -27.80
CA SER D 31 -18.96 32.01 -28.39
C SER D 31 -19.03 31.19 -29.67
N LEU D 32 -19.90 30.18 -29.69
CA LEU D 32 -19.97 29.27 -30.82
C LEU D 32 -21.32 28.56 -30.79
N THR D 33 -21.91 28.39 -31.98
CA THR D 33 -23.17 27.67 -32.13
C THR D 33 -22.97 26.57 -33.17
N PHE D 34 -23.08 25.31 -32.73
CA PHE D 34 -22.84 24.19 -33.62
C PHE D 34 -24.02 24.02 -34.59
N PRO D 35 -23.76 23.49 -35.78
CA PRO D 35 -24.85 23.26 -36.74
C PRO D 35 -25.82 22.18 -36.25
N ALA D 36 -26.94 22.07 -36.96
CA ALA D 36 -27.98 21.12 -36.58
C ALA D 36 -27.46 19.68 -36.68
N GLY D 37 -27.04 19.28 -37.87
CA GLY D 37 -26.54 17.93 -38.07
C GLY D 37 -25.41 17.86 -39.07
N LYS D 38 -24.30 18.52 -38.76
CA LYS D 38 -23.14 18.56 -39.64
C LYS D 38 -21.88 18.23 -38.85
N VAL D 39 -20.84 17.83 -39.58
CA VAL D 39 -19.56 17.53 -38.95
C VAL D 39 -18.91 18.84 -38.48
N THR D 40 -18.35 18.81 -37.28
CA THR D 40 -17.69 19.97 -36.69
C THR D 40 -16.25 19.58 -36.34
N GLY D 41 -15.30 20.08 -37.12
CA GLY D 41 -13.90 19.78 -36.90
C GLY D 41 -13.18 20.81 -36.06
N LEU D 42 -12.74 20.42 -34.86
CA LEU D 42 -12.00 21.30 -33.98
C LEU D 42 -10.51 21.14 -34.27
N ILE D 43 -9.91 22.19 -34.84
CA ILE D 43 -8.50 22.17 -35.20
C ILE D 43 -7.79 23.31 -34.48
N GLY D 44 -6.50 23.16 -34.31
CA GLY D 44 -5.68 24.16 -33.65
C GLY D 44 -4.53 23.51 -32.92
N HIS D 45 -3.93 24.28 -32.02
CA HIS D 45 -2.79 23.79 -31.26
C HIS D 45 -3.25 22.80 -30.19
N ASN D 46 -2.28 22.11 -29.58
CA ASN D 46 -2.59 21.16 -28.52
C ASN D 46 -3.18 21.86 -27.31
N GLY D 47 -2.49 22.87 -26.80
CA GLY D 47 -2.99 23.64 -25.68
C GLY D 47 -3.78 24.86 -26.10
N SER D 48 -4.36 24.81 -27.31
CA SER D 48 -5.14 25.94 -27.81
C SER D 48 -6.46 26.09 -27.05
N GLY D 49 -7.05 24.98 -26.64
CA GLY D 49 -8.30 25.04 -25.88
C GLY D 49 -9.39 24.13 -26.41
N LYS D 50 -9.11 23.44 -27.52
CA LYS D 50 -10.11 22.53 -28.10
C LYS D 50 -10.36 21.33 -27.20
N SER D 51 -9.30 20.77 -26.62
CA SER D 51 -9.46 19.65 -25.70
C SER D 51 -10.26 20.07 -24.46
N THR D 52 -9.89 21.21 -23.86
CA THR D 52 -10.66 21.72 -22.74
C THR D 52 -12.08 22.07 -23.15
N LEU D 53 -12.27 22.52 -24.38
CA LEU D 53 -13.63 22.82 -24.85
C LEU D 53 -14.47 21.55 -24.88
N LEU D 54 -13.93 20.45 -25.41
CA LEU D 54 -14.70 19.21 -25.43
C LEU D 54 -14.91 18.65 -24.04
N LYS D 55 -13.93 18.79 -23.14
CA LYS D 55 -14.13 18.35 -21.77
C LYS D 55 -15.19 19.18 -21.06
N MET D 56 -15.32 20.46 -21.43
CA MET D 56 -16.43 21.26 -20.92
C MET D 56 -17.76 20.80 -21.51
N LEU D 57 -17.75 20.39 -22.78
CA LEU D 57 -18.98 19.92 -23.41
C LEU D 57 -19.45 18.59 -22.82
N GLY D 58 -18.52 17.74 -22.40
CA GLY D 58 -18.84 16.44 -21.85
C GLY D 58 -19.02 16.39 -20.34
N ARG D 59 -19.15 17.54 -19.69
CA ARG D 59 -19.32 17.62 -18.24
C ARG D 59 -18.20 16.89 -17.49
N HIS D 60 -16.97 17.05 -17.99
CA HIS D 60 -15.82 16.51 -17.26
C HIS D 60 -15.48 17.38 -16.06
N GLN D 61 -15.78 18.67 -16.12
CA GLN D 61 -15.58 19.60 -15.01
C GLN D 61 -16.55 20.76 -15.17
N PRO D 62 -17.05 21.30 -14.07
CA PRO D 62 -18.04 22.38 -14.17
C PRO D 62 -17.39 23.70 -14.55
N PRO D 63 -17.99 24.45 -15.46
CA PRO D 63 -17.43 25.76 -15.83
C PRO D 63 -17.56 26.76 -14.68
N SER D 64 -16.68 27.76 -14.71
CA SER D 64 -16.68 28.81 -13.70
C SER D 64 -17.58 29.98 -14.08
N GLU D 65 -17.66 30.30 -15.37
CA GLU D 65 -18.46 31.41 -15.86
C GLU D 65 -19.31 30.93 -17.03
N GLY D 66 -20.53 31.46 -17.11
CA GLY D 66 -21.43 31.08 -18.17
C GLY D 66 -21.94 29.65 -18.01
N GLU D 67 -22.59 29.17 -19.07
CA GLU D 67 -23.15 27.84 -19.08
C GLU D 67 -23.44 27.43 -20.52
N ILE D 68 -23.38 26.13 -20.78
CA ILE D 68 -23.62 25.57 -22.11
C ILE D 68 -25.07 25.15 -22.20
N LEU D 69 -25.79 25.70 -23.17
CA LEU D 69 -27.20 25.41 -23.37
C LEU D 69 -27.33 24.25 -24.36
N LEU D 70 -28.12 23.24 -23.99
CA LEU D 70 -28.31 22.04 -24.79
C LEU D 70 -29.77 21.91 -25.21
N ASP D 71 -29.98 21.32 -26.39
CA ASP D 71 -31.29 20.95 -26.90
C ASP D 71 -32.20 22.15 -27.13
N ALA D 72 -31.73 23.35 -26.79
CA ALA D 72 -32.54 24.54 -26.93
C ALA D 72 -33.69 24.65 -25.94
N GLN D 73 -33.87 23.68 -25.04
CA GLN D 73 -34.99 23.66 -24.12
C GLN D 73 -34.61 23.45 -22.67
N PRO D 74 -33.34 23.16 -22.36
CA PRO D 74 -32.92 22.89 -21.00
C PRO D 74 -31.53 23.46 -20.77
N LEU D 75 -31.13 23.51 -19.51
CA LEU D 75 -29.84 24.04 -19.12
C LEU D 75 -28.83 22.90 -19.00
N GLU D 76 -27.71 23.14 -18.32
CA GLU D 76 -26.66 22.12 -18.22
C GLU D 76 -27.09 20.96 -17.34
N SER D 77 -27.94 21.20 -16.36
CA SER D 77 -28.36 20.16 -15.42
C SER D 77 -29.15 19.09 -16.16
N TRP D 78 -28.54 17.93 -16.37
CA TRP D 78 -29.19 16.79 -17.00
C TRP D 78 -28.83 15.52 -16.26
N SER D 79 -29.71 14.54 -16.32
CA SER D 79 -29.43 13.24 -15.71
C SER D 79 -28.41 12.49 -16.55
N SER D 80 -27.66 11.60 -15.89
CA SER D 80 -26.61 10.86 -16.57
C SER D 80 -27.17 9.97 -17.67
N LYS D 81 -28.23 9.21 -17.36
CA LYS D 81 -28.82 8.33 -18.35
C LYS D 81 -29.54 9.09 -19.46
N ALA D 82 -29.93 10.34 -19.20
CA ALA D 82 -30.51 11.17 -20.26
C ALA D 82 -29.43 11.86 -21.09
N PHE D 83 -28.32 12.25 -20.46
CA PHE D 83 -27.22 12.86 -21.20
C PHE D 83 -26.58 11.83 -22.13
N ALA D 84 -26.18 10.68 -21.59
CA ALA D 84 -25.51 9.66 -22.40
C ALA D 84 -26.41 9.09 -23.49
N ARG D 85 -27.73 9.19 -23.31
CA ARG D 85 -28.65 8.74 -24.36
C ARG D 85 -28.62 9.64 -25.58
N LYS D 86 -28.02 10.83 -25.48
CA LYS D 86 -27.93 11.74 -26.61
C LYS D 86 -26.50 12.19 -26.93
N VAL D 87 -25.51 11.77 -26.15
CA VAL D 87 -24.13 12.17 -26.38
C VAL D 87 -23.22 10.99 -26.08
N ALA D 88 -22.35 10.66 -27.03
CA ALA D 88 -21.35 9.61 -26.88
C ALA D 88 -19.97 10.25 -26.95
N TYR D 89 -19.19 10.12 -25.88
CA TYR D 89 -17.94 10.85 -25.71
C TYR D 89 -16.76 9.89 -25.86
N LEU D 90 -15.89 10.19 -26.84
CA LEU D 90 -14.63 9.49 -27.04
C LEU D 90 -13.52 10.37 -26.48
N PRO D 91 -12.99 10.07 -25.28
CA PRO D 91 -12.11 11.02 -24.59
C PRO D 91 -10.63 10.83 -24.89
N GLN D 92 -10.25 9.70 -25.49
CA GLN D 92 -8.87 9.45 -25.90
C GLN D 92 -7.92 9.46 -24.70
N GLN D 93 -7.76 10.62 -24.07
CA GLN D 93 -6.96 10.71 -22.86
C GLN D 93 -7.61 9.92 -21.74
N LEU D 94 -6.76 9.33 -20.89
CA LEU D 94 -7.20 8.38 -19.86
C LEU D 94 -8.04 7.29 -20.51
N PRO D 95 -7.44 6.46 -21.37
CA PRO D 95 -8.23 5.53 -22.17
C PRO D 95 -8.55 4.26 -21.40
N PRO D 96 -9.63 3.56 -21.77
CA PRO D 96 -9.90 2.25 -21.17
C PRO D 96 -8.85 1.23 -21.54
N ALA D 97 -7.98 0.88 -20.59
CA ALA D 97 -6.89 -0.05 -20.82
C ALA D 97 -7.24 -1.42 -20.25
N GLU D 98 -6.91 -2.46 -21.02
CA GLU D 98 -7.15 -3.85 -20.65
C GLU D 98 -8.64 -4.09 -20.38
N GLY D 99 -9.39 -4.07 -21.48
CA GLY D 99 -10.82 -4.36 -21.39
C GLY D 99 -11.11 -5.79 -20.98
N MET D 100 -10.20 -6.71 -21.28
CA MET D 100 -10.25 -8.12 -20.91
C MET D 100 -11.44 -8.86 -21.54
N THR D 101 -12.21 -8.20 -22.39
CA THR D 101 -13.35 -8.83 -23.05
C THR D 101 -13.60 -8.14 -24.38
N VAL D 102 -14.01 -8.91 -25.38
CA VAL D 102 -14.36 -8.39 -26.69
C VAL D 102 -15.83 -8.68 -26.94
N ARG D 103 -16.44 -7.87 -27.81
CA ARG D 103 -17.85 -7.97 -28.19
C ARG D 103 -18.77 -7.57 -27.05
N GLU D 104 -18.28 -7.64 -25.81
CA GLU D 104 -19.05 -7.21 -24.65
C GLU D 104 -19.00 -5.70 -24.44
N LEU D 105 -18.10 -5.00 -25.14
CA LEU D 105 -18.04 -3.55 -25.01
C LEU D 105 -19.31 -2.88 -25.51
N VAL D 106 -19.97 -3.46 -26.50
CA VAL D 106 -21.23 -2.91 -26.97
C VAL D 106 -22.32 -3.10 -25.94
N ALA D 107 -22.27 -4.19 -25.15
CA ALA D 107 -23.19 -4.35 -24.04
C ALA D 107 -22.92 -3.32 -22.95
N ILE D 108 -21.67 -2.88 -22.82
CA ILE D 108 -21.35 -1.81 -21.89
C ILE D 108 -21.89 -0.48 -22.39
N GLY D 109 -21.76 -0.24 -23.70
CA GLY D 109 -22.30 0.99 -24.26
C GLY D 109 -23.80 1.05 -24.21
N ARG D 110 -24.47 -0.10 -24.29
CA ARG D 110 -25.92 -0.14 -24.24
C ARG D 110 -26.47 0.11 -22.83
N TYR D 111 -25.63 0.48 -21.87
CA TYR D 111 -26.10 0.69 -20.50
C TYR D 111 -27.22 1.73 -20.41
N PRO D 112 -27.08 2.95 -20.92
CA PRO D 112 -28.15 3.95 -20.73
C PRO D 112 -29.48 3.58 -21.37
N TRP D 113 -29.52 2.53 -22.21
CA TRP D 113 -30.76 2.12 -22.83
C TRP D 113 -31.51 1.08 -22.00
N HIS D 114 -30.81 0.03 -21.56
CA HIS D 114 -31.46 -1.00 -20.73
C HIS D 114 -31.35 -0.71 -19.24
N GLY D 115 -30.36 0.07 -18.82
CA GLY D 115 -30.20 0.40 -17.42
C GLY D 115 -29.73 -0.79 -16.60
N ALA D 116 -29.59 -0.55 -15.29
CA ALA D 116 -29.17 -1.61 -14.38
C ALA D 116 -30.32 -2.55 -14.04
N LEU D 117 -31.52 -2.01 -13.86
CA LEU D 117 -32.70 -2.81 -13.56
C LEU D 117 -33.60 -2.90 -14.78
N GLY D 118 -34.28 -4.04 -14.92
CA GLY D 118 -35.14 -4.26 -16.06
C GLY D 118 -34.41 -4.40 -17.38
N ARG D 119 -33.10 -4.68 -17.34
CA ARG D 119 -32.34 -4.78 -18.57
C ARG D 119 -32.69 -6.05 -19.36
N PHE D 120 -33.10 -7.10 -18.66
CA PHE D 120 -33.46 -8.37 -19.30
C PHE D 120 -32.29 -8.94 -20.11
N GLY D 121 -31.07 -8.74 -19.60
CA GLY D 121 -29.84 -9.20 -20.25
C GLY D 121 -29.74 -8.68 -21.68
N ALA D 122 -30.03 -7.38 -21.84
CA ALA D 122 -29.96 -6.75 -23.14
C ALA D 122 -31.07 -7.19 -24.08
N ALA D 123 -32.28 -6.66 -23.86
CA ALA D 123 -33.38 -6.98 -24.73
C ALA D 123 -33.20 -6.44 -26.13
N ASP D 124 -33.75 -7.15 -27.11
CA ASP D 124 -33.63 -6.81 -28.52
C ASP D 124 -32.16 -6.71 -28.92
N ARG D 125 -31.53 -7.86 -29.16
CA ARG D 125 -30.11 -7.91 -29.48
C ARG D 125 -29.80 -7.49 -30.91
N GLU D 126 -30.77 -6.94 -31.64
CA GLU D 126 -30.49 -6.50 -33.00
C GLU D 126 -29.62 -5.25 -33.00
N LYS D 127 -29.68 -4.44 -31.95
CA LYS D 127 -28.91 -3.20 -31.91
C LYS D 127 -27.41 -3.49 -31.83
N VAL D 128 -27.01 -4.42 -30.98
CA VAL D 128 -25.58 -4.70 -30.80
C VAL D 128 -24.99 -5.35 -32.04
N GLU D 129 -25.73 -6.25 -32.68
CA GLU D 129 -25.22 -6.88 -33.89
C GLU D 129 -25.19 -5.90 -35.05
N GLU D 130 -26.20 -5.02 -35.14
CA GLU D 130 -26.17 -3.97 -36.14
C GLU D 130 -24.98 -3.06 -35.94
N ALA D 131 -24.67 -2.73 -34.69
CA ALA D 131 -23.50 -1.89 -34.40
C ALA D 131 -22.21 -2.56 -34.83
N ILE D 132 -21.99 -3.81 -34.39
CA ILE D 132 -20.73 -4.47 -34.71
C ILE D 132 -20.63 -4.82 -36.18
N SER D 133 -21.75 -4.82 -36.91
CA SER D 133 -21.70 -5.08 -38.35
C SER D 133 -21.48 -3.80 -39.15
N LEU D 134 -22.04 -2.68 -38.70
CA LEU D 134 -21.86 -1.42 -39.42
C LEU D 134 -20.56 -0.70 -39.08
N VAL D 135 -19.95 -0.99 -37.92
CA VAL D 135 -18.63 -0.41 -37.67
C VAL D 135 -17.58 -1.11 -38.52
N GLY D 136 -17.83 -2.37 -38.88
CA GLY D 136 -16.91 -3.13 -39.70
C GLY D 136 -17.30 -4.59 -39.81
N LEU D 137 -17.15 -5.16 -41.01
CA LEU D 137 -17.52 -6.55 -41.27
C LEU D 137 -16.46 -7.45 -40.64
N LYS D 138 -16.71 -7.89 -39.40
CA LYS D 138 -15.77 -8.75 -38.69
C LYS D 138 -16.39 -10.11 -38.43
N PRO D 139 -15.81 -11.19 -38.95
CA PRO D 139 -16.25 -12.54 -38.60
C PRO D 139 -15.56 -13.12 -37.37
N LEU D 140 -14.71 -12.34 -36.70
CA LEU D 140 -13.95 -12.81 -35.56
C LEU D 140 -14.52 -12.35 -34.22
N ALA D 141 -15.80 -11.99 -34.17
CA ALA D 141 -16.40 -11.50 -32.94
C ALA D 141 -16.30 -12.54 -31.84
N HIS D 142 -16.29 -12.06 -30.59
CA HIS D 142 -16.19 -12.91 -29.39
C HIS D 142 -15.01 -13.89 -29.48
N ARG D 143 -13.92 -13.44 -30.09
CA ARG D 143 -12.74 -14.28 -30.24
C ARG D 143 -11.48 -13.43 -30.31
N LEU D 144 -11.45 -12.32 -29.58
CA LEU D 144 -10.34 -11.39 -29.55
C LEU D 144 -9.82 -11.20 -28.13
N VAL D 145 -8.70 -10.49 -28.03
CA VAL D 145 -8.08 -10.19 -26.74
C VAL D 145 -7.98 -8.68 -26.63
N ASP D 146 -7.75 -8.21 -25.39
CA ASP D 146 -7.71 -6.77 -25.15
C ASP D 146 -6.47 -6.12 -25.74
N SER D 147 -5.34 -6.82 -25.74
CA SER D 147 -4.07 -6.25 -26.19
C SER D 147 -3.92 -6.51 -27.68
N LEU D 148 -4.39 -5.56 -28.49
CA LEU D 148 -4.29 -5.62 -29.95
C LEU D 148 -3.75 -4.31 -30.47
N SER D 149 -3.77 -4.17 -31.80
CA SER D 149 -3.30 -2.96 -32.47
C SER D 149 -4.35 -1.86 -32.37
N GLY D 150 -3.93 -0.64 -32.71
CA GLY D 150 -4.84 0.49 -32.64
C GLY D 150 -5.95 0.46 -33.67
N GLY D 151 -5.68 -0.16 -34.83
CA GLY D 151 -6.69 -0.19 -35.88
C GLY D 151 -7.96 -0.90 -35.46
N GLU D 152 -7.83 -2.00 -34.72
CA GLU D 152 -9.00 -2.70 -34.20
C GLU D 152 -9.44 -2.17 -32.85
N ARG D 153 -8.50 -1.61 -32.06
CA ARG D 153 -8.88 -1.02 -30.78
C ARG D 153 -9.82 0.17 -30.96
N GLN D 154 -9.53 1.03 -31.93
CA GLN D 154 -10.40 2.17 -32.17
C GLN D 154 -11.76 1.74 -32.68
N ARG D 155 -11.81 0.70 -33.51
CA ARG D 155 -13.10 0.20 -33.99
C ARG D 155 -13.90 -0.41 -32.85
N ALA D 156 -13.24 -1.14 -31.94
CA ALA D 156 -13.93 -1.64 -30.75
C ALA D 156 -14.40 -0.50 -29.87
N TRP D 157 -13.65 0.61 -29.84
CA TRP D 157 -14.09 1.79 -29.09
C TRP D 157 -15.36 2.38 -29.67
N ILE D 158 -15.36 2.63 -30.99
CA ILE D 158 -16.54 3.21 -31.64
C ILE D 158 -17.71 2.22 -31.70
N ALA D 159 -17.45 0.93 -31.48
CA ALA D 159 -18.54 -0.04 -31.48
C ALA D 159 -19.61 0.30 -30.45
N MET D 160 -19.20 0.56 -29.20
CA MET D 160 -20.18 0.89 -28.17
C MET D 160 -20.80 2.26 -28.41
N LEU D 161 -20.04 3.20 -28.98
CA LEU D 161 -20.58 4.51 -29.28
C LEU D 161 -21.69 4.43 -30.33
N VAL D 162 -21.52 3.55 -31.32
CA VAL D 162 -22.57 3.33 -32.31
C VAL D 162 -23.73 2.56 -31.69
N ALA D 163 -23.43 1.61 -30.79
CA ALA D 163 -24.48 0.87 -30.11
C ALA D 163 -25.34 1.78 -29.25
N GLN D 164 -24.77 2.88 -28.74
CA GLN D 164 -25.57 3.84 -27.98
C GLN D 164 -26.62 4.51 -28.86
N ASP D 165 -26.27 4.78 -30.12
CA ASP D 165 -27.13 5.52 -31.04
C ASP D 165 -27.58 6.85 -30.43
N SER D 166 -26.66 7.47 -29.69
CA SER D 166 -26.93 8.77 -29.09
C SER D 166 -27.01 9.85 -30.17
N ARG D 167 -27.75 10.91 -29.86
CA ARG D 167 -28.03 11.96 -30.84
C ARG D 167 -26.81 12.80 -31.19
N CYS D 168 -25.72 12.71 -30.42
CA CYS D 168 -24.52 13.48 -30.69
C CYS D 168 -23.29 12.62 -30.41
N LEU D 169 -22.26 12.79 -31.23
CA LEU D 169 -21.00 12.07 -31.08
C LEU D 169 -19.86 13.08 -30.91
N LEU D 170 -19.34 13.16 -29.69
CA LEU D 170 -18.24 14.08 -29.38
C LEU D 170 -16.97 13.26 -29.19
N LEU D 171 -16.04 13.40 -30.13
CA LEU D 171 -14.80 12.63 -30.10
C LEU D 171 -13.62 13.59 -30.14
N ASP D 172 -12.64 13.38 -29.27
CA ASP D 172 -11.41 14.15 -29.35
C ASP D 172 -10.26 13.22 -29.74
N GLU D 173 -9.59 13.57 -30.83
CA GLU D 173 -8.45 12.85 -31.35
C GLU D 173 -8.74 11.38 -31.68
N PRO D 174 -9.65 11.10 -32.62
CA PRO D 174 -9.73 9.74 -33.15
C PRO D 174 -8.59 9.42 -34.10
N THR D 175 -8.11 10.43 -34.84
CA THR D 175 -7.02 10.26 -35.79
C THR D 175 -5.67 10.00 -35.12
N SER D 176 -5.58 10.15 -33.80
CA SER D 176 -4.31 9.95 -33.10
C SER D 176 -3.98 8.47 -32.99
N ALA D 177 -2.69 8.17 -33.01
CA ALA D 177 -2.14 6.82 -32.87
C ALA D 177 -2.63 5.86 -33.94
N LEU D 178 -3.23 6.36 -35.01
CA LEU D 178 -3.73 5.55 -36.11
C LEU D 178 -3.07 5.96 -37.40
N ASP D 179 -3.07 5.04 -38.37
CA ASP D 179 -2.48 5.31 -39.67
C ASP D 179 -3.52 5.88 -40.63
N ILE D 180 -3.04 6.33 -41.79
CA ILE D 180 -3.91 7.04 -42.72
C ILE D 180 -5.05 6.15 -43.22
N ALA D 181 -4.81 4.85 -43.34
CA ALA D 181 -5.88 3.94 -43.74
C ALA D 181 -6.92 3.82 -42.64
N HIS D 182 -6.48 3.63 -41.39
CA HIS D 182 -7.43 3.51 -40.29
C HIS D 182 -8.16 4.82 -40.04
N GLN D 183 -7.48 5.95 -40.19
CA GLN D 183 -8.15 7.24 -40.04
C GLN D 183 -9.14 7.47 -41.17
N VAL D 184 -8.80 7.06 -42.39
CA VAL D 184 -9.76 7.12 -43.50
C VAL D 184 -10.99 6.30 -43.17
N ASP D 185 -10.80 5.09 -42.66
CA ASP D 185 -11.93 4.24 -42.29
C ASP D 185 -12.78 4.88 -41.21
N VAL D 186 -12.15 5.44 -40.17
CA VAL D 186 -12.88 6.05 -39.07
C VAL D 186 -13.67 7.26 -39.54
N LEU D 187 -13.05 8.12 -40.35
CA LEU D 187 -13.74 9.31 -40.82
C LEU D 187 -14.86 8.95 -41.79
N SER D 188 -14.67 7.92 -42.62
CA SER D 188 -15.73 7.48 -43.51
C SER D 188 -16.90 6.91 -42.71
N LEU D 189 -16.60 6.15 -41.64
CA LEU D 189 -17.67 5.65 -40.80
C LEU D 189 -18.44 6.78 -40.13
N VAL D 190 -17.72 7.79 -39.63
CA VAL D 190 -18.37 8.92 -38.98
C VAL D 190 -19.26 9.68 -39.97
N HIS D 191 -18.74 9.90 -41.17
CA HIS D 191 -19.52 10.63 -42.18
C HIS D 191 -20.74 9.81 -42.62
N ARG D 192 -20.59 8.50 -42.77
CA ARG D 192 -21.72 7.66 -43.13
C ARG D 192 -22.78 7.66 -42.04
N LEU D 193 -22.36 7.65 -40.78
CA LEU D 193 -23.30 7.74 -39.66
C LEU D 193 -24.03 9.07 -39.70
N SER D 194 -23.30 10.17 -39.91
CA SER D 194 -23.93 11.48 -39.94
C SER D 194 -24.87 11.63 -41.13
N GLN D 195 -24.60 10.93 -42.23
CA GLN D 195 -25.47 11.03 -43.40
C GLN D 195 -26.71 10.14 -43.25
N GLU D 196 -26.56 8.97 -42.62
CA GLU D 196 -27.69 8.05 -42.50
C GLU D 196 -28.60 8.46 -41.35
N ARG D 197 -28.05 8.55 -40.13
CA ARG D 197 -28.84 8.86 -38.95
C ARG D 197 -29.01 10.35 -38.71
N GLY D 198 -28.46 11.21 -39.57
CA GLY D 198 -28.52 12.64 -39.33
C GLY D 198 -27.85 13.05 -38.04
N LEU D 199 -26.70 12.47 -37.75
CA LEU D 199 -26.06 12.62 -36.46
C LEU D 199 -25.17 13.86 -36.42
N THR D 200 -25.17 14.56 -35.29
CA THR D 200 -24.30 15.70 -35.08
C THR D 200 -23.01 15.21 -34.42
N VAL D 201 -21.89 15.38 -35.12
CA VAL D 201 -20.60 14.90 -34.64
C VAL D 201 -19.63 16.09 -34.53
N ILE D 202 -18.87 16.10 -33.44
CA ILE D 202 -17.82 17.09 -33.19
C ILE D 202 -16.54 16.33 -32.93
N ALA D 203 -15.62 16.37 -33.89
CA ALA D 203 -14.38 15.62 -33.84
C ALA D 203 -13.19 16.55 -33.78
N VAL D 204 -12.22 16.19 -32.94
CA VAL D 204 -10.96 16.92 -32.83
C VAL D 204 -9.90 16.17 -33.63
N LEU D 205 -9.30 16.85 -34.61
CA LEU D 205 -8.29 16.27 -35.47
C LEU D 205 -7.14 17.26 -35.65
N HIS D 206 -5.90 16.76 -35.50
CA HIS D 206 -4.74 17.63 -35.67
C HIS D 206 -4.52 17.99 -37.14
N ASP D 207 -4.74 17.03 -38.03
CA ASP D 207 -4.44 17.23 -39.45
C ASP D 207 -5.51 18.12 -40.08
N ILE D 208 -5.09 19.20 -40.74
CA ILE D 208 -6.03 20.14 -41.34
C ILE D 208 -6.71 19.52 -42.55
N ASN D 209 -5.91 19.01 -43.49
CA ASN D 209 -6.49 18.49 -44.74
C ASN D 209 -7.31 17.23 -44.48
N MET D 210 -6.81 16.34 -43.63
CA MET D 210 -7.53 15.10 -43.35
C MET D 210 -8.85 15.38 -42.65
N ALA D 211 -8.88 16.38 -41.77
CA ALA D 211 -10.14 16.76 -41.13
C ALA D 211 -11.07 17.41 -42.12
N ALA D 212 -10.57 18.32 -42.94
CA ALA D 212 -11.42 19.06 -43.87
C ALA D 212 -12.01 18.15 -44.94
N ARG D 213 -11.31 17.07 -45.30
CA ARG D 213 -11.85 16.16 -46.30
C ARG D 213 -13.09 15.41 -45.81
N TYR D 214 -13.30 15.35 -44.50
CA TYR D 214 -14.46 14.69 -43.91
C TYR D 214 -15.12 15.59 -42.88
N CYS D 215 -15.33 16.85 -43.24
CA CYS D 215 -15.95 17.82 -42.34
C CYS D 215 -16.90 18.70 -43.15
N ASP D 216 -17.40 19.75 -42.52
CA ASP D 216 -18.32 20.67 -43.17
C ASP D 216 -18.34 22.01 -42.45
N TYR D 217 -18.11 22.00 -41.13
CA TYR D 217 -18.16 23.20 -40.30
C TYR D 217 -17.00 23.13 -39.30
N LEU D 218 -15.79 23.43 -39.77
CA LEU D 218 -14.62 23.42 -38.91
C LEU D 218 -14.58 24.65 -38.03
N VAL D 219 -14.10 24.47 -36.80
CA VAL D 219 -13.93 25.55 -35.84
C VAL D 219 -12.48 25.54 -35.40
N ALA D 220 -11.78 26.65 -35.61
CA ALA D 220 -10.35 26.76 -35.32
C ALA D 220 -10.15 27.54 -34.04
N LEU D 221 -9.30 27.01 -33.17
CA LEU D 221 -8.97 27.65 -31.89
C LEU D 221 -7.47 27.93 -31.84
N ARG D 222 -7.12 29.14 -31.44
CA ARG D 222 -5.73 29.54 -31.30
C ARG D 222 -5.59 30.47 -30.10
N GLY D 223 -4.51 30.31 -29.35
CA GLY D 223 -4.27 31.11 -28.18
C GLY D 223 -5.25 30.83 -27.05
N GLY D 224 -6.40 31.48 -27.08
CA GLY D 224 -7.41 31.28 -26.06
C GLY D 224 -8.82 31.34 -26.58
N GLU D 225 -9.03 32.04 -27.68
CA GLU D 225 -10.34 32.19 -28.30
C GLU D 225 -10.39 31.43 -29.62
N MET D 226 -11.52 31.53 -30.30
CA MET D 226 -11.70 30.90 -31.59
C MET D 226 -11.35 31.87 -32.71
N ILE D 227 -10.89 31.31 -33.83
CA ILE D 227 -10.43 32.11 -34.95
C ILE D 227 -11.50 32.19 -36.03
N ALA D 228 -11.88 31.03 -36.58
CA ALA D 228 -12.83 30.96 -37.67
C ALA D 228 -13.91 29.94 -37.36
N GLN D 229 -14.91 29.88 -38.23
CA GLN D 229 -16.05 28.97 -38.06
C GLN D 229 -16.72 28.69 -39.39
N GLY D 230 -15.95 28.75 -40.48
CA GLY D 230 -16.48 28.68 -41.83
C GLY D 230 -16.36 27.26 -42.39
N THR D 231 -16.86 27.09 -43.61
CA THR D 231 -16.76 25.83 -44.31
C THR D 231 -15.31 25.56 -44.72
N PRO D 232 -14.98 24.31 -45.07
CA PRO D 232 -13.59 24.02 -45.48
C PRO D 232 -13.13 24.83 -46.68
N ALA D 233 -14.04 25.20 -47.59
CA ALA D 233 -13.65 25.99 -48.75
C ALA D 233 -13.07 27.34 -48.35
N GLU D 234 -13.67 27.99 -47.34
CA GLU D 234 -13.13 29.25 -46.84
C GLU D 234 -12.05 29.04 -45.79
N ILE D 235 -11.97 27.85 -45.20
CA ILE D 235 -10.93 27.58 -44.21
C ILE D 235 -9.59 27.32 -44.89
N MET D 236 -9.62 26.79 -46.12
CA MET D 236 -8.40 26.44 -46.85
C MET D 236 -7.55 27.67 -47.20
N ARG D 237 -8.05 28.86 -46.91
CA ARG D 237 -7.28 30.07 -47.16
C ARG D 237 -5.98 30.07 -46.36
N GLY D 238 -4.93 30.61 -46.96
CA GLY D 238 -3.62 30.58 -46.32
C GLY D 238 -3.53 31.43 -45.08
N GLU D 239 -4.28 32.54 -45.04
CA GLU D 239 -4.24 33.41 -43.86
C GLU D 239 -4.76 32.70 -42.62
N THR D 240 -5.85 31.94 -42.77
CA THR D 240 -6.38 31.21 -41.62
C THR D 240 -5.41 30.17 -41.11
N LEU D 241 -4.78 29.41 -42.02
CA LEU D 241 -3.80 28.41 -41.61
C LEU D 241 -2.60 29.08 -40.94
N GLU D 242 -2.15 30.22 -41.47
CA GLU D 242 -1.05 30.95 -40.85
C GLU D 242 -1.43 31.41 -39.45
N MET D 243 -2.66 31.88 -39.26
CA MET D 243 -3.07 32.39 -37.97
C MET D 243 -3.27 31.27 -36.95
N ILE D 244 -3.69 30.08 -37.40
CA ILE D 244 -4.00 29.00 -36.46
C ILE D 244 -2.83 28.06 -36.22
N TYR D 245 -1.82 28.03 -37.08
CA TYR D 245 -0.71 27.11 -36.93
C TYR D 245 0.65 27.78 -36.86
N GLY D 246 0.73 29.10 -37.05
CA GLY D 246 2.02 29.79 -36.97
C GLY D 246 2.93 29.64 -38.16
N ILE D 247 3.15 28.42 -38.62
CA ILE D 247 4.01 28.21 -39.80
C ILE D 247 3.27 28.67 -41.05
N PRO D 248 3.95 29.24 -42.04
CA PRO D 248 3.24 29.68 -43.25
C PRO D 248 3.10 28.57 -44.26
N MET D 249 1.86 28.11 -44.49
CA MET D 249 1.57 27.04 -45.43
C MET D 249 0.84 27.59 -46.64
N GLY D 250 0.80 26.77 -47.69
CA GLY D 250 0.12 27.14 -48.91
C GLY D 250 -1.00 26.18 -49.26
N ILE D 251 -1.88 26.59 -50.17
CA ILE D 251 -3.07 25.84 -50.54
C ILE D 251 -3.12 25.72 -52.06
N LEU D 252 -3.48 24.55 -52.56
CA LEU D 252 -3.64 24.36 -54.00
C LEU D 252 -4.77 23.37 -54.24
N PRO D 253 -5.50 23.51 -55.35
CA PRO D 253 -6.63 22.62 -55.61
C PRO D 253 -6.19 21.16 -55.75
N HIS D 254 -7.01 20.26 -55.22
CA HIS D 254 -6.72 18.84 -55.30
C HIS D 254 -7.09 18.29 -56.67
N PRO D 255 -6.30 17.35 -57.20
CA PRO D 255 -6.65 16.77 -58.52
C PRO D 255 -7.95 16.00 -58.50
N ALA D 256 -8.20 15.22 -57.46
CA ALA D 256 -9.43 14.44 -57.35
C ALA D 256 -10.14 14.56 -56.02
N GLY D 257 -9.48 15.03 -54.96
CA GLY D 257 -10.14 15.14 -53.67
C GLY D 257 -11.09 16.33 -53.64
N ALA D 258 -12.12 16.20 -52.79
CA ALA D 258 -13.10 17.28 -52.66
C ALA D 258 -12.48 18.51 -52.01
N ALA D 259 -11.69 18.31 -50.96
CA ALA D 259 -11.02 19.44 -50.32
C ALA D 259 -9.64 19.65 -50.93
N PRO D 260 -9.26 20.90 -51.16
CA PRO D 260 -7.93 21.17 -51.75
C PRO D 260 -6.82 20.80 -50.78
N VAL D 261 -5.64 20.56 -51.34
CA VAL D 261 -4.49 20.09 -50.58
C VAL D 261 -3.71 21.28 -50.06
N SER D 262 -3.39 21.25 -48.77
CA SER D 262 -2.55 22.24 -48.13
C SER D 262 -1.18 21.63 -47.82
N PHE D 263 -0.13 22.41 -48.06
CA PHE D 263 1.24 21.93 -47.89
C PHE D 263 2.06 22.93 -47.10
N VAL D 264 2.89 22.42 -46.20
CA VAL D 264 3.73 23.26 -45.36
C VAL D 264 4.96 23.70 -46.16
N TYR D 265 5.46 24.89 -45.85
CA TYR D 265 6.66 25.42 -46.50
C TYR D 265 7.90 25.09 -45.69
#